data_6N1K
#
_entry.id   6N1K
#
_cell.length_a   72.437
_cell.length_b   202.640
_cell.length_c   72.574
_cell.angle_alpha   90.00
_cell.angle_beta   90.30
_cell.angle_gamma   90.00
#
_symmetry.space_group_name_H-M   'P 1 21 1'
#
loop_
_entity.id
_entity.type
_entity.pdbx_description
1 polymer Phenylalanine-4-hydroxylase
2 non-polymer 'CHLORIDE ION'
3 non-polymer 'FE (III) ION'
4 water water
#
_entity_poly.entity_id   1
_entity_poly.type   'polypeptide(L)'
_entity_poly.pdbx_seq_one_letter_code
;STAVLENPGLGRKLSDFGQETSYIEDNSNQNGAISLIFSLKEEVGALAKVLRLFEENDVNLTHIESRPSRLKKDEYEFFT
HLDKRSLPALTNIIKILRHDIGATVHELSRDKKKDTVPWFPRTIQELDRFANQILSYGAELDADHPGFKDPVYRARRKQF
ADIAYNYRHGQPIPRVEYMEEEKKTWGTVFKTLKSLYKTHACYEYNHIFPLLEKYCGFHEDNIPQLEDVSQFLQTCTGFR
LRPVAGLLSSRDFLGGLAFRVFHCTQYIRHGSKPMYTPEPDICHELLGHVPLFSDRSFAQFSQEIGLASLGAPDEYIEKL
ATIYWFTVEFGLCKQGDSIKAYGAGLLSSFGELQYCLSEKPKLLPLELEKTAIQNYTVTEFQPLYYVAESFNDAKEKVRN
FAATIPRPFSVRYDPYTQRIEVLDNTQQLKILADSINSEIGILCSALQKIK
;
_entity_poly.pdbx_strand_id   A,B,C,D
#
loop_
_chem_comp.id
_chem_comp.type
_chem_comp.name
_chem_comp.formula
CL non-polymer 'CHLORIDE ION' 'Cl -1'
FE non-polymer 'FE (III) ION' 'Fe 3'
#
# COMPACT_ATOMS: atom_id res chain seq x y z
N GLU A 20 -0.88 -41.75 -12.84
CA GLU A 20 -1.13 -41.60 -11.41
C GLU A 20 -1.18 -40.14 -11.00
N THR A 21 -1.92 -39.86 -9.93
CA THR A 21 -2.06 -38.50 -9.45
C THR A 21 -2.57 -38.53 -8.01
N SER A 22 -2.45 -37.39 -7.34
CA SER A 22 -2.91 -37.22 -5.96
C SER A 22 -4.29 -36.59 -5.89
N TYR A 23 -4.90 -36.29 -7.03
CA TYR A 23 -6.21 -35.66 -7.06
C TYR A 23 -7.30 -36.68 -6.75
N ILE A 24 -8.08 -36.40 -5.72
CA ILE A 24 -9.21 -37.25 -5.32
C ILE A 24 -10.48 -36.44 -5.55
N GLU A 25 -11.33 -36.91 -6.46
CA GLU A 25 -12.54 -36.18 -6.79
C GLU A 25 -13.49 -36.13 -5.61
N ASP A 26 -14.32 -35.09 -5.57
CA ASP A 26 -15.28 -34.93 -4.51
C ASP A 26 -16.52 -35.78 -4.78
N ASN A 27 -17.03 -36.41 -3.73
CA ASN A 27 -18.21 -37.29 -3.85
C ASN A 27 -19.35 -36.78 -2.98
N GLN A 30 -25.69 -39.24 0.12
CA GLN A 30 -27.11 -39.20 0.44
C GLN A 30 -27.57 -37.77 0.68
N ASN A 31 -27.09 -37.16 1.75
CA ASN A 31 -27.46 -35.81 2.14
C ASN A 31 -26.36 -34.86 1.67
N GLY A 32 -26.47 -34.43 0.41
CA GLY A 32 -25.53 -33.45 -0.12
C GLY A 32 -25.78 -32.09 0.48
N ALA A 33 -24.71 -31.44 0.93
CA ALA A 33 -24.84 -30.14 1.58
C ALA A 33 -25.26 -29.08 0.58
N ILE A 34 -26.32 -28.35 0.92
CA ILE A 34 -26.83 -27.27 0.09
C ILE A 34 -26.83 -26.00 0.92
N SER A 35 -26.05 -25.01 0.50
CA SER A 35 -25.91 -23.76 1.24
C SER A 35 -26.11 -22.57 0.32
N LEU A 36 -26.64 -21.49 0.88
CA LEU A 36 -26.89 -20.24 0.16
C LEU A 36 -26.07 -19.12 0.78
N ILE A 37 -25.78 -18.10 -0.03
CA ILE A 37 -25.04 -16.93 0.43
C ILE A 37 -25.68 -15.70 -0.18
N PHE A 38 -26.03 -14.73 0.66
CA PHE A 38 -26.63 -13.49 0.18
C PHE A 38 -26.66 -12.48 1.33
N SER A 39 -26.62 -11.20 0.98
CA SER A 39 -26.74 -10.11 1.92
C SER A 39 -27.84 -9.18 1.46
N LEU A 40 -28.43 -8.45 2.40
CA LEU A 40 -29.56 -7.58 2.12
C LEU A 40 -29.49 -6.34 2.99
N LYS A 41 -30.14 -5.28 2.50
CA LYS A 41 -30.18 -4.02 3.21
C LYS A 41 -31.42 -3.95 4.10
N GLU A 42 -31.33 -3.17 5.15
CA GLU A 42 -32.43 -2.96 6.09
C GLU A 42 -33.21 -1.71 5.73
N GLU A 43 -33.66 -1.60 4.48
CA GLU A 43 -34.30 -0.36 4.04
C GLU A 43 -35.67 -0.17 4.71
N VAL A 44 -36.60 -1.10 4.50
CA VAL A 44 -37.86 -1.04 5.22
C VAL A 44 -37.81 -2.03 6.37
N GLY A 45 -37.93 -3.31 6.05
CA GLY A 45 -37.74 -4.38 7.01
C GLY A 45 -37.22 -5.62 6.30
N ALA A 46 -35.96 -6.00 6.55
CA ALA A 46 -35.38 -7.12 5.83
C ALA A 46 -35.40 -8.42 6.62
N LEU A 47 -34.95 -8.36 7.88
CA LEU A 47 -34.88 -9.57 8.70
C LEU A 47 -36.23 -10.28 8.80
N ALA A 48 -37.27 -9.51 9.14
CA ALA A 48 -38.59 -10.13 9.31
C ALA A 48 -39.13 -10.66 7.99
N LYS A 49 -38.96 -9.90 6.90
CA LYS A 49 -39.50 -10.33 5.62
C LYS A 49 -38.83 -11.60 5.13
N VAL A 50 -37.54 -11.77 5.43
CA VAL A 50 -36.81 -12.94 4.98
C VAL A 50 -37.06 -14.12 5.91
N LEU A 51 -36.98 -13.89 7.23
CA LEU A 51 -37.18 -14.98 8.18
C LEU A 51 -38.54 -15.64 7.99
N ARG A 52 -39.55 -14.85 7.63
CA ARG A 52 -40.87 -15.44 7.38
C ARG A 52 -40.87 -16.23 6.08
N LEU A 53 -40.06 -15.84 5.10
CA LEU A 53 -39.99 -16.59 3.85
C LEU A 53 -39.47 -18.00 4.10
N PHE A 54 -38.54 -18.16 5.03
CA PHE A 54 -38.01 -19.48 5.34
C PHE A 54 -38.93 -20.25 6.29
N GLU A 55 -39.54 -19.55 7.26
CA GLU A 55 -40.46 -20.21 8.18
C GLU A 55 -41.67 -20.76 7.46
N GLU A 56 -42.12 -20.08 6.40
CA GLU A 56 -43.27 -20.55 5.63
C GLU A 56 -42.95 -21.84 4.88
N ASN A 57 -41.68 -22.10 4.58
CA ASN A 57 -41.27 -23.34 3.91
C ASN A 57 -40.67 -24.34 4.90
N ASP A 58 -41.25 -24.43 6.08
CA ASP A 58 -40.83 -25.39 7.11
C ASP A 58 -39.31 -25.44 7.23
N VAL A 59 -38.73 -24.30 7.56
CA VAL A 59 -37.29 -24.18 7.81
C VAL A 59 -37.12 -23.53 9.18
N ASN A 60 -36.67 -24.31 10.16
CA ASN A 60 -36.51 -23.80 11.51
C ASN A 60 -35.38 -22.78 11.56
N LEU A 61 -35.52 -21.80 12.46
CA LEU A 61 -34.50 -20.76 12.60
C LEU A 61 -33.16 -21.36 13.01
N THR A 62 -33.17 -22.51 13.68
CA THR A 62 -31.93 -23.17 14.06
C THR A 62 -31.06 -23.49 12.85
N HIS A 63 -31.65 -23.59 11.66
CA HIS A 63 -30.89 -23.85 10.44
C HIS A 63 -30.66 -22.58 9.63
N ILE A 64 -30.61 -21.42 10.29
CA ILE A 64 -30.37 -20.14 9.64
C ILE A 64 -29.79 -19.18 10.66
N GLU A 65 -28.69 -18.51 10.29
CA GLU A 65 -28.08 -17.47 11.10
C GLU A 65 -28.09 -16.17 10.32
N SER A 66 -28.35 -15.07 11.03
CA SER A 66 -28.32 -13.73 10.45
C SER A 66 -27.38 -12.89 11.29
N ARG A 67 -26.26 -12.49 10.71
CA ARG A 67 -25.22 -11.73 11.38
C ARG A 67 -24.95 -10.46 10.60
N PRO A 68 -24.45 -9.42 11.26
CA PRO A 68 -24.16 -8.17 10.54
C PRO A 68 -23.03 -8.35 9.55
N SER A 69 -23.16 -7.70 8.40
CA SER A 69 -22.14 -7.78 7.35
C SER A 69 -20.99 -6.85 7.69
N ARG A 70 -19.76 -7.35 7.54
CA ARG A 70 -18.59 -6.54 7.81
C ARG A 70 -18.34 -5.61 6.63
N LEU A 71 -17.74 -4.46 6.92
CA LEU A 71 -17.52 -3.42 5.91
C LEU A 71 -18.83 -2.78 5.46
N LYS A 72 -19.97 -3.28 5.92
CA LYS A 72 -21.27 -2.73 5.55
C LYS A 72 -22.13 -2.63 6.80
N LYS A 73 -22.35 -1.42 7.28
CA LYS A 73 -23.13 -1.20 8.50
C LYS A 73 -24.64 -1.28 8.25
N ASP A 74 -25.08 -1.30 7.01
CA ASP A 74 -26.50 -1.34 6.67
C ASP A 74 -26.91 -2.63 5.99
N GLU A 75 -26.11 -3.69 6.15
CA GLU A 75 -26.40 -4.98 5.53
C GLU A 75 -26.30 -6.09 6.58
N TYR A 76 -27.06 -7.15 6.34
CA TYR A 76 -26.99 -8.37 7.15
C TYR A 76 -26.44 -9.51 6.31
N GLU A 77 -25.60 -10.32 6.92
CA GLU A 77 -25.06 -11.53 6.29
C GLU A 77 -25.80 -12.76 6.82
N PHE A 78 -26.16 -13.65 5.91
CA PHE A 78 -26.96 -14.82 6.23
C PHE A 78 -26.17 -16.11 5.99
N PHE A 79 -26.30 -17.04 6.94
CA PHE A 79 -25.68 -18.35 6.85
C PHE A 79 -26.77 -19.41 7.01
N THR A 80 -26.78 -20.37 6.11
CA THR A 80 -27.75 -21.46 6.13
C THR A 80 -27.01 -22.79 6.17
N HIS A 81 -27.52 -23.71 6.98
CA HIS A 81 -26.92 -25.03 7.16
C HIS A 81 -28.03 -26.03 6.87
N LEU A 82 -28.16 -26.39 5.60
CA LEU A 82 -29.20 -27.30 5.13
C LEU A 82 -28.55 -28.49 4.42
N ASP A 83 -29.39 -29.44 4.03
CA ASP A 83 -28.96 -30.63 3.31
C ASP A 83 -29.67 -30.69 1.96
N LYS A 84 -29.31 -31.71 1.17
CA LYS A 84 -30.02 -31.94 -0.09
C LYS A 84 -31.51 -32.13 0.15
N ARG A 85 -31.89 -32.65 1.32
CA ARG A 85 -33.29 -32.84 1.65
C ARG A 85 -34.03 -31.51 1.66
N SER A 86 -35.31 -31.57 1.30
CA SER A 86 -36.20 -30.42 1.25
C SER A 86 -35.62 -29.32 0.37
N LEU A 87 -35.17 -29.72 -0.82
CA LEU A 87 -34.71 -28.77 -1.83
C LEU A 87 -35.89 -28.16 -2.58
N PRO A 88 -36.95 -28.92 -2.95
CA PRO A 88 -38.00 -28.30 -3.76
C PRO A 88 -38.71 -27.16 -3.04
N ALA A 89 -38.70 -27.17 -1.71
CA ALA A 89 -39.21 -26.04 -0.95
C ALA A 89 -38.16 -24.95 -0.79
N LEU A 90 -36.97 -25.15 -1.36
CA LEU A 90 -35.86 -24.21 -1.28
C LEU A 90 -35.52 -23.59 -2.63
N THR A 91 -35.66 -24.34 -3.73
CA THR A 91 -35.38 -23.79 -5.05
C THR A 91 -36.35 -22.66 -5.40
N ASN A 92 -37.46 -22.55 -4.67
CA ASN A 92 -38.38 -21.45 -4.87
C ASN A 92 -37.99 -20.22 -4.07
N ILE A 93 -37.35 -20.43 -2.91
CA ILE A 93 -36.93 -19.29 -2.08
C ILE A 93 -35.88 -18.47 -2.81
N ILE A 94 -34.93 -19.14 -3.47
CA ILE A 94 -33.85 -18.42 -4.13
C ILE A 94 -34.41 -17.48 -5.18
N LYS A 95 -35.50 -17.87 -5.85
CA LYS A 95 -36.10 -17.01 -6.86
C LYS A 95 -36.72 -15.78 -6.22
N ILE A 96 -37.41 -15.96 -5.09
CA ILE A 96 -38.04 -14.83 -4.41
C ILE A 96 -36.98 -13.89 -3.87
N LEU A 97 -35.79 -14.40 -3.54
CA LEU A 97 -34.75 -13.54 -3.01
C LEU A 97 -34.08 -12.75 -4.12
N ARG A 98 -33.95 -13.33 -5.31
CA ARG A 98 -33.24 -12.68 -6.40
C ARG A 98 -34.15 -11.75 -7.20
N HIS A 99 -35.30 -12.26 -7.66
CA HIS A 99 -36.18 -11.44 -8.51
C HIS A 99 -37.09 -10.52 -7.70
N ASP A 100 -37.74 -11.05 -6.68
CA ASP A 100 -38.70 -10.26 -5.89
C ASP A 100 -38.02 -9.28 -4.94
N ILE A 101 -36.71 -9.34 -4.78
CA ILE A 101 -36.00 -8.45 -3.87
C ILE A 101 -34.85 -7.71 -4.53
N GLY A 102 -34.28 -8.21 -5.62
CA GLY A 102 -33.21 -7.50 -6.30
C GLY A 102 -31.87 -7.63 -5.63
N ALA A 103 -31.53 -8.83 -5.17
CA ALA A 103 -30.25 -9.08 -4.50
C ALA A 103 -29.57 -10.27 -5.16
N THR A 104 -28.25 -10.32 -4.99
CA THR A 104 -27.44 -11.39 -5.56
C THR A 104 -27.36 -12.56 -4.60
N VAL A 105 -27.48 -13.78 -5.15
CA VAL A 105 -27.48 -14.99 -4.36
C VAL A 105 -26.58 -16.02 -5.05
N HIS A 106 -25.82 -16.76 -4.26
CA HIS A 106 -24.99 -17.86 -4.76
C HIS A 106 -25.43 -19.15 -4.11
N GLU A 107 -25.80 -20.13 -4.93
CA GLU A 107 -26.27 -21.43 -4.47
C GLU A 107 -25.10 -22.41 -4.44
N LEU A 108 -24.87 -23.02 -3.28
CA LEU A 108 -23.85 -24.03 -3.10
C LEU A 108 -24.53 -25.38 -3.00
N SER A 109 -24.09 -26.34 -3.82
CA SER A 109 -24.77 -27.64 -3.84
C SER A 109 -23.82 -28.82 -3.70
N ARG A 110 -22.58 -28.69 -4.20
CA ARG A 110 -21.58 -29.73 -4.06
C ARG A 110 -21.84 -30.92 -4.99
N ASP A 111 -23.02 -30.96 -5.62
CA ASP A 111 -23.35 -32.07 -6.51
C ASP A 111 -23.58 -31.57 -7.93
N LYS A 112 -22.66 -30.71 -8.40
CA LYS A 112 -22.63 -30.23 -9.78
C LYS A 112 -24.00 -29.82 -10.28
N LYS A 113 -24.87 -29.37 -9.38
CA LYS A 113 -26.11 -28.71 -9.80
C LYS A 113 -25.80 -27.69 -10.89
N LYS A 114 -26.70 -27.57 -11.86
CA LYS A 114 -26.48 -26.63 -12.95
C LYS A 114 -26.51 -25.20 -12.42
N ASP A 115 -25.52 -24.40 -12.81
CA ASP A 115 -25.45 -22.99 -12.42
C ASP A 115 -25.25 -22.84 -10.92
N THR A 116 -24.46 -23.73 -10.32
CA THR A 116 -24.20 -23.70 -8.89
C THR A 116 -22.70 -23.65 -8.63
N VAL A 117 -22.34 -23.11 -7.47
CA VAL A 117 -20.95 -23.01 -7.05
C VAL A 117 -20.58 -24.23 -6.23
N PRO A 118 -19.37 -24.77 -6.35
CA PRO A 118 -18.97 -25.88 -5.48
C PRO A 118 -19.04 -25.49 -4.01
N TRP A 119 -19.69 -26.33 -3.21
CA TRP A 119 -19.85 -26.03 -1.80
C TRP A 119 -18.50 -25.92 -1.11
N PHE A 120 -18.42 -25.02 -0.13
CA PHE A 120 -17.23 -24.86 0.69
C PHE A 120 -17.67 -24.45 2.09
N PRO A 121 -16.86 -24.73 3.11
CA PRO A 121 -17.26 -24.38 4.48
C PRO A 121 -17.21 -22.88 4.72
N ARG A 122 -18.28 -22.35 5.29
CA ARG A 122 -18.35 -20.93 5.64
C ARG A 122 -17.77 -20.62 7.00
N THR A 123 -17.74 -21.59 7.90
CA THR A 123 -17.20 -21.41 9.24
C THR A 123 -16.31 -22.59 9.58
N ILE A 124 -15.34 -22.35 10.47
CA ILE A 124 -14.43 -23.42 10.89
C ILE A 124 -15.20 -24.60 11.46
N GLN A 125 -16.32 -24.32 12.14
CA GLN A 125 -17.13 -25.40 12.72
C GLN A 125 -17.70 -26.31 11.64
N GLU A 126 -17.95 -25.77 10.43
CA GLU A 126 -18.55 -26.57 9.36
C GLU A 126 -17.61 -27.64 8.84
N LEU A 127 -16.34 -27.63 9.26
CA LEU A 127 -15.42 -28.71 8.87
C LEU A 127 -15.87 -30.06 9.41
N ASP A 128 -16.76 -30.08 10.41
CA ASP A 128 -17.24 -31.33 10.96
C ASP A 128 -18.16 -32.08 10.00
N ARG A 129 -18.75 -31.38 9.03
CA ARG A 129 -19.73 -32.01 8.15
C ARG A 129 -19.13 -33.18 7.38
N PHE A 130 -18.14 -32.89 6.52
CA PHE A 130 -17.58 -33.88 5.61
C PHE A 130 -16.20 -34.37 6.07
N ALA A 131 -15.94 -34.33 7.37
CA ALA A 131 -14.69 -34.85 7.89
C ALA A 131 -14.63 -36.37 7.85
N ASN A 132 -15.76 -37.04 7.61
CA ASN A 132 -15.80 -38.50 7.54
C ASN A 132 -16.17 -39.00 6.15
N GLN A 133 -15.91 -38.22 5.11
CA GLN A 133 -16.28 -38.59 3.74
C GLN A 133 -15.14 -39.30 3.01
N ILE A 134 -14.56 -40.29 3.69
CA ILE A 134 -13.48 -41.08 3.12
C ILE A 134 -14.08 -42.22 2.28
N LEU A 135 -13.26 -42.76 1.39
CA LEU A 135 -13.63 -43.97 0.65
C LEU A 135 -14.07 -45.06 1.63
N LEU A 141 -6.96 -52.08 4.10
CA LEU A 141 -7.80 -53.10 3.50
C LEU A 141 -7.22 -53.59 2.18
N ASP A 142 -6.01 -53.14 1.86
CA ASP A 142 -5.34 -53.54 0.63
C ASP A 142 -4.41 -54.72 0.90
N ALA A 143 -4.57 -55.79 0.11
CA ALA A 143 -3.78 -57.00 0.33
C ALA A 143 -2.29 -56.72 0.17
N ASP A 144 -1.92 -55.84 -0.76
CA ASP A 144 -0.53 -55.53 -1.02
C ASP A 144 0.05 -54.52 -0.05
N HIS A 145 -0.77 -54.04 0.89
CA HIS A 145 -0.31 -53.09 1.90
C HIS A 145 0.82 -53.71 2.72
N PRO A 146 1.78 -52.89 3.18
CA PRO A 146 2.87 -53.46 4.00
C PRO A 146 2.33 -54.35 5.11
N GLY A 147 1.39 -53.83 5.89
CA GLY A 147 0.67 -54.69 6.81
C GLY A 147 -0.41 -55.40 6.02
N PHE A 148 -0.68 -56.64 6.40
CA PHE A 148 -1.64 -57.47 5.70
C PHE A 148 -2.93 -57.52 6.53
N LYS A 149 -3.90 -58.29 6.06
CA LYS A 149 -5.14 -58.44 6.81
C LYS A 149 -4.86 -59.44 7.92
N ASP A 150 -4.58 -58.89 9.11
CA ASP A 150 -4.19 -59.60 10.29
C ASP A 150 -5.01 -58.92 11.38
N PRO A 151 -5.76 -59.68 12.19
CA PRO A 151 -6.67 -59.04 13.15
C PRO A 151 -5.99 -58.07 14.10
N VAL A 152 -4.70 -58.25 14.38
CA VAL A 152 -4.03 -57.36 15.33
C VAL A 152 -3.89 -55.96 14.76
N TYR A 153 -3.19 -55.82 13.64
CA TYR A 153 -2.94 -54.50 13.07
C TYR A 153 -4.22 -53.86 12.56
N ARG A 154 -5.01 -54.58 11.77
CA ARG A 154 -6.23 -54.01 11.22
C ARG A 154 -7.15 -53.49 12.31
N ALA A 155 -7.20 -54.16 13.46
CA ALA A 155 -8.03 -53.67 14.54
C ALA A 155 -7.46 -52.39 15.14
N ARG A 156 -6.14 -52.33 15.29
CA ARG A 156 -5.51 -51.10 15.77
C ARG A 156 -5.81 -49.93 14.83
N ARG A 157 -5.95 -50.20 13.53
CA ARG A 157 -6.27 -49.14 12.58
C ARG A 157 -7.71 -48.68 12.73
N LYS A 158 -8.64 -49.62 12.93
CA LYS A 158 -10.03 -49.25 13.14
C LYS A 158 -10.19 -48.44 14.42
N GLN A 159 -9.33 -48.67 15.41
CA GLN A 159 -9.39 -47.91 16.65
C GLN A 159 -9.11 -46.44 16.40
N PHE A 160 -8.09 -46.14 15.58
CA PHE A 160 -7.82 -44.75 15.23
C PHE A 160 -8.91 -44.15 14.36
N ALA A 161 -9.54 -44.97 13.50
CA ALA A 161 -10.59 -44.47 12.64
C ALA A 161 -11.80 -44.02 13.44
N ASP A 162 -12.12 -44.72 14.53
CA ASP A 162 -13.26 -44.33 15.35
C ASP A 162 -13.03 -42.97 16.01
N ILE A 163 -11.77 -42.67 16.37
CA ILE A 163 -11.46 -41.37 16.96
C ILE A 163 -11.75 -40.26 15.97
N ALA A 164 -11.38 -40.45 14.70
CA ALA A 164 -11.56 -39.42 13.70
C ALA A 164 -13.03 -39.22 13.37
N TYR A 165 -13.76 -40.32 13.16
CA TYR A 165 -15.18 -40.20 12.82
C TYR A 165 -15.96 -39.48 13.90
N ASN A 166 -15.57 -39.65 15.16
CA ASN A 166 -16.26 -39.07 16.30
C ASN A 166 -15.71 -37.72 16.73
N TYR A 167 -14.64 -37.23 16.11
CA TYR A 167 -14.03 -35.98 16.52
C TYR A 167 -14.83 -34.79 16.01
N ARG A 168 -14.94 -33.77 16.86
CA ARG A 168 -15.60 -32.51 16.51
C ARG A 168 -14.63 -31.39 16.80
N HIS A 169 -14.89 -30.23 16.18
CA HIS A 169 -13.92 -29.12 16.23
C HIS A 169 -13.61 -28.70 17.65
N GLY A 170 -14.63 -28.56 18.50
CA GLY A 170 -14.39 -28.09 19.85
C GLY A 170 -13.67 -29.08 20.74
N GLN A 171 -13.84 -30.38 20.46
CA GLN A 171 -13.28 -31.40 21.33
C GLN A 171 -11.75 -31.41 21.29
N PRO A 172 -11.10 -31.74 22.40
CA PRO A 172 -9.64 -31.99 22.36
C PRO A 172 -9.34 -33.34 21.72
N ILE A 173 -8.25 -33.39 20.97
CA ILE A 173 -7.84 -34.62 20.30
C ILE A 173 -7.59 -35.70 21.36
N PRO A 174 -8.28 -36.82 21.32
CA PRO A 174 -8.03 -37.87 22.32
C PRO A 174 -6.59 -38.37 22.24
N ARG A 175 -5.96 -38.48 23.40
CA ARG A 175 -4.61 -39.03 23.47
C ARG A 175 -4.66 -40.56 23.42
N VAL A 176 -3.58 -41.14 22.88
CA VAL A 176 -3.49 -42.59 22.69
C VAL A 176 -2.17 -43.07 23.26
N GLU A 177 -2.20 -44.23 23.91
CA GLU A 177 -0.98 -44.87 24.41
C GLU A 177 -0.44 -45.78 23.32
N TYR A 178 0.65 -45.36 22.69
CA TYR A 178 1.23 -46.13 21.61
C TYR A 178 2.00 -47.33 22.16
N MET A 179 1.86 -48.47 21.48
CA MET A 179 2.52 -49.69 21.90
C MET A 179 4.01 -49.62 21.60
N GLU A 180 4.78 -50.45 22.31
CA GLU A 180 6.23 -50.46 22.09
C GLU A 180 6.57 -50.85 20.67
N GLU A 181 5.79 -51.76 20.07
CA GLU A 181 6.04 -52.14 18.69
C GLU A 181 5.86 -50.94 17.76
N GLU A 182 5.02 -49.98 18.14
CA GLU A 182 4.81 -48.79 17.32
C GLU A 182 5.86 -47.72 17.58
N LYS A 183 6.30 -47.59 18.83
CA LYS A 183 7.39 -46.66 19.13
C LYS A 183 8.68 -47.09 18.44
N LYS A 184 8.89 -48.40 18.33
CA LYS A 184 10.10 -48.90 17.66
C LYS A 184 10.14 -48.46 16.21
N THR A 185 9.02 -48.60 15.51
CA THR A 185 8.93 -48.13 14.13
C THR A 185 9.22 -46.64 14.04
N TRP A 186 8.62 -45.85 14.93
CA TRP A 186 8.87 -44.42 14.96
C TRP A 186 10.36 -44.14 15.10
N GLY A 187 11.02 -44.84 16.01
CA GLY A 187 12.45 -44.62 16.21
C GLY A 187 13.26 -44.86 14.95
N THR A 188 12.94 -45.92 14.21
CA THR A 188 13.66 -46.21 12.97
C THR A 188 13.56 -45.06 11.99
N VAL A 189 12.36 -44.50 11.83
CA VAL A 189 12.17 -43.39 10.91
C VAL A 189 12.77 -42.11 11.49
N PHE A 190 12.61 -41.90 12.80
CA PHE A 190 13.08 -40.68 13.43
C PHE A 190 14.60 -40.58 13.38
N LYS A 191 15.29 -41.62 13.83
CA LYS A 191 16.75 -41.56 13.93
C LYS A 191 17.39 -41.41 12.56
N THR A 192 16.90 -42.15 11.57
CA THR A 192 17.52 -42.14 10.26
C THR A 192 17.32 -40.81 9.54
N LEU A 193 16.25 -40.08 9.86
CA LEU A 193 15.97 -38.81 9.20
C LEU A 193 16.59 -37.62 9.91
N LYS A 194 16.68 -37.66 11.26
CA LYS A 194 17.24 -36.54 11.99
C LYS A 194 18.65 -36.20 11.53
N SER A 195 19.40 -37.19 11.05
CA SER A 195 20.77 -36.96 10.64
C SER A 195 20.86 -36.15 9.34
N LEU A 196 19.77 -36.05 8.59
CA LEU A 196 19.78 -35.36 7.30
C LEU A 196 19.23 -33.95 7.36
N TYR A 197 18.50 -33.61 8.42
CA TYR A 197 17.80 -32.32 8.45
C TYR A 197 18.78 -31.15 8.51
N LYS A 198 19.84 -31.27 9.32
CA LYS A 198 20.75 -30.15 9.49
C LYS A 198 21.35 -29.70 8.17
N THR A 199 21.50 -30.61 7.21
CA THR A 199 22.16 -30.32 5.95
C THR A 199 21.23 -30.31 4.75
N HIS A 200 20.12 -31.05 4.78
CA HIS A 200 19.21 -31.12 3.65
C HIS A 200 17.95 -30.28 3.84
N ALA A 201 17.52 -30.05 5.08
CA ALA A 201 16.30 -29.29 5.31
C ALA A 201 16.60 -27.79 5.31
N CYS A 202 15.58 -27.02 4.92
CA CYS A 202 15.72 -25.57 4.84
C CYS A 202 15.95 -24.99 6.24
N TYR A 203 16.34 -23.71 6.26
CA TYR A 203 16.63 -23.06 7.52
C TYR A 203 15.42 -23.05 8.44
N GLU A 204 14.24 -22.81 7.89
CA GLU A 204 13.04 -22.73 8.72
C GLU A 204 12.80 -24.04 9.45
N TYR A 205 13.08 -25.18 8.80
CA TYR A 205 12.86 -26.46 9.44
C TYR A 205 13.75 -26.62 10.67
N ASN A 206 15.07 -26.54 10.47
CA ASN A 206 16.01 -26.67 11.58
C ASN A 206 15.84 -25.58 12.63
N HIS A 207 15.12 -24.50 12.32
CA HIS A 207 14.88 -23.45 13.30
C HIS A 207 13.81 -23.86 14.31
N ILE A 208 12.77 -24.57 13.86
CA ILE A 208 11.67 -24.96 14.73
C ILE A 208 11.94 -26.30 15.40
N PHE A 209 12.60 -27.22 14.69
CA PHE A 209 12.74 -28.58 15.21
C PHE A 209 13.26 -28.61 16.64
N PRO A 210 14.27 -27.83 17.03
CA PRO A 210 14.68 -27.82 18.45
C PRO A 210 13.54 -27.49 19.40
N LEU A 211 12.61 -26.63 18.98
CA LEU A 211 11.47 -26.30 19.82
C LEU A 211 10.55 -27.51 19.98
N LEU A 212 10.31 -28.24 18.90
CA LEU A 212 9.45 -29.41 18.97
C LEU A 212 10.05 -30.50 19.84
N GLU A 213 11.38 -30.51 19.99
CA GLU A 213 12.02 -31.53 20.82
C GLU A 213 11.77 -31.27 22.30
N LYS A 214 11.56 -30.01 22.69
CA LYS A 214 11.37 -29.65 24.08
C LYS A 214 9.91 -29.53 24.49
N TYR A 215 9.10 -28.84 23.69
CA TYR A 215 7.72 -28.56 24.05
C TYR A 215 6.71 -29.55 23.47
N CYS A 216 7.13 -30.44 22.57
CA CYS A 216 6.24 -31.45 22.03
C CYS A 216 6.72 -32.88 22.20
N GLY A 217 7.95 -33.08 22.68
CA GLY A 217 8.46 -34.42 22.89
C GLY A 217 8.80 -35.16 21.61
N PHE A 218 9.52 -34.49 20.72
CA PHE A 218 10.00 -35.09 19.47
C PHE A 218 11.31 -35.80 19.79
N HIS A 219 11.19 -37.06 20.21
CA HIS A 219 12.35 -37.86 20.61
C HIS A 219 12.30 -39.21 19.91
N GLU A 220 13.49 -39.82 19.79
CA GLU A 220 13.61 -41.10 19.08
C GLU A 220 12.71 -42.17 19.69
N ASP A 221 12.52 -42.14 21.01
CA ASP A 221 11.81 -43.20 21.73
C ASP A 221 10.49 -42.69 22.32
N ASN A 222 9.76 -41.89 21.55
CA ASN A 222 8.46 -41.41 21.99
C ASN A 222 7.71 -40.84 20.80
N ILE A 223 6.41 -41.11 20.77
CA ILE A 223 5.51 -40.57 19.75
C ILE A 223 4.67 -39.47 20.40
N PRO A 224 4.75 -38.23 19.94
CA PRO A 224 3.98 -37.16 20.57
C PRO A 224 2.50 -37.21 20.21
N GLN A 225 1.68 -36.70 21.12
CA GLN A 225 0.24 -36.67 20.91
C GLN A 225 -0.16 -35.45 20.07
N LEU A 226 -1.12 -35.67 19.17
CA LEU A 226 -1.55 -34.58 18.30
C LEU A 226 -2.12 -33.41 19.09
N GLU A 227 -2.68 -33.68 20.27
CA GLU A 227 -3.21 -32.59 21.10
C GLU A 227 -2.09 -31.66 21.53
N ASP A 228 -1.00 -32.22 22.05
CA ASP A 228 0.14 -31.39 22.45
C ASP A 228 0.71 -30.64 21.26
N VAL A 229 0.74 -31.28 20.09
CA VAL A 229 1.26 -30.65 18.89
C VAL A 229 0.30 -29.56 18.42
N SER A 230 -0.99 -29.88 18.34
CA SER A 230 -1.97 -28.90 17.88
C SER A 230 -1.89 -27.62 18.69
N GLN A 231 -1.82 -27.76 20.02
CA GLN A 231 -1.68 -26.58 20.88
C GLN A 231 -0.40 -25.81 20.57
N PHE A 232 0.64 -26.50 20.12
CA PHE A 232 1.90 -25.83 19.81
C PHE A 232 1.77 -24.97 18.56
N LEU A 233 1.17 -25.50 17.49
CA LEU A 233 0.99 -24.70 16.28
C LEU A 233 0.08 -23.50 16.54
N GLN A 234 -0.97 -23.69 17.35
CA GLN A 234 -1.86 -22.59 17.64
C GLN A 234 -1.11 -21.43 18.25
N THR A 235 -0.14 -21.71 19.12
CA THR A 235 0.66 -20.67 19.74
C THR A 235 1.74 -20.11 18.82
N CYS A 236 2.02 -20.78 17.69
CA CYS A 236 3.02 -20.33 16.74
C CYS A 236 2.41 -19.52 15.62
N THR A 237 1.47 -20.12 14.87
CA THR A 237 0.86 -19.47 13.72
C THR A 237 -0.65 -19.60 13.70
N GLY A 238 -1.25 -20.13 14.76
CA GLY A 238 -2.68 -20.37 14.79
C GLY A 238 -3.13 -21.65 14.12
N PHE A 239 -2.22 -22.39 13.49
CA PHE A 239 -2.58 -23.67 12.88
C PHE A 239 -3.00 -24.67 13.95
N ARG A 240 -3.96 -25.51 13.59
CA ARG A 240 -4.46 -26.55 14.48
C ARG A 240 -4.61 -27.85 13.70
N LEU A 241 -4.53 -28.96 14.42
CA LEU A 241 -4.62 -30.29 13.84
C LEU A 241 -6.02 -30.86 13.98
N ARG A 242 -6.36 -31.78 13.09
CA ARG A 242 -7.65 -32.45 13.13
C ARG A 242 -7.48 -33.93 12.79
N PRO A 243 -7.90 -34.85 13.66
CA PRO A 243 -7.79 -36.28 13.33
C PRO A 243 -8.58 -36.62 12.07
N VAL A 244 -8.05 -37.56 11.29
CA VAL A 244 -8.72 -38.06 10.10
C VAL A 244 -8.41 -39.55 9.99
N ALA A 245 -9.38 -40.32 9.52
CA ALA A 245 -9.21 -41.76 9.42
C ALA A 245 -8.39 -42.14 8.19
N GLY A 246 -8.58 -41.43 7.09
CA GLY A 246 -7.89 -41.75 5.84
C GLY A 246 -7.68 -40.52 4.99
N LEU A 247 -7.88 -40.67 3.68
CA LEU A 247 -7.66 -39.60 2.72
C LEU A 247 -8.98 -38.95 2.33
N LEU A 248 -9.05 -37.63 2.48
CA LEU A 248 -10.20 -36.86 2.05
C LEU A 248 -10.06 -36.47 0.58
N SER A 249 -11.13 -35.93 0.03
CA SER A 249 -11.05 -35.34 -1.30
C SER A 249 -10.11 -34.14 -1.27
N SER A 250 -9.43 -33.91 -2.40
CA SER A 250 -8.49 -32.80 -2.46
C SER A 250 -9.18 -31.48 -2.12
N ARG A 251 -10.41 -31.29 -2.61
CA ARG A 251 -11.16 -30.09 -2.27
C ARG A 251 -11.39 -30.00 -0.77
N ASP A 252 -11.86 -31.09 -0.16
CA ASP A 252 -12.11 -31.08 1.27
C ASP A 252 -10.83 -30.81 2.05
N PHE A 253 -9.77 -31.57 1.75
CA PHE A 253 -8.50 -31.39 2.46
C PHE A 253 -7.98 -29.98 2.30
N LEU A 254 -7.84 -29.51 1.05
CA LEU A 254 -7.33 -28.17 0.81
C LEU A 254 -8.25 -27.10 1.42
N GLY A 255 -9.56 -27.32 1.36
CA GLY A 255 -10.48 -26.36 1.94
C GLY A 255 -10.18 -26.07 3.39
N GLY A 256 -9.80 -27.09 4.15
CA GLY A 256 -9.46 -26.90 5.54
C GLY A 256 -8.26 -26.02 5.77
N LEU A 257 -7.40 -25.87 4.76
CA LEU A 257 -6.22 -25.02 4.90
C LEU A 257 -6.58 -23.55 4.94
N ALA A 258 -7.71 -23.17 4.34
CA ALA A 258 -8.16 -21.78 4.41
C ALA A 258 -8.33 -21.34 5.85
N PHE A 259 -8.74 -22.24 6.73
CA PHE A 259 -8.87 -21.96 8.15
C PHE A 259 -7.60 -22.30 8.93
N ARG A 260 -6.48 -22.52 8.22
CA ARG A 260 -5.24 -22.98 8.86
C ARG A 260 -5.51 -24.23 9.70
N VAL A 261 -6.32 -25.12 9.15
CA VAL A 261 -6.61 -26.42 9.76
C VAL A 261 -5.98 -27.48 8.89
N PHE A 262 -5.23 -28.39 9.52
CA PHE A 262 -4.52 -29.45 8.81
C PHE A 262 -5.05 -30.80 9.29
N HIS A 263 -5.75 -31.50 8.41
CA HIS A 263 -6.25 -32.84 8.75
C HIS A 263 -5.07 -33.78 8.90
N CYS A 264 -5.03 -34.51 10.02
CA CYS A 264 -3.85 -35.27 10.41
C CYS A 264 -4.25 -36.70 10.75
N THR A 265 -3.40 -37.66 10.34
CA THR A 265 -3.59 -39.05 10.67
C THR A 265 -2.86 -39.38 11.97
N GLN A 266 -3.47 -40.27 12.77
CA GLN A 266 -2.94 -40.62 14.08
C GLN A 266 -2.33 -42.01 14.13
N TYR A 267 -2.56 -42.84 13.11
CA TYR A 267 -2.00 -44.19 13.08
C TYR A 267 -0.56 -44.15 12.60
N ILE A 268 0.08 -45.32 12.54
CA ILE A 268 1.47 -45.43 12.14
C ILE A 268 1.59 -46.62 11.19
N ARG A 269 2.61 -46.57 10.34
CA ARG A 269 2.85 -47.65 9.39
C ARG A 269 3.09 -48.98 10.11
N HIS A 270 2.91 -50.07 9.37
CA HIS A 270 3.19 -51.39 9.91
C HIS A 270 4.68 -51.57 10.13
N GLY A 271 5.05 -52.15 11.26
CA GLY A 271 6.44 -52.28 11.64
C GLY A 271 7.27 -53.19 10.75
N SER A 272 6.63 -53.87 9.79
CA SER A 272 7.37 -54.79 8.93
C SER A 272 8.32 -54.04 7.99
N LYS A 273 7.90 -52.86 7.52
CA LYS A 273 8.69 -52.05 6.59
C LYS A 273 8.67 -50.61 7.10
N PRO A 274 9.53 -50.30 8.08
CA PRO A 274 9.53 -48.93 8.62
C PRO A 274 9.89 -47.86 7.62
N MET A 275 10.52 -48.21 6.50
CA MET A 275 10.99 -47.24 5.52
C MET A 275 10.03 -47.08 4.36
N TYR A 276 8.86 -47.69 4.41
CA TYR A 276 7.89 -47.61 3.31
C TYR A 276 6.49 -47.45 3.86
N THR A 277 5.68 -46.66 3.16
CA THR A 277 4.28 -46.48 3.51
C THR A 277 3.50 -46.06 2.27
N PRO A 278 2.46 -46.81 1.87
CA PRO A 278 1.63 -46.36 0.74
C PRO A 278 0.68 -45.24 1.08
N GLU A 279 0.53 -44.92 2.35
CA GLU A 279 -0.43 -43.95 2.84
C GLU A 279 0.26 -43.01 3.82
N PRO A 280 -0.32 -41.84 4.09
CA PRO A 280 0.26 -40.96 5.11
C PRO A 280 0.03 -41.53 6.50
N ASP A 281 1.04 -41.39 7.36
CA ASP A 281 0.96 -41.84 8.73
C ASP A 281 1.46 -40.73 9.65
N ILE A 282 1.37 -40.97 10.96
CA ILE A 282 1.76 -39.96 11.93
C ILE A 282 3.22 -39.56 11.73
N CYS A 283 4.04 -40.47 11.21
CA CYS A 283 5.43 -40.15 10.92
C CYS A 283 5.53 -39.12 9.81
N HIS A 284 4.82 -39.35 8.70
CA HIS A 284 4.83 -38.41 7.59
C HIS A 284 4.29 -37.04 8.01
N GLU A 285 3.32 -37.03 8.92
CA GLU A 285 2.65 -35.79 9.27
C GLU A 285 3.38 -35.00 10.34
N LEU A 286 4.05 -35.69 11.27
CA LEU A 286 4.76 -34.99 12.35
C LEU A 286 6.13 -34.51 11.92
N LEU A 287 6.83 -35.27 11.08
CA LEU A 287 8.18 -34.93 10.67
C LEU A 287 8.25 -34.19 9.35
N GLY A 288 7.24 -34.32 8.49
CA GLY A 288 7.26 -33.67 7.20
C GLY A 288 6.46 -32.38 7.17
N HIS A 289 5.26 -32.41 7.75
CA HIS A 289 4.32 -31.30 7.65
C HIS A 289 4.38 -30.35 8.85
N VAL A 290 4.35 -30.89 10.07
CA VAL A 290 4.17 -30.06 11.26
C VAL A 290 5.23 -28.96 11.36
N PRO A 291 6.53 -29.26 11.25
CA PRO A 291 7.53 -28.21 11.49
C PRO A 291 7.36 -27.00 10.59
N LEU A 292 6.89 -27.18 9.36
CA LEU A 292 6.70 -26.04 8.47
C LEU A 292 5.48 -25.22 8.88
N PHE A 293 4.41 -25.89 9.30
CA PHE A 293 3.23 -25.18 9.78
C PHE A 293 3.52 -24.34 11.02
N SER A 294 4.68 -24.53 11.66
CA SER A 294 5.05 -23.69 12.78
C SER A 294 5.62 -22.35 12.33
N ASP A 295 6.02 -22.23 11.06
CA ASP A 295 6.50 -20.97 10.52
C ASP A 295 5.32 -20.21 9.93
N ARG A 296 5.20 -18.94 10.31
CA ARG A 296 4.05 -18.14 9.88
C ARG A 296 4.08 -17.90 8.38
N SER A 297 5.26 -17.59 7.82
CA SER A 297 5.35 -17.36 6.38
C SER A 297 4.83 -18.55 5.60
N PHE A 298 5.14 -19.76 6.05
CA PHE A 298 4.63 -20.95 5.38
C PHE A 298 3.15 -21.15 5.65
N ALA A 299 2.70 -20.83 6.86
CA ALA A 299 1.28 -20.93 7.18
C ALA A 299 0.44 -20.05 6.27
N GLN A 300 0.93 -18.83 5.99
CA GLN A 300 0.22 -17.94 5.08
C GLN A 300 0.18 -18.53 3.67
N PHE A 301 1.33 -19.04 3.20
CA PHE A 301 1.39 -19.62 1.87
C PHE A 301 0.41 -20.76 1.73
N SER A 302 0.51 -21.77 2.60
CA SER A 302 -0.39 -22.91 2.54
C SER A 302 -1.85 -22.48 2.69
N GLN A 303 -2.09 -21.41 3.44
CA GLN A 303 -3.46 -20.93 3.61
C GLN A 303 -4.01 -20.39 2.30
N GLU A 304 -3.18 -19.68 1.53
CA GLU A 304 -3.64 -19.14 0.26
C GLU A 304 -4.07 -20.25 -0.70
N ILE A 305 -3.43 -21.42 -0.61
CA ILE A 305 -3.85 -22.54 -1.42
C ILE A 305 -5.26 -22.98 -1.05
N GLY A 306 -5.51 -23.14 0.25
CA GLY A 306 -6.85 -23.49 0.70
C GLY A 306 -7.88 -22.45 0.32
N LEU A 307 -7.55 -21.18 0.57
CA LEU A 307 -8.46 -20.10 0.19
C LEU A 307 -8.75 -20.11 -1.30
N ALA A 308 -7.78 -20.48 -2.12
CA ALA A 308 -7.97 -20.48 -3.57
C ALA A 308 -8.89 -21.61 -4.03
N SER A 309 -9.11 -22.62 -3.20
CA SER A 309 -9.92 -23.78 -3.59
C SER A 309 -11.40 -23.59 -3.30
N LEU A 310 -11.76 -22.64 -2.45
CA LEU A 310 -13.15 -22.45 -2.07
C LEU A 310 -14.00 -22.07 -3.28
N GLY A 311 -14.89 -22.97 -3.68
CA GLY A 311 -15.77 -22.73 -4.80
C GLY A 311 -15.12 -22.85 -6.16
N ALA A 312 -13.93 -23.43 -6.24
CA ALA A 312 -13.26 -23.57 -7.53
C ALA A 312 -13.78 -24.81 -8.26
N PRO A 313 -13.89 -24.76 -9.59
CA PRO A 313 -14.34 -25.95 -10.33
C PRO A 313 -13.37 -27.11 -10.16
N ASP A 314 -13.86 -28.31 -10.51
CA ASP A 314 -13.03 -29.50 -10.40
C ASP A 314 -11.77 -29.39 -11.22
N GLU A 315 -11.82 -28.70 -12.36
CA GLU A 315 -10.64 -28.58 -13.21
C GLU A 315 -9.52 -27.84 -12.49
N TYR A 316 -9.88 -26.80 -11.72
CA TYR A 316 -8.89 -26.01 -11.00
C TYR A 316 -8.57 -26.57 -9.62
N ILE A 317 -9.38 -27.48 -9.09
CA ILE A 317 -9.02 -28.17 -7.86
C ILE A 317 -7.85 -29.12 -8.11
N GLU A 318 -7.92 -29.88 -9.20
CA GLU A 318 -6.80 -30.75 -9.56
C GLU A 318 -5.53 -29.94 -9.80
N LYS A 319 -5.67 -28.78 -10.44
CA LYS A 319 -4.52 -27.91 -10.64
C LYS A 319 -3.92 -27.45 -9.31
N LEU A 320 -4.78 -27.13 -8.34
CA LEU A 320 -4.27 -26.76 -7.03
C LEU A 320 -3.63 -27.94 -6.32
N ALA A 321 -4.19 -29.14 -6.51
CA ALA A 321 -3.59 -30.33 -5.92
C ALA A 321 -2.21 -30.59 -6.50
N THR A 322 -2.01 -30.26 -7.78
CA THR A 322 -0.69 -30.42 -8.39
C THR A 322 0.29 -29.40 -7.84
N ILE A 323 -0.14 -28.16 -7.67
CA ILE A 323 0.72 -27.13 -7.08
C ILE A 323 1.10 -27.52 -5.66
N TYR A 324 0.10 -27.91 -4.86
CA TYR A 324 0.38 -28.40 -3.52
C TYR A 324 1.39 -29.53 -3.54
N TRP A 325 1.29 -30.40 -4.55
CA TRP A 325 2.20 -31.53 -4.66
C TRP A 325 3.64 -31.06 -4.86
N PHE A 326 3.86 -30.14 -5.79
CA PHE A 326 5.19 -29.68 -6.14
C PHE A 326 5.72 -28.58 -5.23
N THR A 327 4.91 -28.11 -4.28
CA THR A 327 5.35 -27.09 -3.34
C THR A 327 5.37 -27.61 -1.91
N VAL A 328 4.23 -28.11 -1.40
CA VAL A 328 4.16 -28.49 0.01
C VAL A 328 4.68 -29.90 0.22
N GLU A 329 4.37 -30.81 -0.70
CA GLU A 329 4.81 -32.19 -0.54
C GLU A 329 6.20 -32.43 -1.09
N PHE A 330 6.52 -31.87 -2.26
CA PHE A 330 7.78 -32.16 -2.95
C PHE A 330 8.38 -30.87 -3.51
N GLY A 331 8.41 -29.82 -2.70
CA GLY A 331 8.92 -28.53 -3.11
C GLY A 331 10.30 -28.25 -2.57
N LEU A 332 11.13 -27.60 -3.39
CA LEU A 332 12.46 -27.17 -3.02
C LEU A 332 12.52 -25.65 -2.96
N CYS A 333 13.47 -25.13 -2.20
CA CYS A 333 13.59 -23.69 -1.99
C CYS A 333 15.06 -23.28 -2.08
N LYS A 334 15.28 -22.05 -2.54
CA LYS A 334 16.63 -21.48 -2.62
C LYS A 334 17.01 -20.87 -1.28
N GLN A 335 18.20 -21.23 -0.80
CA GLN A 335 18.76 -20.70 0.45
C GLN A 335 20.17 -20.23 0.13
N GLY A 336 20.29 -18.97 -0.28
CA GLY A 336 21.60 -18.45 -0.66
C GLY A 336 22.05 -19.06 -1.97
N ASP A 337 23.33 -19.44 -2.02
CA ASP A 337 23.89 -20.06 -3.21
C ASP A 337 23.54 -21.54 -3.33
N SER A 338 22.83 -22.10 -2.35
CA SER A 338 22.47 -23.51 -2.35
C SER A 338 20.96 -23.66 -2.33
N ILE A 339 20.52 -24.91 -2.47
CA ILE A 339 19.11 -25.27 -2.47
C ILE A 339 18.88 -26.27 -1.36
N LYS A 340 17.73 -26.17 -0.70
CA LYS A 340 17.35 -27.09 0.36
C LYS A 340 15.90 -27.51 0.13
N ALA A 341 15.45 -28.46 0.96
CA ALA A 341 14.14 -29.06 0.80
C ALA A 341 13.21 -28.60 1.93
N TYR A 342 11.94 -28.41 1.57
CA TYR A 342 10.91 -28.08 2.55
C TYR A 342 9.64 -28.89 2.34
N GLY A 343 9.57 -29.72 1.30
CA GLY A 343 8.39 -30.51 1.08
C GLY A 343 8.26 -31.64 2.08
N ALA A 344 7.01 -31.96 2.45
CA ALA A 344 6.78 -33.02 3.42
C ALA A 344 7.17 -34.38 2.87
N GLY A 345 6.96 -34.60 1.56
CA GLY A 345 7.34 -35.86 0.97
C GLY A 345 8.83 -36.15 1.06
N LEU A 346 9.65 -35.10 1.08
CA LEU A 346 11.10 -35.27 1.20
C LEU A 346 11.52 -35.44 2.65
N LEU A 347 10.96 -34.62 3.55
CA LEU A 347 11.38 -34.63 4.93
C LEU A 347 10.98 -35.90 5.66
N SER A 348 10.06 -36.69 5.10
CA SER A 348 9.64 -37.95 5.70
C SER A 348 10.18 -39.17 4.96
N SER A 349 10.85 -38.99 3.83
CA SER A 349 11.43 -40.09 3.07
C SER A 349 12.95 -40.01 3.18
N PHE A 350 13.57 -41.12 3.58
CA PHE A 350 15.02 -41.12 3.78
C PHE A 350 15.75 -41.17 2.45
N GLY A 351 15.21 -41.88 1.46
CA GLY A 351 15.88 -42.03 0.19
C GLY A 351 15.71 -40.84 -0.71
N GLU A 352 14.48 -40.35 -0.84
CA GLU A 352 14.22 -39.22 -1.73
C GLU A 352 14.84 -37.94 -1.20
N LEU A 353 14.94 -37.79 0.12
CA LEU A 353 15.56 -36.60 0.69
C LEU A 353 17.00 -36.45 0.23
N GLN A 354 17.67 -37.56 -0.05
CA GLN A 354 19.03 -37.53 -0.58
C GLN A 354 19.03 -37.45 -2.10
N TYR A 355 18.02 -38.01 -2.76
CA TYR A 355 17.99 -38.03 -4.21
C TYR A 355 17.64 -36.66 -4.79
N CYS A 356 16.80 -35.89 -4.09
CA CYS A 356 16.35 -34.61 -4.61
C CYS A 356 17.46 -33.56 -4.58
N LEU A 357 18.45 -33.72 -3.71
CA LEU A 357 19.54 -32.75 -3.59
C LEU A 357 20.71 -33.08 -4.51
N SER A 358 20.66 -34.20 -5.23
CA SER A 358 21.73 -34.58 -6.14
C SER A 358 21.51 -33.94 -7.51
N GLU A 359 22.49 -34.13 -8.39
CA GLU A 359 22.41 -33.62 -9.76
C GLU A 359 21.61 -34.52 -10.68
N LYS A 360 20.95 -35.55 -10.17
CA LYS A 360 20.19 -36.47 -11.02
C LYS A 360 18.85 -35.87 -11.42
N PRO A 361 18.05 -35.34 -10.50
CA PRO A 361 16.74 -34.79 -10.88
C PRO A 361 16.87 -33.44 -11.56
N LYS A 362 15.80 -33.08 -12.27
CA LYS A 362 15.74 -31.84 -13.03
C LYS A 362 15.02 -30.77 -12.21
N LEU A 363 15.60 -29.58 -12.16
CA LEU A 363 15.07 -28.47 -11.39
C LEU A 363 14.56 -27.37 -12.31
N LEU A 364 13.38 -26.85 -12.00
CA LEU A 364 12.76 -25.77 -12.75
C LEU A 364 12.37 -24.64 -11.81
N PRO A 365 12.28 -23.41 -12.33
CA PRO A 365 11.73 -22.33 -11.50
C PRO A 365 10.24 -22.54 -11.31
N LEU A 366 9.74 -22.08 -10.17
CA LEU A 366 8.33 -22.29 -9.85
C LEU A 366 7.47 -21.39 -10.72
N GLU A 367 6.67 -22.01 -11.58
CA GLU A 367 5.71 -21.28 -12.41
C GLU A 367 4.43 -22.10 -12.48
N LEU A 368 3.36 -21.56 -11.89
CA LEU A 368 2.14 -22.34 -11.71
C LEU A 368 1.51 -22.73 -13.04
N GLU A 369 1.58 -21.84 -14.04
CA GLU A 369 0.97 -22.15 -15.33
C GLU A 369 1.58 -23.39 -15.95
N LYS A 370 2.83 -23.69 -15.60
CA LYS A 370 3.49 -24.91 -16.05
C LYS A 370 3.34 -26.04 -15.05
N THR A 371 3.38 -25.72 -13.75
CA THR A 371 3.27 -26.75 -12.72
C THR A 371 1.84 -27.28 -12.61
N ALA A 372 0.85 -26.41 -12.81
CA ALA A 372 -0.55 -26.82 -12.64
C ALA A 372 -0.90 -27.98 -13.56
N ILE A 373 -0.28 -28.05 -14.74
CA ILE A 373 -0.58 -29.09 -15.72
C ILE A 373 0.48 -30.18 -15.75
N GLN A 374 1.60 -30.01 -15.05
CA GLN A 374 2.67 -30.99 -15.06
C GLN A 374 2.18 -32.33 -14.54
N ASN A 375 2.50 -33.40 -15.27
CA ASN A 375 2.18 -34.74 -14.83
C ASN A 375 3.23 -35.22 -13.84
N TYR A 376 2.82 -36.12 -12.93
CA TYR A 376 3.71 -36.59 -11.89
C TYR A 376 3.29 -38.00 -11.47
N THR A 377 4.15 -38.62 -10.66
CA THR A 377 3.93 -39.96 -10.13
C THR A 377 3.94 -39.92 -8.61
N VAL A 378 3.34 -40.93 -8.01
CA VAL A 378 3.26 -41.03 -6.56
C VAL A 378 4.07 -42.20 -6.01
N THR A 379 4.36 -43.22 -6.81
CA THR A 379 5.08 -44.39 -6.31
C THR A 379 6.57 -44.12 -6.24
N GLU A 380 7.19 -43.80 -7.37
CA GLU A 380 8.63 -43.58 -7.43
C GLU A 380 8.97 -42.12 -7.14
N PHE A 381 10.25 -41.86 -6.93
CA PHE A 381 10.74 -40.51 -6.73
C PHE A 381 10.32 -39.62 -7.90
N GLN A 382 10.37 -38.31 -7.67
CA GLN A 382 9.95 -37.35 -8.69
C GLN A 382 11.06 -37.17 -9.71
N PRO A 383 10.77 -37.28 -11.01
CA PRO A 383 11.83 -37.02 -12.00
C PRO A 383 12.31 -35.57 -11.98
N LEU A 384 11.45 -34.64 -11.61
CA LEU A 384 11.81 -33.22 -11.58
C LEU A 384 11.26 -32.61 -10.30
N TYR A 385 11.79 -31.44 -9.97
CA TYR A 385 11.35 -30.69 -8.80
C TYR A 385 11.28 -29.21 -9.17
N TYR A 386 10.33 -28.51 -8.55
CA TYR A 386 10.17 -27.07 -8.76
C TYR A 386 10.75 -26.33 -7.58
N VAL A 387 11.57 -25.32 -7.85
CA VAL A 387 12.29 -24.58 -6.83
C VAL A 387 11.60 -23.24 -6.65
N ALA A 388 11.21 -22.95 -5.41
CA ALA A 388 10.57 -21.68 -5.07
C ALA A 388 11.61 -20.72 -4.52
N GLU A 389 11.49 -19.45 -4.92
CA GLU A 389 12.42 -18.43 -4.43
C GLU A 389 12.29 -18.25 -2.93
N SER A 390 11.06 -18.26 -2.42
CA SER A 390 10.80 -18.11 -0.99
C SER A 390 9.33 -18.42 -0.75
N PHE A 391 8.95 -18.44 0.52
CA PHE A 391 7.55 -18.68 0.86
C PHE A 391 6.69 -17.46 0.54
N ASN A 392 7.19 -16.26 0.86
CA ASN A 392 6.44 -15.05 0.53
C ASN A 392 6.33 -14.87 -0.98
N ASP A 393 7.34 -15.27 -1.73
CA ASP A 393 7.27 -15.18 -3.19
C ASP A 393 6.32 -16.24 -3.75
N ALA A 394 6.41 -17.48 -3.23
CA ALA A 394 5.49 -18.53 -3.68
C ALA A 394 4.06 -18.22 -3.26
N LYS A 395 3.88 -17.56 -2.12
CA LYS A 395 2.53 -17.20 -1.69
C LYS A 395 1.85 -16.29 -2.69
N GLU A 396 2.55 -15.25 -3.14
CA GLU A 396 1.97 -14.30 -4.08
C GLU A 396 1.70 -14.96 -5.43
N LYS A 397 2.48 -15.97 -5.80
CA LYS A 397 2.21 -16.68 -7.05
C LYS A 397 0.86 -17.38 -6.98
N VAL A 398 0.50 -17.92 -5.82
CA VAL A 398 -0.82 -18.52 -5.64
C VAL A 398 -1.89 -17.45 -5.72
N ARG A 399 -1.63 -16.29 -5.12
CA ARG A 399 -2.58 -15.18 -5.18
C ARG A 399 -2.89 -14.80 -6.62
N ASN A 400 -1.83 -14.68 -7.44
CA ASN A 400 -2.03 -14.39 -8.86
C ASN A 400 -2.81 -15.50 -9.53
N PHE A 401 -2.51 -16.76 -9.19
CA PHE A 401 -3.26 -17.88 -9.75
C PHE A 401 -4.70 -17.90 -9.27
N ALA A 402 -4.95 -17.43 -8.04
CA ALA A 402 -6.30 -17.41 -7.53
C ALA A 402 -7.23 -16.59 -8.43
N ALA A 403 -6.68 -15.59 -9.13
CA ALA A 403 -7.51 -14.77 -10.01
C ALA A 403 -7.95 -15.53 -11.26
N THR A 404 -7.11 -16.42 -11.78
CA THR A 404 -7.47 -17.14 -12.99
C THR A 404 -8.57 -18.16 -12.73
N ILE A 405 -8.79 -18.55 -11.48
CA ILE A 405 -9.83 -19.51 -11.15
C ILE A 405 -11.18 -18.83 -11.32
N PRO A 406 -12.07 -19.33 -12.18
CA PRO A 406 -13.38 -18.67 -12.33
C PRO A 406 -14.25 -18.84 -11.10
N ARG A 407 -14.49 -17.75 -10.39
CA ARG A 407 -15.35 -17.74 -9.22
C ARG A 407 -16.16 -16.44 -9.24
N PRO A 408 -17.43 -16.49 -8.83
CA PRO A 408 -18.23 -15.25 -8.84
C PRO A 408 -17.98 -14.37 -7.63
N PHE A 409 -16.90 -14.62 -6.91
CA PHE A 409 -16.60 -13.86 -5.70
C PHE A 409 -15.15 -14.12 -5.32
N SER A 410 -14.64 -13.28 -4.41
CA SER A 410 -13.34 -13.47 -3.78
C SER A 410 -13.56 -13.86 -2.33
N VAL A 411 -12.51 -14.40 -1.71
CA VAL A 411 -12.60 -14.93 -0.35
C VAL A 411 -11.45 -14.38 0.49
N ARG A 412 -11.74 -14.15 1.77
CA ARG A 412 -10.73 -13.79 2.74
C ARG A 412 -11.15 -14.38 4.08
N TYR A 413 -10.16 -14.76 4.88
CA TYR A 413 -10.41 -15.40 6.17
C TYR A 413 -10.36 -14.38 7.29
N ASP A 414 -11.34 -14.46 8.20
CA ASP A 414 -11.42 -13.59 9.35
C ASP A 414 -11.04 -14.39 10.60
N PRO A 415 -9.80 -14.26 11.11
CA PRO A 415 -9.43 -15.04 12.30
C PRO A 415 -10.19 -14.67 13.56
N TYR A 416 -10.73 -13.46 13.66
CA TYR A 416 -11.50 -13.09 14.84
C TYR A 416 -12.74 -13.96 15.00
N THR A 417 -13.54 -14.06 13.95
CA THR A 417 -14.75 -14.87 13.98
C THR A 417 -14.56 -16.26 13.37
N GLN A 418 -13.41 -16.51 12.74
CA GLN A 418 -13.12 -17.82 12.15
C GLN A 418 -14.18 -18.18 11.10
N ARG A 419 -14.50 -17.20 10.26
CA ARG A 419 -15.42 -17.39 9.14
C ARG A 419 -14.79 -16.81 7.88
N ILE A 420 -15.31 -17.23 6.74
CA ILE A 420 -14.87 -16.71 5.45
C ILE A 420 -15.79 -15.58 5.04
N GLU A 421 -15.22 -14.48 4.54
CA GLU A 421 -15.97 -13.33 4.09
C GLU A 421 -15.97 -13.31 2.56
N VAL A 422 -17.13 -13.51 1.98
CA VAL A 422 -17.34 -13.41 0.54
C VAL A 422 -17.51 -11.94 0.16
N LEU A 423 -16.86 -11.54 -0.94
CA LEU A 423 -16.88 -10.16 -1.41
C LEU A 423 -17.38 -10.20 -2.86
N ASP A 424 -18.67 -9.91 -3.04
CA ASP A 424 -19.30 -9.83 -4.36
C ASP A 424 -19.66 -8.42 -4.82
N ASN A 425 -20.00 -7.51 -3.90
CA ASN A 425 -20.46 -6.19 -4.28
C ASN A 425 -19.34 -5.17 -4.32
N THR A 426 -19.37 -4.31 -5.35
CA THR A 426 -18.31 -3.33 -5.55
C THR A 426 -18.23 -2.35 -4.39
N GLN A 427 -19.34 -2.10 -3.70
CA GLN A 427 -19.33 -1.13 -2.61
C GLN A 427 -18.49 -1.65 -1.46
N GLN A 428 -18.39 -2.96 -1.31
CA GLN A 428 -17.59 -3.55 -0.24
C GLN A 428 -16.11 -3.26 -0.45
N LEU A 429 -15.70 -2.97 -1.69
CA LEU A 429 -14.31 -2.69 -1.97
C LEU A 429 -13.98 -1.23 -1.70
N LYS A 430 -14.93 -0.33 -1.95
CA LYS A 430 -14.73 1.08 -1.63
C LYS A 430 -14.51 1.24 -0.13
N ILE A 431 -15.25 0.49 0.68
CA ILE A 431 -15.06 0.55 2.13
C ILE A 431 -13.71 -0.07 2.50
N LEU A 432 -13.33 -1.13 1.80
CA LEU A 432 -12.04 -1.77 2.04
C LEU A 432 -10.89 -0.83 1.70
N ALA A 433 -11.12 0.13 0.81
CA ALA A 433 -10.09 1.11 0.47
C ALA A 433 -9.91 2.12 1.59
N ASP A 434 -10.99 2.43 2.31
CA ASP A 434 -10.87 3.36 3.44
C ASP A 434 -9.93 2.81 4.50
N SER A 435 -10.10 1.53 4.85
CA SER A 435 -9.23 0.93 5.85
C SER A 435 -7.78 0.93 5.40
N ILE A 436 -7.53 1.03 4.10
CA ILE A 436 -6.15 1.04 3.60
C ILE A 436 -5.59 2.46 3.64
N ASN A 437 -6.32 3.43 3.09
CA ASN A 437 -5.82 4.80 3.09
C ASN A 437 -5.53 5.26 4.51
N SER A 438 -6.37 4.84 5.47
CA SER A 438 -6.12 5.17 6.87
C SER A 438 -4.94 4.39 7.42
N GLU A 439 -4.75 3.16 6.95
CA GLU A 439 -3.64 2.30 7.36
C GLU A 439 -2.28 2.83 6.94
N ILE A 440 -2.22 3.97 6.24
CA ILE A 440 -0.94 4.54 5.86
C ILE A 440 -0.44 5.37 7.04
N GLY A 441 0.18 4.71 8.00
CA GLY A 441 0.82 5.40 9.10
C GLY A 441 2.20 5.84 8.69
N ILE A 442 2.35 7.09 8.30
CA ILE A 442 3.63 7.64 7.87
C ILE A 442 4.29 8.15 9.14
N LEU A 443 5.06 7.27 9.79
CA LEU A 443 5.78 7.68 10.99
C LEU A 443 7.06 8.43 10.64
N CYS A 444 7.85 7.89 9.71
CA CYS A 444 9.05 8.54 9.20
C CYS A 444 10.01 8.95 10.31
N SER A 445 9.81 8.42 11.51
CA SER A 445 10.63 8.76 12.69
C SER A 445 10.21 10.12 13.24
N GLN B 19 -16.57 13.97 44.11
CA GLN B 19 -16.05 13.75 42.77
C GLN B 19 -16.39 12.34 42.29
N GLU B 20 -15.80 11.35 42.95
CA GLU B 20 -16.06 9.93 42.68
C GLU B 20 -15.89 9.62 41.20
N THR B 21 -14.66 9.79 40.73
CA THR B 21 -14.31 9.39 39.38
C THR B 21 -14.44 7.87 39.23
N SER B 22 -14.38 7.41 37.98
CA SER B 22 -14.48 5.99 37.68
C SER B 22 -13.14 5.29 37.60
N TYR B 23 -12.04 6.02 37.82
CA TYR B 23 -10.71 5.42 37.79
C TYR B 23 -10.46 4.65 39.07
N ILE B 24 -10.18 3.36 38.94
CA ILE B 24 -9.88 2.48 40.07
C ILE B 24 -8.44 2.03 39.96
N GLU B 25 -7.63 2.38 40.95
CA GLU B 25 -6.23 2.01 40.94
C GLU B 25 -6.07 0.49 41.05
N ASP B 26 -4.96 -0.01 40.50
CA ASP B 26 -4.68 -1.44 40.53
C ASP B 26 -4.03 -1.85 41.84
N ASN B 27 -4.47 -2.98 42.38
CA ASN B 27 -3.96 -3.52 43.63
C ASN B 27 -3.39 -4.91 43.41
N SER B 28 -2.33 -5.22 44.14
CA SER B 28 -1.67 -6.52 44.04
C SER B 28 -2.06 -7.41 45.22
N ASN B 31 2.07 -12.27 46.31
CA ASN B 31 3.27 -12.17 45.48
C ASN B 31 2.99 -11.39 44.20
N GLY B 32 3.71 -10.28 44.02
CA GLY B 32 3.53 -9.48 42.83
C GLY B 32 4.06 -10.21 41.60
N ALA B 33 3.26 -10.22 40.54
CA ALA B 33 3.63 -10.93 39.33
C ALA B 33 4.79 -10.23 38.65
N ILE B 34 5.84 -10.98 38.34
CA ILE B 34 7.02 -10.48 37.65
C ILE B 34 7.21 -11.29 36.38
N SER B 35 7.14 -10.61 35.23
CA SER B 35 7.26 -11.27 33.94
C SER B 35 8.30 -10.56 33.09
N LEU B 36 8.97 -11.33 32.24
CA LEU B 36 9.99 -10.83 31.35
C LEU B 36 9.60 -11.05 29.91
N ILE B 37 10.10 -10.19 29.02
CA ILE B 37 9.86 -10.29 27.59
C ILE B 37 11.17 -9.96 26.88
N PHE B 38 11.60 -10.83 25.97
CA PHE B 38 12.83 -10.58 25.25
C PHE B 38 12.94 -11.56 24.09
N SER B 39 13.66 -11.13 23.05
CA SER B 39 13.93 -11.95 21.87
C SER B 39 15.44 -12.01 21.67
N LEU B 40 15.90 -13.09 21.03
CA LEU B 40 17.32 -13.34 20.86
C LEU B 40 17.56 -13.99 19.52
N LYS B 41 18.80 -13.85 19.03
CA LYS B 41 19.20 -14.39 17.74
C LYS B 41 19.74 -15.80 17.87
N GLU B 42 19.63 -16.56 16.78
CA GLU B 42 20.09 -17.94 16.73
C GLU B 42 21.49 -18.08 16.14
N GLU B 43 22.30 -17.02 16.19
CA GLU B 43 23.64 -17.11 15.60
C GLU B 43 24.50 -18.07 16.40
N VAL B 44 24.60 -17.87 17.71
CA VAL B 44 25.25 -18.81 18.59
C VAL B 44 24.16 -19.71 19.18
N GLY B 45 24.57 -20.82 19.78
CA GLY B 45 23.58 -21.67 20.42
C GLY B 45 22.82 -20.89 21.47
N ALA B 46 21.62 -20.44 21.12
CA ALA B 46 20.87 -19.52 21.97
C ALA B 46 19.90 -20.25 22.89
N LEU B 47 19.10 -21.18 22.36
CA LEU B 47 18.14 -21.90 23.20
C LEU B 47 18.84 -22.58 24.36
N ALA B 48 19.94 -23.29 24.09
CA ALA B 48 20.65 -23.98 25.16
C ALA B 48 21.24 -22.99 26.16
N LYS B 49 21.78 -21.88 25.67
CA LYS B 49 22.43 -20.92 26.55
C LYS B 49 21.43 -20.29 27.52
N VAL B 50 20.20 -20.05 27.08
CA VAL B 50 19.23 -19.40 27.93
C VAL B 50 18.53 -20.41 28.86
N LEU B 51 18.08 -21.54 28.30
CA LEU B 51 17.39 -22.53 29.13
C LEU B 51 18.26 -23.02 30.28
N ARG B 52 19.58 -23.11 30.09
CA ARG B 52 20.42 -23.57 31.19
C ARG B 52 20.50 -22.53 32.29
N LEU B 53 20.41 -21.24 31.96
CA LEU B 53 20.40 -20.21 32.98
C LEU B 53 19.16 -20.33 33.87
N PHE B 54 18.04 -20.78 33.30
CA PHE B 54 16.82 -20.92 34.08
C PHE B 54 16.82 -22.20 34.91
N GLU B 55 17.31 -23.31 34.35
CA GLU B 55 17.35 -24.55 35.11
C GLU B 55 18.30 -24.46 36.29
N GLU B 56 19.42 -23.75 36.12
CA GLU B 56 20.36 -23.60 37.24
C GLU B 56 19.82 -22.71 38.34
N ASN B 57 18.88 -21.81 38.03
CA ASN B 57 18.25 -20.95 39.03
C ASN B 57 16.84 -21.43 39.38
N ASP B 58 16.65 -22.74 39.53
CA ASP B 58 15.39 -23.33 39.95
C ASP B 58 14.20 -22.72 39.21
N VAL B 59 14.18 -22.94 37.89
CA VAL B 59 13.06 -22.55 37.04
C VAL B 59 12.85 -23.66 36.03
N ASN B 60 11.73 -24.36 36.12
CA ASN B 60 11.42 -25.44 35.19
C ASN B 60 10.95 -24.86 33.85
N LEU B 61 10.91 -25.74 32.84
CA LEU B 61 10.49 -25.35 31.51
C LEU B 61 9.02 -24.98 31.42
N THR B 62 8.27 -25.08 32.52
CA THR B 62 6.86 -24.74 32.48
C THR B 62 6.62 -23.25 32.60
N HIS B 63 7.54 -22.49 33.20
CA HIS B 63 7.43 -21.04 33.28
C HIS B 63 8.33 -20.35 32.27
N ILE B 64 8.42 -20.90 31.06
CA ILE B 64 9.17 -20.29 29.97
C ILE B 64 8.66 -20.85 28.66
N GLU B 65 8.38 -19.96 27.70
CA GLU B 65 7.96 -20.36 26.37
C GLU B 65 8.93 -19.81 25.34
N SER B 66 9.23 -20.60 24.33
CA SER B 66 10.13 -20.20 23.24
C SER B 66 9.39 -20.41 21.92
N ARG B 67 9.08 -19.32 21.25
CA ARG B 67 8.36 -19.37 19.98
C ARG B 67 9.14 -18.61 18.92
N PRO B 68 8.96 -18.98 17.64
CA PRO B 68 9.71 -18.27 16.58
C PRO B 68 9.21 -16.84 16.41
N SER B 69 10.15 -15.95 16.13
CA SER B 69 9.84 -14.54 15.89
C SER B 69 9.34 -14.35 14.46
N ARG B 70 8.26 -13.60 14.30
CA ARG B 70 7.70 -13.34 12.99
C ARG B 70 8.44 -12.25 12.23
N LEU B 71 9.21 -11.41 12.92
CA LEU B 71 9.83 -10.27 12.26
C LEU B 71 11.22 -10.54 11.70
N LYS B 72 11.86 -11.66 12.04
CA LYS B 72 13.16 -11.98 11.46
C LYS B 72 13.33 -13.42 11.01
N LYS B 73 12.63 -14.37 11.62
CA LYS B 73 12.70 -15.80 11.30
C LYS B 73 13.99 -16.46 11.77
N ASP B 74 14.98 -15.67 12.20
CA ASP B 74 16.22 -16.21 12.74
C ASP B 74 16.37 -15.87 14.22
N GLU B 75 15.26 -15.52 14.86
CA GLU B 75 15.23 -15.14 16.27
C GLU B 75 14.15 -15.94 16.98
N TYR B 76 14.34 -16.12 18.28
CA TYR B 76 13.34 -16.76 19.13
C TYR B 76 12.75 -15.72 20.07
N GLU B 77 11.46 -15.84 20.33
CA GLU B 77 10.77 -14.99 21.29
C GLU B 77 10.62 -15.75 22.61
N PHE B 78 10.97 -15.10 23.71
CA PHE B 78 10.98 -15.73 25.02
C PHE B 78 9.99 -15.02 25.92
N PHE B 79 9.19 -15.80 26.64
CA PHE B 79 8.22 -15.26 27.59
C PHE B 79 8.41 -15.95 28.94
N THR B 80 8.57 -15.16 29.99
CA THR B 80 8.72 -15.70 31.33
C THR B 80 7.70 -15.06 32.27
N HIS B 81 7.07 -15.87 33.10
CA HIS B 81 6.06 -15.42 34.07
C HIS B 81 6.45 -15.96 35.44
N LEU B 82 7.27 -15.21 36.17
CA LEU B 82 7.70 -15.62 37.51
C LEU B 82 7.38 -14.54 38.53
N ARG B 85 7.67 -14.25 43.47
CA ARG B 85 7.70 -15.58 44.07
C ARG B 85 9.14 -16.05 44.26
N SER B 86 9.95 -15.85 43.21
CA SER B 86 11.36 -16.23 43.20
C SER B 86 12.15 -15.01 42.73
N LEU B 87 12.38 -14.08 43.65
CA LEU B 87 13.16 -12.88 43.33
C LEU B 87 14.65 -13.19 43.31
N PRO B 88 15.21 -13.91 44.28
CA PRO B 88 16.66 -14.12 44.25
C PRO B 88 17.11 -14.95 43.06
N ALA B 89 16.24 -15.80 42.53
CA ALA B 89 16.51 -16.53 41.31
C ALA B 89 16.12 -15.76 40.06
N LEU B 90 15.60 -14.54 40.22
CA LEU B 90 15.16 -13.72 39.09
C LEU B 90 16.00 -12.48 38.91
N THR B 91 16.45 -11.85 40.00
CA THR B 91 17.31 -10.68 39.87
C THR B 91 18.68 -11.04 39.30
N ASN B 92 19.05 -12.31 39.29
CA ASN B 92 20.32 -12.74 38.73
C ASN B 92 20.28 -12.99 37.23
N ILE B 93 19.15 -13.49 36.72
CA ILE B 93 19.06 -13.75 35.28
C ILE B 93 19.10 -12.44 34.51
N ILE B 94 18.42 -11.41 35.01
CA ILE B 94 18.34 -10.14 34.29
C ILE B 94 19.74 -9.56 34.10
N LYS B 95 20.61 -9.72 35.08
CA LYS B 95 21.96 -9.16 34.97
C LYS B 95 22.79 -9.92 33.94
N ILE B 96 22.77 -11.26 34.01
CA ILE B 96 23.53 -12.07 33.07
C ILE B 96 22.93 -12.01 31.67
N LEU B 97 21.62 -11.81 31.57
CA LEU B 97 20.94 -11.81 30.28
C LEU B 97 21.12 -10.49 29.52
N ARG B 98 21.20 -9.37 30.24
CA ARG B 98 21.23 -8.07 29.57
C ARG B 98 22.63 -7.72 29.06
N HIS B 99 23.65 -7.92 29.89
CA HIS B 99 24.99 -7.49 29.51
C HIS B 99 25.62 -8.41 28.47
N ASP B 100 25.43 -9.73 28.62
CA ASP B 100 26.07 -10.67 27.71
C ASP B 100 25.46 -10.66 26.30
N ILE B 101 24.37 -9.93 26.08
CA ILE B 101 23.76 -9.90 24.75
C ILE B 101 23.28 -8.48 24.43
N THR B 104 17.84 -7.39 24.15
CA THR B 104 16.89 -6.47 24.74
C THR B 104 15.87 -7.20 25.60
N VAL B 105 15.57 -6.65 26.77
CA VAL B 105 14.66 -7.27 27.73
C VAL B 105 13.71 -6.21 28.26
N HIS B 106 12.44 -6.60 28.45
CA HIS B 106 11.43 -5.75 29.06
C HIS B 106 10.92 -6.47 30.30
N GLU B 107 11.05 -5.81 31.46
CA GLU B 107 10.62 -6.39 32.73
C GLU B 107 9.24 -5.85 33.07
N LEU B 108 8.28 -6.76 33.27
CA LEU B 108 6.92 -6.41 33.66
C LEU B 108 6.68 -6.80 35.11
N SER B 109 6.22 -5.84 35.91
CA SER B 109 5.98 -6.04 37.33
C SER B 109 4.59 -5.53 37.69
N ARG B 110 3.92 -6.25 38.58
CA ARG B 110 2.60 -5.83 39.06
C ARG B 110 2.68 -4.74 40.12
N ASP B 111 3.81 -4.62 40.81
CA ASP B 111 3.99 -3.57 41.81
C ASP B 111 4.59 -2.31 41.22
N LYS B 112 5.05 -2.37 39.97
CA LYS B 112 5.53 -1.20 39.23
C LYS B 112 6.58 -0.43 40.04
N LYS B 113 7.67 -1.13 40.34
CA LYS B 113 8.86 -0.46 40.84
C LYS B 113 9.48 0.33 39.69
N LYS B 114 10.55 1.06 39.98
CA LYS B 114 11.15 1.88 38.94
C LYS B 114 11.77 0.98 37.86
N ASP B 115 12.26 1.62 36.81
CA ASP B 115 12.90 0.94 35.68
C ASP B 115 12.16 -0.31 35.25
N THR B 116 10.83 -0.35 35.46
CA THR B 116 10.01 -1.47 35.05
C THR B 116 8.77 -0.96 34.33
N VAL B 117 8.21 -1.82 33.48
CA VAL B 117 6.98 -1.48 32.77
C VAL B 117 5.82 -2.05 33.58
N PRO B 118 4.69 -1.36 33.68
CA PRO B 118 3.53 -1.96 34.36
C PRO B 118 3.10 -3.26 33.68
N TRP B 119 2.92 -4.30 34.48
CA TRP B 119 2.56 -5.60 33.94
C TRP B 119 1.22 -5.53 33.22
N PHE B 120 1.10 -6.32 32.15
CA PHE B 120 -0.15 -6.46 31.42
C PHE B 120 -0.23 -7.88 30.89
N PRO B 121 -1.43 -8.38 30.62
CA PRO B 121 -1.55 -9.76 30.13
C PRO B 121 -1.02 -9.89 28.71
N ARG B 122 -0.17 -10.90 28.50
CA ARG B 122 0.39 -11.15 27.18
C ARG B 122 -0.48 -12.09 26.35
N THR B 123 -1.28 -12.94 26.99
CA THR B 123 -2.17 -13.85 26.29
C THR B 123 -3.52 -13.84 27.01
N ILE B 124 -4.57 -14.17 26.27
CA ILE B 124 -5.92 -14.19 26.84
C ILE B 124 -5.97 -15.06 28.09
N GLN B 125 -5.18 -16.14 28.12
CA GLN B 125 -5.18 -17.00 29.29
C GLN B 125 -4.67 -16.27 30.52
N GLU B 126 -3.76 -15.31 30.35
CA GLU B 126 -3.23 -14.59 31.50
C GLU B 126 -4.25 -13.65 32.12
N LEU B 127 -5.41 -13.45 31.47
CA LEU B 127 -6.47 -12.67 32.08
C LEU B 127 -7.01 -13.35 33.33
N ASP B 128 -6.74 -14.64 33.52
CA ASP B 128 -7.19 -15.35 34.69
C ASP B 128 -6.47 -14.91 35.96
N ARG B 129 -5.28 -14.30 35.82
CA ARG B 129 -4.49 -13.94 36.98
C ARG B 129 -5.25 -12.97 37.89
N PHE B 130 -5.55 -11.78 37.38
CA PHE B 130 -6.13 -10.71 38.19
C PHE B 130 -7.61 -10.52 37.89
N ALA B 131 -8.29 -11.57 37.43
CA ALA B 131 -9.72 -11.49 37.18
C ALA B 131 -10.54 -11.50 38.47
N ASN B 132 -9.92 -11.81 39.61
CA ASN B 132 -10.61 -11.85 40.89
C ASN B 132 -10.10 -10.77 41.86
N GLN B 133 -9.49 -9.71 41.33
CA GLN B 133 -8.93 -8.64 42.15
C GLN B 133 -9.88 -7.46 42.26
N ILE B 134 -11.17 -7.71 42.44
CA ILE B 134 -12.14 -6.63 42.59
C ILE B 134 -12.12 -6.13 44.03
N LEU B 135 -12.63 -4.91 44.22
CA LEU B 135 -12.72 -4.32 45.54
C LEU B 135 -14.02 -4.73 46.22
N SER B 136 -13.93 -5.00 47.52
CA SER B 136 -15.09 -5.42 48.30
C SER B 136 -15.75 -6.64 47.68
N GLU B 140 -23.81 -5.18 47.94
CA GLU B 140 -23.28 -6.31 48.68
C GLU B 140 -22.91 -5.90 50.10
N LEU B 141 -21.84 -5.12 50.23
CA LEU B 141 -21.33 -4.69 51.53
C LEU B 141 -21.49 -3.20 51.75
N ASP B 142 -22.17 -2.49 50.86
CA ASP B 142 -22.38 -1.05 51.00
C ASP B 142 -23.72 -0.82 51.68
N ALA B 143 -23.70 -0.06 52.77
CA ALA B 143 -24.92 0.16 53.54
C ALA B 143 -25.97 0.88 52.71
N ASP B 144 -25.54 1.79 51.84
CA ASP B 144 -26.46 2.59 51.03
C ASP B 144 -26.95 1.86 49.77
N HIS B 145 -26.50 0.62 49.54
CA HIS B 145 -26.94 -0.09 48.35
C HIS B 145 -28.45 -0.28 48.41
N PRO B 146 -29.16 -0.20 47.26
CA PRO B 146 -30.62 -0.37 47.28
C PRO B 146 -31.05 -1.65 47.99
N GLY B 147 -30.58 -2.79 47.51
CA GLY B 147 -30.82 -4.04 48.19
C GLY B 147 -29.80 -4.33 49.28
N PHE B 148 -29.94 -3.67 50.43
CA PHE B 148 -29.07 -3.93 51.57
C PHE B 148 -29.79 -4.64 52.70
N LYS B 149 -30.99 -4.19 53.05
CA LYS B 149 -31.76 -4.86 54.09
C LYS B 149 -32.49 -6.06 53.48
N ASP B 150 -31.74 -6.94 52.83
CA ASP B 150 -32.32 -8.12 52.22
C ASP B 150 -31.35 -9.29 52.38
N PRO B 151 -31.68 -10.31 53.18
CA PRO B 151 -30.76 -11.43 53.32
C PRO B 151 -30.63 -12.25 52.05
N VAL B 152 -31.69 -12.32 51.25
CA VAL B 152 -31.67 -13.12 50.02
C VAL B 152 -30.76 -12.46 48.99
N TYR B 153 -31.02 -11.18 48.68
CA TYR B 153 -30.25 -10.50 47.65
C TYR B 153 -28.77 -10.47 48.02
N ARG B 154 -28.45 -10.11 49.27
CA ARG B 154 -27.06 -10.09 49.69
C ARG B 154 -26.41 -11.45 49.50
N ALA B 155 -27.15 -12.53 49.76
CA ALA B 155 -26.61 -13.87 49.57
C ALA B 155 -26.58 -14.26 48.09
N ARG B 156 -27.63 -13.92 47.34
CA ARG B 156 -27.64 -14.24 45.91
C ARG B 156 -26.46 -13.61 45.20
N ARG B 157 -25.96 -12.49 45.70
CA ARG B 157 -24.81 -11.85 45.08
C ARG B 157 -23.56 -12.72 45.24
N LYS B 158 -23.43 -13.37 46.40
CA LYS B 158 -22.29 -14.26 46.60
C LYS B 158 -22.29 -15.41 45.61
N GLN B 159 -23.48 -15.85 45.17
CA GLN B 159 -23.56 -16.91 44.17
C GLN B 159 -22.94 -16.47 42.85
N PHE B 160 -23.29 -15.27 42.39
CA PHE B 160 -22.72 -14.76 41.15
C PHE B 160 -21.23 -14.49 41.30
N ALA B 161 -20.79 -14.07 42.48
CA ALA B 161 -19.36 -13.81 42.69
C ALA B 161 -18.55 -15.09 42.60
N ASP B 162 -19.10 -16.20 43.11
CA ASP B 162 -18.39 -17.47 43.05
C ASP B 162 -18.23 -17.95 41.62
N ILE B 163 -19.21 -17.68 40.75
CA ILE B 163 -19.10 -18.07 39.35
C ILE B 163 -17.92 -17.35 38.70
N ALA B 164 -17.74 -16.07 39.01
CA ALA B 164 -16.64 -15.31 38.42
C ALA B 164 -15.30 -15.76 39.00
N TYR B 165 -15.22 -15.90 40.33
CA TYR B 165 -13.96 -16.29 40.96
C TYR B 165 -13.47 -17.63 40.45
N ASN B 166 -14.37 -18.56 40.14
CA ASN B 166 -14.00 -19.90 39.71
C ASN B 166 -13.94 -20.05 38.20
N TYR B 167 -14.31 -19.03 37.44
CA TYR B 167 -14.30 -19.14 35.98
C TYR B 167 -12.89 -18.95 35.46
N ARG B 168 -12.53 -19.76 34.47
CA ARG B 168 -11.26 -19.64 33.77
C ARG B 168 -11.53 -19.57 32.27
N HIS B 169 -10.56 -19.02 31.54
CA HIS B 169 -10.76 -18.80 30.11
C HIS B 169 -11.00 -20.13 29.40
N GLY B 170 -11.70 -20.06 28.27
CA GLY B 170 -12.05 -21.23 27.50
C GLY B 170 -13.30 -21.93 27.99
N GLN B 171 -13.57 -21.85 29.29
CA GLN B 171 -14.72 -22.53 29.84
C GLN B 171 -16.01 -21.86 29.35
N PRO B 172 -17.10 -22.63 29.19
CA PRO B 172 -18.39 -21.99 28.93
C PRO B 172 -18.91 -21.31 30.18
N ILE B 173 -19.50 -20.14 30.00
CA ILE B 173 -20.03 -19.37 31.12
C ILE B 173 -21.15 -20.18 31.77
N PRO B 174 -21.06 -20.48 33.07
CA PRO B 174 -22.14 -21.24 33.70
C PRO B 174 -23.47 -20.50 33.58
N ARG B 175 -24.49 -21.24 33.17
CA ARG B 175 -25.84 -20.67 33.05
C ARG B 175 -26.50 -20.62 34.42
N VAL B 176 -27.40 -19.65 34.59
CA VAL B 176 -28.08 -19.42 35.86
C VAL B 176 -29.57 -19.31 35.61
N GLU B 177 -30.36 -19.91 36.50
CA GLU B 177 -31.81 -19.81 36.46
C GLU B 177 -32.24 -18.58 37.26
N TYR B 178 -32.67 -17.53 36.56
CA TYR B 178 -33.05 -16.29 37.22
C TYR B 178 -34.42 -16.45 37.87
N MET B 179 -34.57 -15.89 39.06
CA MET B 179 -35.82 -15.99 39.80
C MET B 179 -36.90 -15.12 39.14
N GLU B 180 -38.16 -15.46 39.43
CA GLU B 180 -39.27 -14.71 38.87
C GLU B 180 -39.23 -13.24 39.29
N GLU B 181 -38.84 -12.99 40.55
CA GLU B 181 -38.73 -11.62 41.02
C GLU B 181 -37.67 -10.83 40.25
N GLU B 182 -36.65 -11.52 39.73
CA GLU B 182 -35.58 -10.85 39.02
C GLU B 182 -35.90 -10.60 37.56
N LYS B 183 -36.64 -11.52 36.91
CA LYS B 183 -37.09 -11.26 35.55
C LYS B 183 -38.02 -10.06 35.50
N LYS B 184 -38.79 -9.84 36.56
CA LYS B 184 -39.67 -8.68 36.63
C LYS B 184 -38.87 -7.39 36.51
N THR B 185 -37.77 -7.29 37.25
CA THR B 185 -36.90 -6.12 37.15
C THR B 185 -36.39 -5.94 35.72
N TRP B 186 -35.89 -7.02 35.11
CA TRP B 186 -35.43 -6.95 33.72
C TRP B 186 -36.55 -6.45 32.81
N GLY B 187 -37.75 -7.00 32.96
CA GLY B 187 -38.85 -6.58 32.10
C GLY B 187 -39.15 -5.09 32.23
N THR B 188 -39.15 -4.58 33.46
CA THR B 188 -39.41 -3.16 33.67
C THR B 188 -38.39 -2.30 32.95
N VAL B 189 -37.11 -2.68 33.02
CA VAL B 189 -36.07 -1.92 32.34
C VAL B 189 -36.12 -2.14 30.84
N PHE B 190 -36.40 -3.39 30.42
CA PHE B 190 -36.39 -3.69 29.00
C PHE B 190 -37.47 -2.91 28.25
N LYS B 191 -38.71 -2.98 28.72
CA LYS B 191 -39.81 -2.34 27.99
C LYS B 191 -39.64 -0.82 27.95
N THR B 192 -39.19 -0.22 29.05
CA THR B 192 -39.11 1.24 29.10
C THR B 192 -38.02 1.78 28.16
N LEU B 193 -36.98 0.99 27.90
CA LEU B 193 -35.90 1.44 27.03
C LEU B 193 -36.11 1.05 25.57
N LYS B 194 -36.75 -0.09 25.31
CA LYS B 194 -36.97 -0.51 23.92
C LYS B 194 -37.71 0.56 23.13
N SER B 195 -38.57 1.33 23.80
CA SER B 195 -39.35 2.36 23.12
C SER B 195 -38.49 3.56 22.71
N LEU B 196 -37.30 3.71 23.29
CA LEU B 196 -36.46 4.87 23.03
C LEU B 196 -35.34 4.60 22.03
N TYR B 197 -35.03 3.33 21.75
CA TYR B 197 -33.86 3.02 20.94
C TYR B 197 -34.04 3.46 19.49
N LYS B 198 -35.24 3.28 18.93
CA LYS B 198 -35.45 3.58 17.52
C LYS B 198 -35.12 5.04 17.20
N THR B 199 -35.30 5.94 18.17
CA THR B 199 -35.11 7.36 17.93
C THR B 199 -33.91 7.96 18.65
N HIS B 200 -33.49 7.38 19.78
CA HIS B 200 -32.38 7.93 20.55
C HIS B 200 -31.08 7.16 20.34
N ALA B 201 -31.14 5.87 20.04
CA ALA B 201 -29.94 5.08 19.84
C ALA B 201 -29.42 5.23 18.42
N CYS B 202 -28.10 5.11 18.27
CA CYS B 202 -27.48 5.25 16.97
C CYS B 202 -27.92 4.13 16.04
N TYR B 203 -27.61 4.30 14.75
CA TYR B 203 -28.01 3.32 13.75
C TYR B 203 -27.41 1.95 14.06
N GLU B 204 -26.15 1.91 14.48
CA GLU B 204 -25.50 0.63 14.74
C GLU B 204 -26.25 -0.16 15.79
N TYR B 205 -26.79 0.52 16.80
CA TYR B 205 -27.53 -0.16 17.86
C TYR B 205 -28.76 -0.85 17.29
N ASN B 206 -29.66 -0.08 16.67
CA ASN B 206 -30.87 -0.64 16.09
C ASN B 206 -30.59 -1.63 14.98
N HIS B 207 -29.36 -1.69 14.47
CA HIS B 207 -29.03 -2.68 13.44
C HIS B 207 -28.85 -4.06 14.05
N ILE B 208 -28.27 -4.14 15.24
CA ILE B 208 -28.02 -5.42 15.90
C ILE B 208 -29.20 -5.85 16.75
N PHE B 209 -29.85 -4.90 17.42
CA PHE B 209 -30.89 -5.25 18.40
C PHE B 209 -31.92 -6.22 17.85
N PRO B 210 -32.44 -6.05 16.63
CA PRO B 210 -33.37 -7.08 16.11
C PRO B 210 -32.75 -8.46 16.06
N LEU B 211 -31.44 -8.56 15.82
CA LEU B 211 -30.79 -9.86 15.80
C LEU B 211 -30.75 -10.46 17.20
N LEU B 212 -30.46 -9.65 18.21
CA LEU B 212 -30.44 -10.16 19.58
C LEU B 212 -31.82 -10.59 20.03
N GLU B 213 -32.87 -9.99 19.47
CA GLU B 213 -34.23 -10.39 19.83
C GLU B 213 -34.59 -11.75 19.25
N LYS B 214 -33.97 -12.13 18.14
CA LYS B 214 -34.29 -13.36 17.45
C LYS B 214 -33.36 -14.51 17.83
N TYR B 215 -32.04 -14.27 17.82
CA TYR B 215 -31.07 -15.32 18.09
C TYR B 215 -30.63 -15.38 19.54
N CYS B 216 -30.99 -14.38 20.34
CA CYS B 216 -30.72 -14.38 21.77
C CYS B 216 -32.04 -14.18 22.51
N GLY B 217 -32.01 -14.42 23.82
CA GLY B 217 -33.20 -14.25 24.63
C GLY B 217 -33.44 -12.82 25.05
N PHE B 218 -33.34 -11.89 24.10
CA PHE B 218 -33.62 -10.47 24.38
C PHE B 218 -35.12 -10.25 24.26
N HIS B 219 -35.82 -10.55 25.35
CA HIS B 219 -37.27 -10.41 25.42
C HIS B 219 -37.64 -9.73 26.74
N GLU B 220 -38.80 -9.07 26.74
CA GLU B 220 -39.25 -8.38 27.95
C GLU B 220 -39.38 -9.36 29.11
N ASP B 221 -39.75 -10.61 28.84
CA ASP B 221 -40.04 -11.61 29.86
C ASP B 221 -39.00 -12.73 29.82
N ASN B 222 -37.73 -12.39 29.63
CA ASN B 222 -36.67 -13.37 29.64
C ASN B 222 -35.32 -12.66 29.73
N ILE B 223 -34.41 -13.22 30.51
CA ILE B 223 -33.05 -12.71 30.66
C ILE B 223 -32.12 -13.64 29.89
N PRO B 224 -31.39 -13.15 28.89
CA PRO B 224 -30.51 -14.04 28.13
C PRO B 224 -29.26 -14.42 28.93
N GLN B 225 -28.74 -15.60 28.63
CA GLN B 225 -27.55 -16.11 29.30
C GLN B 225 -26.30 -15.54 28.65
N LEU B 226 -25.30 -15.23 29.48
CA LEU B 226 -24.07 -14.65 28.96
C LEU B 226 -23.37 -15.58 27.97
N GLU B 227 -23.55 -16.89 28.14
CA GLU B 227 -22.93 -17.85 27.22
C GLU B 227 -23.48 -17.67 25.80
N ASP B 228 -24.81 -17.62 25.68
CA ASP B 228 -25.42 -17.42 24.37
C ASP B 228 -24.99 -16.10 23.76
N VAL B 229 -24.84 -15.07 24.58
CA VAL B 229 -24.42 -13.76 24.08
C VAL B 229 -22.97 -13.81 23.61
N SER B 230 -22.09 -14.38 24.43
CA SER B 230 -20.68 -14.48 24.06
C SER B 230 -20.54 -15.21 22.73
N GLN B 231 -21.23 -16.34 22.58
CA GLN B 231 -21.17 -17.07 21.32
C GLN B 231 -21.67 -16.21 20.17
N PHE B 232 -22.62 -15.31 20.43
CA PHE B 232 -23.12 -14.43 19.37
C PHE B 232 -22.08 -13.39 19.00
N LEU B 233 -21.45 -12.75 19.99
CA LEU B 233 -20.42 -11.76 19.71
C LEU B 233 -19.23 -12.40 18.98
N GLN B 234 -18.84 -13.59 19.40
CA GLN B 234 -17.71 -14.27 18.76
C GLN B 234 -17.95 -14.44 17.26
N THR B 235 -19.19 -14.76 16.88
CA THR B 235 -19.53 -14.92 15.48
C THR B 235 -19.71 -13.59 14.76
N CYS B 236 -19.83 -12.48 15.49
CA CYS B 236 -20.00 -11.16 14.89
C CYS B 236 -18.68 -10.42 14.73
N THR B 237 -17.96 -10.21 15.84
CA THR B 237 -16.73 -9.43 15.83
C THR B 237 -15.59 -10.11 16.57
N GLY B 238 -15.77 -11.35 17.02
CA GLY B 238 -14.77 -12.03 17.80
C GLY B 238 -14.77 -11.66 19.27
N PHE B 239 -15.59 -10.70 19.69
CA PHE B 239 -15.68 -10.34 21.09
C PHE B 239 -16.25 -11.49 21.90
N ARG B 240 -15.76 -11.62 23.13
CA ARG B 240 -16.23 -12.66 24.04
C ARG B 240 -16.43 -12.04 25.41
N LEU B 241 -17.32 -12.65 26.19
CA LEU B 241 -17.65 -12.17 27.52
C LEU B 241 -16.89 -12.96 28.57
N ARG B 242 -16.69 -12.33 29.72
CA ARG B 242 -16.01 -12.97 30.84
C ARG B 242 -16.70 -12.58 32.14
N PRO B 243 -17.21 -13.54 32.92
CA PRO B 243 -17.84 -13.19 34.20
C PRO B 243 -16.85 -12.50 35.12
N VAL B 244 -17.36 -11.55 35.89
CA VAL B 244 -16.58 -10.84 36.90
C VAL B 244 -17.49 -10.57 38.09
N ALA B 245 -16.91 -10.62 39.30
CA ALA B 245 -17.71 -10.48 40.51
C ALA B 245 -18.09 -9.03 40.77
N GLY B 246 -17.19 -8.09 40.49
CA GLY B 246 -17.43 -6.69 40.75
C GLY B 246 -16.65 -5.82 39.79
N LEU B 247 -16.08 -4.74 40.32
CA LEU B 247 -15.34 -3.79 39.51
C LEU B 247 -13.85 -4.05 39.65
N LEU B 248 -13.17 -4.24 38.52
CA LEU B 248 -11.73 -4.38 38.50
C LEU B 248 -11.07 -3.01 38.43
N SER B 249 -9.76 -3.00 38.58
CA SER B 249 -9.00 -1.79 38.33
C SER B 249 -9.12 -1.40 36.85
N SER B 250 -9.07 -0.10 36.58
CA SER B 250 -9.19 0.38 35.21
C SER B 250 -8.14 -0.29 34.33
N ARG B 251 -6.94 -0.49 34.86
CA ARG B 251 -5.88 -1.14 34.08
C ARG B 251 -6.34 -2.52 33.62
N ASP B 252 -6.91 -3.31 34.53
CA ASP B 252 -7.37 -4.65 34.18
C ASP B 252 -8.47 -4.61 33.13
N PHE B 253 -9.51 -3.79 33.36
CA PHE B 253 -10.64 -3.76 32.44
C PHE B 253 -10.21 -3.38 31.02
N LEU B 254 -9.55 -2.22 30.88
CA LEU B 254 -9.10 -1.82 29.56
C LEU B 254 -8.14 -2.83 28.96
N GLY B 255 -7.25 -3.40 29.79
CA GLY B 255 -6.33 -4.40 29.29
C GLY B 255 -7.05 -5.55 28.61
N GLY B 256 -8.17 -5.97 29.16
CA GLY B 256 -8.94 -7.05 28.57
C GLY B 256 -9.55 -6.70 27.21
N LEU B 257 -9.70 -5.40 26.92
CA LEU B 257 -10.26 -5.00 25.63
C LEU B 257 -9.29 -5.23 24.49
N ALA B 258 -7.98 -5.20 24.78
CA ALA B 258 -7.00 -5.48 23.74
C ALA B 258 -7.22 -6.84 23.11
N PHE B 259 -7.68 -7.82 23.90
CA PHE B 259 -8.04 -9.14 23.40
C PHE B 259 -9.49 -9.23 22.99
N ARG B 260 -10.18 -8.09 22.86
CA ARG B 260 -11.61 -8.07 22.61
C ARG B 260 -12.36 -8.93 23.63
N VAL B 261 -11.93 -8.83 24.88
CA VAL B 261 -12.58 -9.50 26.00
C VAL B 261 -13.23 -8.43 26.87
N PHE B 262 -14.50 -8.62 27.19
CA PHE B 262 -15.27 -7.68 27.98
C PHE B 262 -15.72 -8.36 29.26
N HIS B 263 -15.16 -7.92 30.38
CA HIS B 263 -15.55 -8.45 31.69
C HIS B 263 -17.00 -8.06 31.97
N CYS B 264 -17.81 -9.04 32.34
CA CYS B 264 -19.26 -8.89 32.40
C CYS B 264 -19.80 -9.33 33.75
N THR B 265 -20.76 -8.58 34.28
CA THR B 265 -21.46 -8.94 35.50
C THR B 265 -22.72 -9.74 35.15
N GLN B 266 -23.03 -10.71 36.01
CA GLN B 266 -24.14 -11.62 35.76
C GLN B 266 -25.35 -11.36 36.66
N TYR B 267 -25.20 -10.55 37.70
CA TYR B 267 -26.29 -10.25 38.62
C TYR B 267 -27.18 -9.13 38.06
N ILE B 268 -28.21 -8.78 38.83
CA ILE B 268 -29.19 -7.77 38.44
C ILE B 268 -29.49 -6.87 39.63
N ARG B 269 -29.98 -5.67 39.33
CA ARG B 269 -30.33 -4.72 40.37
C ARG B 269 -31.40 -5.29 41.29
N HIS B 270 -31.50 -4.72 42.49
CA HIS B 270 -32.57 -5.09 43.41
C HIS B 270 -33.90 -4.61 42.85
N GLY B 271 -34.91 -5.47 42.93
CA GLY B 271 -36.20 -5.15 42.34
C GLY B 271 -36.92 -3.97 42.98
N SER B 272 -36.39 -3.44 44.09
CA SER B 272 -37.07 -2.34 44.76
C SER B 272 -36.99 -1.06 43.93
N LYS B 273 -35.86 -0.83 43.26
CA LYS B 273 -35.65 0.36 42.43
C LYS B 273 -35.03 -0.06 41.10
N PRO B 274 -35.84 -0.55 40.17
CA PRO B 274 -35.29 -1.00 38.88
C PRO B 274 -34.62 0.12 38.09
N MET B 275 -34.89 1.38 38.40
CA MET B 275 -34.38 2.50 37.63
C MET B 275 -33.11 3.10 38.21
N TYR B 276 -32.53 2.49 39.24
CA TYR B 276 -31.32 3.01 39.85
C TYR B 276 -30.36 1.88 40.17
N THR B 277 -29.07 2.15 39.99
CA THR B 277 -28.00 1.21 40.31
C THR B 277 -26.68 1.96 40.53
N PRO B 278 -26.03 1.81 41.69
CA PRO B 278 -24.69 2.39 41.86
C PRO B 278 -23.59 1.61 41.17
N GLU B 279 -23.87 0.40 40.70
CA GLU B 279 -22.87 -0.51 40.15
C GLU B 279 -23.39 -1.11 38.86
N PRO B 280 -22.49 -1.64 38.02
CA PRO B 280 -22.94 -2.28 36.78
C PRO B 280 -23.61 -3.63 37.05
N ASP B 281 -24.67 -3.90 36.30
CA ASP B 281 -25.40 -5.15 36.37
C ASP B 281 -25.63 -5.65 34.95
N ILE B 282 -26.24 -6.83 34.84
CA ILE B 282 -26.46 -7.42 33.52
C ILE B 282 -27.30 -6.49 32.64
N CYS B 283 -28.14 -5.66 33.25
CA CYS B 283 -28.94 -4.71 32.49
C CYS B 283 -28.06 -3.65 31.83
N HIS B 284 -27.15 -3.05 32.61
CA HIS B 284 -26.27 -2.03 32.06
C HIS B 284 -25.41 -2.58 30.94
N GLU B 285 -24.96 -3.82 31.06
CA GLU B 285 -24.01 -4.40 30.13
C GLU B 285 -24.68 -5.10 28.94
N LEU B 286 -25.86 -5.69 29.14
CA LEU B 286 -26.54 -6.34 28.02
C LEU B 286 -27.27 -5.34 27.15
N LEU B 287 -27.83 -4.28 27.75
CA LEU B 287 -28.58 -3.28 26.99
C LEU B 287 -27.73 -2.09 26.58
N GLY B 288 -26.63 -1.83 27.29
CA GLY B 288 -25.77 -0.70 26.99
C GLY B 288 -24.53 -1.08 26.20
N HIS B 289 -23.86 -2.15 26.61
CA HIS B 289 -22.55 -2.51 26.07
C HIS B 289 -22.64 -3.56 24.95
N VAL B 290 -23.38 -4.64 25.16
CA VAL B 290 -23.31 -5.78 24.25
C VAL B 290 -23.64 -5.38 22.81
N PRO B 291 -24.73 -4.67 22.52
CA PRO B 291 -25.07 -4.40 21.12
C PRO B 291 -23.98 -3.67 20.36
N LEU B 292 -23.21 -2.80 21.03
CA LEU B 292 -22.16 -2.06 20.34
C LEU B 292 -20.96 -2.96 20.04
N PHE B 293 -20.60 -3.83 20.97
CA PHE B 293 -19.51 -4.77 20.72
C PHE B 293 -19.80 -5.71 19.57
N SER B 294 -21.06 -5.78 19.11
CA SER B 294 -21.42 -6.60 17.97
C SER B 294 -21.10 -5.92 16.64
N ASP B 295 -20.85 -4.62 16.65
CA ASP B 295 -20.49 -3.89 15.44
C ASP B 295 -18.98 -3.92 15.26
N ARG B 296 -18.54 -4.25 14.05
CA ARG B 296 -17.11 -4.44 13.80
C ARG B 296 -16.34 -3.15 13.99
N SER B 297 -16.85 -2.03 13.46
CA SER B 297 -16.16 -0.75 13.59
C SER B 297 -16.00 -0.36 15.06
N PHE B 298 -17.01 -0.65 15.89
CA PHE B 298 -16.92 -0.31 17.30
C PHE B 298 -15.97 -1.24 18.04
N ALA B 299 -15.94 -2.51 17.65
CA ALA B 299 -15.02 -3.45 18.28
C ALA B 299 -13.58 -2.98 18.10
N GLN B 300 -13.25 -2.46 16.92
CA GLN B 300 -11.90 -1.95 16.67
C GLN B 300 -11.61 -0.74 17.55
N PHE B 301 -12.55 0.19 17.64
CA PHE B 301 -12.34 1.40 18.43
C PHE B 301 -12.05 1.06 19.89
N SER B 302 -12.98 0.35 20.54
CA SER B 302 -12.78 -0.01 21.94
C SER B 302 -11.49 -0.81 22.14
N GLN B 303 -11.10 -1.60 21.13
CA GLN B 303 -9.87 -2.37 21.24
C GLN B 303 -8.65 -1.47 21.32
N GLU B 304 -8.64 -0.39 20.54
CA GLU B 304 -7.51 0.53 20.56
C GLU B 304 -7.32 1.15 21.94
N ILE B 305 -8.41 1.36 22.68
CA ILE B 305 -8.29 1.88 24.03
C ILE B 305 -7.56 0.88 24.92
N GLY B 306 -7.96 -0.37 24.87
CA GLY B 306 -7.27 -1.40 25.63
C GLY B 306 -5.81 -1.52 25.21
N LEU B 307 -5.57 -1.54 23.89
CA LEU B 307 -4.20 -1.61 23.39
C LEU B 307 -3.34 -0.47 23.92
N ALA B 308 -3.93 0.70 24.10
CA ALA B 308 -3.16 1.85 24.57
C ALA B 308 -2.81 1.73 26.06
N SER B 309 -3.50 0.86 26.79
CA SER B 309 -3.26 0.73 28.23
C SER B 309 -2.19 -0.28 28.58
N LEU B 310 -1.83 -1.16 27.65
CA LEU B 310 -0.84 -2.20 27.95
C LEU B 310 0.51 -1.57 28.27
N GLY B 311 0.93 -1.68 29.53
CA GLY B 311 2.21 -1.14 29.94
C GLY B 311 2.24 0.36 30.11
N ALA B 312 1.09 1.03 30.12
CA ALA B 312 1.07 2.47 30.26
C ALA B 312 1.15 2.86 31.74
N PRO B 313 1.83 3.97 32.07
CA PRO B 313 1.89 4.39 33.47
C PRO B 313 0.52 4.74 34.02
N ASP B 314 0.44 4.81 35.36
CA ASP B 314 -0.82 5.14 36.01
C ASP B 314 -1.35 6.50 35.59
N GLU B 315 -0.45 7.44 35.27
CA GLU B 315 -0.90 8.77 34.89
C GLU B 315 -1.73 8.73 33.62
N TYR B 316 -1.34 7.89 32.67
CA TYR B 316 -2.07 7.78 31.40
C TYR B 316 -3.20 6.76 31.45
N ILE B 317 -3.25 5.90 32.47
CA ILE B 317 -4.40 5.02 32.66
C ILE B 317 -5.63 5.83 33.04
N GLU B 318 -5.47 6.77 33.98
CA GLU B 318 -6.57 7.64 34.35
C GLU B 318 -7.06 8.43 33.13
N LYS B 319 -6.12 8.88 32.30
CA LYS B 319 -6.50 9.58 31.07
C LYS B 319 -7.30 8.67 30.15
N LEU B 320 -6.90 7.40 30.06
CA LEU B 320 -7.65 6.44 29.25
C LEU B 320 -9.01 6.15 29.88
N ALA B 321 -9.07 6.09 31.21
CA ALA B 321 -10.35 5.86 31.88
C ALA B 321 -11.31 7.02 31.64
N THR B 322 -10.78 8.25 31.54
CA THR B 322 -11.64 9.40 31.26
C THR B 322 -12.14 9.35 29.82
N ILE B 323 -11.27 8.98 28.88
CA ILE B 323 -11.69 8.83 27.49
C ILE B 323 -12.75 7.75 27.39
N TYR B 324 -12.50 6.60 28.01
CA TYR B 324 -13.50 5.54 28.05
C TYR B 324 -14.82 6.04 28.60
N TRP B 325 -14.77 6.92 29.60
CA TRP B 325 -16.00 7.43 30.21
C TRP B 325 -16.80 8.25 29.22
N PHE B 326 -16.14 9.18 28.53
CA PHE B 326 -16.83 10.09 27.62
C PHE B 326 -17.02 9.53 26.22
N THR B 327 -16.53 8.32 25.96
CA THR B 327 -16.70 7.68 24.66
C THR B 327 -17.54 6.41 24.75
N VAL B 328 -17.13 5.45 25.57
CA VAL B 328 -17.82 4.16 25.60
C VAL B 328 -19.02 4.18 26.52
N GLU B 329 -18.92 4.84 27.68
CA GLU B 329 -20.02 4.85 28.64
C GLU B 329 -21.01 5.97 28.35
N PHE B 330 -20.52 7.17 28.03
CA PHE B 330 -21.37 8.35 27.88
C PHE B 330 -20.94 9.15 26.66
N GLY B 331 -20.75 8.47 25.54
CA GLY B 331 -20.28 9.10 24.31
C GLY B 331 -21.43 9.31 23.33
N LEU B 332 -21.36 10.44 22.62
CA LEU B 332 -22.31 10.79 21.58
C LEU B 332 -21.60 10.77 20.23
N CYS B 333 -22.39 10.58 19.17
CA CYS B 333 -21.82 10.47 17.83
C CYS B 333 -22.67 11.26 16.85
N LYS B 334 -22.00 11.79 15.82
CA LYS B 334 -22.66 12.54 14.77
C LYS B 334 -23.20 11.60 13.70
N GLN B 335 -24.48 11.76 13.36
CA GLN B 335 -25.13 10.96 12.32
C GLN B 335 -25.86 11.92 11.38
N GLY B 336 -25.15 12.37 10.35
CA GLY B 336 -25.75 13.31 9.42
C GLY B 336 -25.95 14.68 10.07
N ASP B 337 -27.11 15.26 9.82
CA ASP B 337 -27.44 16.57 10.39
C ASP B 337 -27.88 16.49 11.84
N SER B 338 -28.00 15.29 12.41
CA SER B 338 -28.44 15.11 13.79
C SER B 338 -27.37 14.39 14.59
N ILE B 339 -27.59 14.34 15.90
CA ILE B 339 -26.69 13.68 16.84
C ILE B 339 -27.47 12.62 17.59
N LYS B 340 -26.82 11.48 17.86
CA LYS B 340 -27.42 10.41 18.65
C LYS B 340 -26.38 9.89 19.63
N ALA B 341 -26.82 8.99 20.51
CA ALA B 341 -25.99 8.48 21.58
C ALA B 341 -25.60 7.03 21.31
N TYR B 342 -24.38 6.67 21.72
CA TYR B 342 -23.89 5.31 21.59
C TYR B 342 -23.22 4.80 22.85
N GLY B 343 -23.11 5.63 23.90
CA GLY B 343 -22.49 5.16 25.12
C GLY B 343 -23.38 4.18 25.86
N ALA B 344 -22.75 3.19 26.50
CA ALA B 344 -23.51 2.17 27.22
C ALA B 344 -24.23 2.76 28.42
N GLY B 345 -23.59 3.70 29.11
CA GLY B 345 -24.24 4.34 30.24
C GLY B 345 -25.50 5.08 29.84
N LEU B 346 -25.56 5.56 28.60
CA LEU B 346 -26.73 6.28 28.11
C LEU B 346 -27.81 5.33 27.63
N LEU B 347 -27.44 4.31 26.86
CA LEU B 347 -28.38 3.38 26.28
C LEU B 347 -29.05 2.50 27.32
N SER B 348 -28.52 2.43 28.54
CA SER B 348 -29.10 1.62 29.61
C SER B 348 -29.80 2.46 30.66
N SER B 349 -29.78 3.79 30.53
CA SER B 349 -30.45 4.69 31.47
C SER B 349 -31.65 5.31 30.77
N PHE B 350 -32.81 5.21 31.41
CA PHE B 350 -34.04 5.71 30.79
C PHE B 350 -34.13 7.24 30.84
N GLY B 351 -33.65 7.84 31.94
CA GLY B 351 -33.73 9.27 32.09
C GLY B 351 -32.67 10.03 31.33
N GLU B 352 -31.41 9.60 31.49
CA GLU B 352 -30.32 10.32 30.84
C GLU B 352 -30.35 10.16 29.33
N LEU B 353 -30.84 9.02 28.83
CA LEU B 353 -30.92 8.82 27.39
C LEU B 353 -31.77 9.89 26.73
N GLN B 354 -32.75 10.43 27.45
CA GLN B 354 -33.55 11.54 26.95
C GLN B 354 -32.92 12.88 27.27
N TYR B 355 -32.19 12.98 28.38
CA TYR B 355 -31.58 14.24 28.77
C TYR B 355 -30.38 14.59 27.90
N CYS B 356 -29.62 13.57 27.47
CA CYS B 356 -28.42 13.84 26.69
C CYS B 356 -28.74 14.27 25.27
N LEU B 357 -29.92 13.89 24.75
CA LEU B 357 -30.32 14.23 23.40
C LEU B 357 -31.09 15.54 23.32
N SER B 358 -31.34 16.19 24.45
CA SER B 358 -32.08 17.45 24.47
C SER B 358 -31.10 18.60 24.23
N GLU B 359 -31.59 19.83 24.41
CA GLU B 359 -30.77 21.03 24.25
C GLU B 359 -30.28 21.57 25.59
N LYS B 360 -30.49 20.83 26.68
CA LYS B 360 -30.08 21.25 28.01
C LYS B 360 -28.58 21.04 28.23
N PRO B 361 -28.03 19.87 27.91
CA PRO B 361 -26.59 19.66 28.15
C PRO B 361 -25.73 20.34 27.09
N LYS B 362 -24.45 20.49 27.43
CA LYS B 362 -23.49 21.15 26.56
C LYS B 362 -22.75 20.11 25.74
N LEU B 363 -22.65 20.34 24.43
CA LEU B 363 -21.99 19.44 23.51
C LEU B 363 -20.73 20.09 22.95
N LEU B 364 -19.65 19.33 22.91
CA LEU B 364 -18.38 19.79 22.37
C LEU B 364 -17.87 18.77 21.37
N PRO B 365 -17.02 19.19 20.43
CA PRO B 365 -16.40 18.22 19.52
C PRO B 365 -15.38 17.35 20.25
N LEU B 366 -15.25 16.11 19.78
CA LEU B 366 -14.37 15.15 20.43
C LEU B 366 -12.91 15.49 20.15
N GLU B 367 -12.17 15.84 21.19
CA GLU B 367 -10.73 16.07 21.10
C GLU B 367 -10.10 15.46 22.35
N LEU B 368 -9.31 14.41 22.16
CA LEU B 368 -8.83 13.63 23.30
C LEU B 368 -7.96 14.46 24.24
N GLU B 369 -7.18 15.39 23.69
CA GLU B 369 -6.30 16.20 24.54
C GLU B 369 -7.09 16.97 25.59
N LYS B 370 -8.36 17.26 25.32
CA LYS B 370 -9.22 17.93 26.29
C LYS B 370 -9.99 16.93 27.15
N THR B 371 -10.42 15.81 26.58
CA THR B 371 -11.20 14.84 27.34
C THR B 371 -10.35 14.11 28.36
N ALA B 372 -9.08 13.87 28.06
CA ALA B 372 -8.24 13.07 28.95
C ALA B 372 -8.15 13.66 30.35
N ILE B 373 -8.19 14.98 30.48
CA ILE B 373 -8.05 15.63 31.78
C ILE B 373 -9.39 16.15 32.32
N GLN B 374 -10.45 16.16 31.52
CA GLN B 374 -11.71 16.71 31.97
C GLN B 374 -12.23 15.95 33.18
N ASN B 375 -12.63 16.70 34.21
CA ASN B 375 -13.24 16.10 35.38
C ASN B 375 -14.72 15.82 35.13
N TYR B 376 -15.24 14.83 35.83
CA TYR B 376 -16.62 14.41 35.64
C TYR B 376 -17.17 13.83 36.93
N THR B 377 -18.47 13.59 36.94
CA THR B 377 -19.17 13.02 38.09
C THR B 377 -19.87 11.74 37.65
N VAL B 378 -20.15 10.90 38.64
CA VAL B 378 -20.81 9.61 38.39
C VAL B 378 -22.22 9.55 38.98
N THR B 379 -22.54 10.40 39.95
CA THR B 379 -23.84 10.33 40.61
C THR B 379 -24.94 10.93 39.73
N GLU B 380 -24.82 12.21 39.39
CA GLU B 380 -25.82 12.90 38.60
C GLU B 380 -25.51 12.75 37.11
N PHE B 381 -26.47 13.14 36.29
CA PHE B 381 -26.26 13.15 34.84
C PHE B 381 -25.04 13.99 34.50
N GLN B 382 -24.52 13.78 33.30
CA GLN B 382 -23.32 14.49 32.89
C GLN B 382 -23.68 15.90 32.45
N PRO B 383 -22.99 16.93 32.95
CA PRO B 383 -23.28 18.29 32.49
C PRO B 383 -22.97 18.51 31.02
N LEU B 384 -22.00 17.78 30.47
CA LEU B 384 -21.61 17.93 29.08
C LEU B 384 -21.45 16.55 28.46
N TYR B 385 -21.43 16.54 27.13
CA TYR B 385 -21.22 15.32 26.36
C TYR B 385 -20.31 15.62 25.19
N TYR B 386 -19.50 14.64 24.82
CA TYR B 386 -18.58 14.75 23.69
C TYR B 386 -19.14 14.02 22.49
N VAL B 387 -19.13 14.68 21.33
CA VAL B 387 -19.71 14.15 20.10
C VAL B 387 -18.57 13.68 19.22
N ALA B 388 -18.63 12.41 18.82
CA ALA B 388 -17.63 11.83 17.94
C ALA B 388 -18.13 11.87 16.50
N GLU B 389 -17.23 12.19 15.57
CA GLU B 389 -17.60 12.21 14.17
C GLU B 389 -18.01 10.82 13.69
N SER B 390 -17.27 9.79 14.12
CA SER B 390 -17.55 8.42 13.75
C SER B 390 -16.69 7.51 14.61
N PHE B 391 -16.92 6.20 14.49
CA PHE B 391 -16.09 5.24 15.20
C PHE B 391 -14.71 5.15 14.59
N ASN B 392 -14.63 5.14 13.26
CA ASN B 392 -13.33 5.15 12.59
C ASN B 392 -12.58 6.44 12.88
N ASP B 393 -13.30 7.54 13.07
CA ASP B 393 -12.65 8.80 13.44
C ASP B 393 -12.16 8.74 14.88
N ALA B 394 -12.98 8.20 15.78
CA ALA B 394 -12.55 8.06 17.17
C ALA B 394 -11.41 7.06 17.30
N LYS B 395 -11.41 6.02 16.46
CA LYS B 395 -10.33 5.04 16.50
C LYS B 395 -8.99 5.68 16.23
N GLU B 396 -8.91 6.51 15.17
CA GLU B 396 -7.65 7.14 14.82
C GLU B 396 -7.19 8.11 15.89
N LYS B 397 -8.14 8.73 16.61
CA LYS B 397 -7.76 9.60 17.72
C LYS B 397 -7.08 8.81 18.83
N VAL B 398 -7.54 7.59 19.07
CA VAL B 398 -6.90 6.75 20.09
C VAL B 398 -5.48 6.38 19.68
N ARG B 399 -5.29 6.04 18.41
CA ARG B 399 -3.95 5.71 17.92
C ARG B 399 -3.00 6.88 18.13
N ASN B 400 -3.43 8.09 17.77
CA ASN B 400 -2.59 9.27 17.97
C ASN B 400 -2.29 9.49 19.45
N PHE B 401 -3.30 9.33 20.31
CA PHE B 401 -3.06 9.48 21.75
C PHE B 401 -2.19 8.36 22.29
N ALA B 402 -2.32 7.16 21.74
CA ALA B 402 -1.50 6.04 22.19
C ALA B 402 -0.02 6.32 21.99
N ALA B 403 0.33 7.14 20.99
CA ALA B 403 1.73 7.45 20.73
C ALA B 403 2.31 8.34 21.82
N THR B 404 1.51 9.24 22.37
CA THR B 404 2.01 10.14 23.41
C THR B 404 2.27 9.40 24.71
N ILE B 405 1.71 8.22 24.88
CA ILE B 405 1.88 7.43 26.11
C ILE B 405 3.31 6.90 26.13
N PRO B 406 4.11 7.21 27.15
CA PRO B 406 5.48 6.70 27.19
C PRO B 406 5.55 5.19 27.41
N ARG B 407 5.96 4.46 26.38
CA ARG B 407 6.14 3.03 26.46
C ARG B 407 7.37 2.66 25.64
N PRO B 408 8.18 1.71 26.11
CA PRO B 408 9.39 1.34 25.37
C PRO B 408 9.13 0.37 24.22
N PHE B 409 7.88 0.24 23.82
CA PHE B 409 7.51 -0.69 22.75
C PHE B 409 6.11 -0.36 22.25
N SER B 410 5.77 -0.95 21.12
CA SER B 410 4.41 -0.92 20.59
C SER B 410 3.77 -2.29 20.75
N VAL B 411 2.45 -2.34 20.64
CA VAL B 411 1.69 -3.55 20.90
C VAL B 411 0.73 -3.80 19.74
N ARG B 412 0.52 -5.07 19.43
CA ARG B 412 -0.49 -5.48 18.46
C ARG B 412 -1.03 -6.84 18.87
N TYR B 413 -2.32 -7.05 18.61
CA TYR B 413 -3.00 -8.29 18.96
C TYR B 413 -3.05 -9.19 17.74
N ASP B 414 -2.72 -10.47 17.93
CA ASP B 414 -2.76 -11.46 16.87
C ASP B 414 -3.91 -12.42 17.12
N PRO B 415 -5.05 -12.28 16.42
CA PRO B 415 -6.17 -13.21 16.66
C PRO B 415 -5.87 -14.65 16.28
N TYR B 416 -4.92 -14.89 15.38
CA TYR B 416 -4.60 -16.26 15.01
C TYR B 416 -4.06 -17.03 16.21
N THR B 417 -3.05 -16.47 16.89
CA THR B 417 -2.47 -17.09 18.07
C THR B 417 -3.05 -16.54 19.37
N GLN B 418 -3.84 -15.48 19.31
CA GLN B 418 -4.47 -14.89 20.49
C GLN B 418 -3.42 -14.47 21.51
N ARG B 419 -2.37 -13.82 21.03
CA ARG B 419 -1.32 -13.28 21.88
C ARG B 419 -1.05 -11.83 21.49
N ILE B 420 -0.40 -11.12 22.39
CA ILE B 420 0.02 -9.75 22.15
C ILE B 420 1.43 -9.79 21.60
N GLU B 421 1.69 -8.97 20.58
CA GLU B 421 3.00 -8.88 19.95
C GLU B 421 3.66 -7.60 20.44
N VAL B 422 4.76 -7.74 21.19
CA VAL B 422 5.55 -6.59 21.57
C VAL B 422 6.38 -6.19 20.35
N LEU B 423 6.33 -4.91 20.00
CA LEU B 423 6.92 -4.40 18.77
C LEU B 423 7.77 -3.18 19.06
N ASP B 424 9.09 -3.32 18.91
CA ASP B 424 9.94 -2.14 18.96
C ASP B 424 10.20 -1.64 17.55
N ASN B 425 10.38 -2.55 16.60
CA ASN B 425 10.40 -2.20 15.18
C ASN B 425 9.03 -2.54 14.56
N THR B 426 7.99 -1.91 15.10
CA THR B 426 6.62 -2.20 14.69
C THR B 426 6.37 -1.93 13.22
N GLN B 427 7.18 -1.08 12.59
CA GLN B 427 6.91 -0.65 11.22
C GLN B 427 6.98 -1.81 10.22
N GLN B 428 7.77 -2.85 10.51
CA GLN B 428 7.88 -3.94 9.56
C GLN B 428 6.60 -4.76 9.45
N LEU B 429 5.75 -4.76 10.49
CA LEU B 429 4.54 -5.56 10.46
C LEU B 429 3.34 -4.82 9.86
N LYS B 430 3.23 -3.52 10.08
CA LYS B 430 2.11 -2.77 9.50
C LYS B 430 2.16 -2.79 7.98
N ILE B 431 3.36 -2.73 7.40
CA ILE B 431 3.50 -2.76 5.95
C ILE B 431 3.09 -4.11 5.39
N LEU B 432 3.42 -5.19 6.10
CA LEU B 432 3.05 -6.52 5.62
C LEU B 432 1.53 -6.71 5.59
N ALA B 433 0.80 -5.97 6.42
CA ALA B 433 -0.66 -6.04 6.38
C ALA B 433 -1.22 -5.30 5.17
N ASP B 434 -0.58 -4.20 4.77
CA ASP B 434 -1.02 -3.48 3.59
C ASP B 434 -0.85 -4.33 2.32
N SER B 435 0.30 -4.99 2.19
CA SER B 435 0.54 -5.83 1.02
C SER B 435 -0.49 -6.94 0.89
N ILE B 436 -1.16 -7.30 1.99
CA ILE B 436 -2.20 -8.31 1.93
C ILE B 436 -3.52 -7.69 1.51
N ASN B 437 -3.92 -6.61 2.20
CA ASN B 437 -5.17 -5.94 1.88
C ASN B 437 -5.21 -5.46 0.43
N SER B 438 -4.06 -5.03 -0.09
CA SER B 438 -4.04 -4.50 -1.46
C SER B 438 -4.21 -5.61 -2.49
N GLU B 439 -3.64 -6.79 -2.25
CA GLU B 439 -3.82 -7.87 -3.21
C GLU B 439 -5.24 -8.43 -3.19
N ILE B 440 -6.07 -8.02 -2.23
CA ILE B 440 -7.46 -8.45 -2.20
C ILE B 440 -8.34 -7.52 -3.03
N GLY B 441 -7.89 -6.30 -3.31
CA GLY B 441 -8.65 -5.40 -4.16
C GLY B 441 -8.46 -5.67 -5.64
N ILE B 442 -7.29 -6.17 -6.03
CA ILE B 442 -7.05 -6.46 -7.43
C ILE B 442 -7.51 -7.88 -7.79
N LEU B 443 -7.53 -8.78 -6.82
CA LEU B 443 -8.03 -10.13 -7.07
C LEU B 443 -9.55 -10.14 -7.12
N CYS B 444 -10.20 -9.48 -6.16
CA CYS B 444 -11.65 -9.35 -6.16
C CYS B 444 -12.10 -8.30 -7.17
N SER B 445 -11.80 -8.57 -8.44
CA SER B 445 -12.12 -7.68 -9.55
C SER B 445 -13.12 -8.39 -10.44
N ALA B 446 -14.40 -8.23 -10.12
CA ALA B 446 -15.45 -8.90 -10.89
C ALA B 446 -15.58 -8.28 -12.28
N LEU B 447 -15.55 -6.96 -12.38
CA LEU B 447 -15.66 -6.26 -13.65
C LEU B 447 -14.49 -5.30 -13.85
N THR C 21 31.96 -9.67 -26.92
CA THR C 21 30.93 -9.18 -26.01
C THR C 21 30.64 -7.71 -26.28
N SER C 22 29.53 -7.22 -25.73
CA SER C 22 29.13 -5.83 -25.90
C SER C 22 29.58 -4.92 -24.76
N TYR C 23 30.25 -5.48 -23.74
CA TYR C 23 30.71 -4.66 -22.62
C TYR C 23 31.96 -3.90 -23.05
N ILE C 24 31.88 -2.57 -22.96
CA ILE C 24 33.00 -1.69 -23.28
C ILE C 24 33.41 -1.00 -21.98
N GLU C 25 34.64 -1.21 -21.56
CA GLU C 25 35.11 -0.68 -20.29
C GLU C 25 35.05 0.84 -20.29
N ASP C 26 34.89 1.41 -19.10
CA ASP C 26 34.77 2.85 -18.95
C ASP C 26 36.15 3.51 -18.98
N ASN C 27 36.24 4.61 -19.71
CA ASN C 27 37.47 5.39 -19.84
C ASN C 27 37.22 6.82 -19.37
N SER C 28 38.16 7.35 -18.59
CA SER C 28 38.06 8.71 -18.08
C SER C 28 38.96 9.65 -18.88
N ASN C 29 38.65 10.94 -18.79
CA ASN C 29 39.42 11.97 -19.48
C ASN C 29 40.57 12.45 -18.60
N GLN C 30 41.44 13.25 -19.20
CA GLN C 30 42.47 13.93 -18.41
C GLN C 30 41.82 14.79 -17.33
N ASN C 31 40.69 15.42 -17.66
CA ASN C 31 39.91 16.18 -16.68
C ASN C 31 38.74 15.31 -16.20
N GLY C 32 39.10 14.26 -15.47
CA GLY C 32 38.10 13.36 -14.93
C GLY C 32 37.11 14.10 -14.04
N ALA C 33 35.82 13.87 -14.27
CA ALA C 33 34.80 14.58 -13.52
C ALA C 33 34.78 14.12 -12.08
N ILE C 34 34.90 15.07 -11.15
CA ILE C 34 34.82 14.79 -9.71
C ILE C 34 33.73 15.67 -9.12
N SER C 35 32.71 15.04 -8.56
CA SER C 35 31.57 15.75 -7.99
C SER C 35 31.30 15.22 -6.58
N LEU C 36 30.77 16.09 -5.73
CA LEU C 36 30.47 15.75 -4.35
C LEU C 36 28.98 15.86 -4.11
N ILE C 37 28.50 15.10 -3.12
CA ILE C 37 27.10 15.09 -2.72
C ILE C 37 27.04 15.05 -1.21
N PHE C 38 26.26 15.94 -0.61
CA PHE C 38 26.13 15.99 0.84
C PHE C 38 24.97 16.89 1.21
N SER C 39 24.39 16.62 2.38
CA SER C 39 23.31 17.43 2.94
C SER C 39 23.72 17.89 4.33
N LEU C 40 23.19 19.04 4.74
CA LEU C 40 23.58 19.65 6.00
C LEU C 40 22.40 20.39 6.61
N LYS C 41 22.48 20.60 7.92
CA LYS C 41 21.42 21.29 8.66
C LYS C 41 21.71 22.78 8.71
N GLU C 42 20.65 23.58 8.87
CA GLU C 42 20.74 25.03 8.93
C GLU C 42 20.82 25.54 10.37
N GLU C 43 21.23 24.67 11.31
CA GLU C 43 21.28 25.07 12.72
C GLU C 43 22.43 26.03 13.00
N VAL C 44 23.64 25.69 12.53
CA VAL C 44 24.81 26.55 12.76
C VAL C 44 25.01 27.51 11.60
N GLY C 45 23.96 27.73 10.81
CA GLY C 45 24.13 28.66 9.70
C GLY C 45 25.04 28.02 8.69
N ALA C 46 24.50 27.09 7.90
CA ALA C 46 25.28 26.26 7.01
C ALA C 46 25.50 26.90 5.64
N LEU C 47 24.48 27.54 5.09
CA LEU C 47 24.64 28.17 3.79
C LEU C 47 25.87 29.07 3.79
N ALA C 48 26.00 29.92 4.81
CA ALA C 48 27.17 30.79 4.89
C ALA C 48 28.44 29.99 5.18
N LYS C 49 28.38 29.04 6.11
CA LYS C 49 29.58 28.31 6.50
C LYS C 49 30.10 27.45 5.35
N VAL C 50 29.20 26.87 4.56
CA VAL C 50 29.62 25.99 3.47
C VAL C 50 30.01 26.81 2.24
N LEU C 51 29.15 27.76 1.86
CA LEU C 51 29.43 28.57 0.68
C LEU C 51 30.76 29.30 0.82
N ARG C 52 31.07 29.75 2.03
CA ARG C 52 32.35 30.42 2.27
C ARG C 52 33.52 29.47 2.19
N LEU C 53 33.32 28.20 2.56
CA LEU C 53 34.41 27.23 2.47
C LEU C 53 34.89 27.09 1.04
N PHE C 54 33.99 27.21 0.07
CA PHE C 54 34.37 27.14 -1.34
C PHE C 54 34.95 28.45 -1.81
N GLU C 55 34.42 29.57 -1.32
CA GLU C 55 34.94 30.88 -1.69
C GLU C 55 36.39 31.06 -1.24
N GLU C 56 36.77 30.41 -0.13
CA GLU C 56 38.15 30.50 0.32
C GLU C 56 39.10 29.83 -0.67
N ASN C 57 38.60 28.90 -1.46
CA ASN C 57 39.35 28.26 -2.53
C ASN C 57 38.95 28.86 -3.86
N ASP C 58 39.75 28.58 -4.89
CA ASP C 58 39.43 29.03 -6.23
C ASP C 58 38.29 28.22 -6.80
N VAL C 59 37.09 28.41 -6.25
CA VAL C 59 35.88 27.69 -6.67
C VAL C 59 34.79 28.71 -6.89
N ASN C 60 34.32 28.84 -8.14
CA ASN C 60 33.31 29.82 -8.47
C ASN C 60 31.93 29.31 -8.06
N LEU C 61 31.08 30.24 -7.63
CA LEU C 61 29.75 29.88 -7.15
C LEU C 61 28.92 29.21 -8.24
N THR C 62 29.10 29.63 -9.50
CA THR C 62 28.31 29.08 -10.59
C THR C 62 28.40 27.57 -10.68
N HIS C 63 29.47 26.98 -10.14
CA HIS C 63 29.64 25.51 -10.13
C HIS C 63 29.30 24.93 -8.77
N ILE C 64 28.20 25.39 -8.18
CA ILE C 64 27.72 24.91 -6.89
C ILE C 64 26.22 25.15 -6.83
N GLU C 65 25.46 24.13 -6.43
CA GLU C 65 24.02 24.24 -6.25
C GLU C 65 23.67 23.95 -4.80
N SER C 66 22.75 24.74 -4.26
CA SER C 66 22.24 24.55 -2.91
C SER C 66 20.72 24.50 -3.01
N ARG C 67 20.15 23.32 -2.76
CA ARG C 67 18.72 23.16 -2.89
C ARG C 67 18.13 22.61 -1.59
N PRO C 68 16.86 22.91 -1.31
CA PRO C 68 16.25 22.40 -0.08
C PRO C 68 16.00 20.90 -0.13
N SER C 69 16.21 20.25 1.01
CA SER C 69 15.91 18.82 1.12
C SER C 69 14.42 18.64 1.35
N ARG C 70 13.82 17.71 0.61
CA ARG C 70 12.39 17.45 0.74
C ARG C 70 12.12 16.58 1.96
N LEU C 71 11.00 16.86 2.64
CA LEU C 71 10.58 16.19 3.86
C LEU C 71 11.46 16.53 5.06
N LYS C 72 12.53 17.30 4.89
CA LYS C 72 13.42 17.71 5.99
C LYS C 72 13.60 19.22 5.87
N LYS C 73 12.58 19.95 6.33
CA LYS C 73 12.51 21.40 6.28
C LYS C 73 13.76 22.13 6.77
N ASP C 74 14.65 21.42 7.48
CA ASP C 74 15.83 22.05 8.05
C ASP C 74 17.13 21.57 7.42
N GLU C 75 17.08 21.04 6.20
CA GLU C 75 18.28 20.55 5.53
C GLU C 75 18.37 21.14 4.13
N TYR C 76 19.60 21.35 3.68
CA TYR C 76 19.91 21.77 2.32
C TYR C 76 20.68 20.66 1.62
N GLU C 77 20.40 20.46 0.34
CA GLU C 77 21.17 19.53 -0.48
C GLU C 77 22.14 20.33 -1.34
N PHE C 78 23.39 19.90 -1.38
CA PHE C 78 24.45 20.60 -2.09
C PHE C 78 25.00 19.74 -3.21
N PHE C 79 25.17 20.34 -4.38
CA PHE C 79 25.74 19.66 -5.54
C PHE C 79 26.85 20.52 -6.12
N THR C 80 28.02 19.91 -6.32
CA THR C 80 29.17 20.58 -6.94
C THR C 80 29.64 19.74 -8.11
N HIS C 81 29.94 20.41 -9.23
CA HIS C 81 30.36 19.72 -10.46
C HIS C 81 31.68 20.32 -10.94
N LEU C 82 32.79 19.76 -10.48
CA LEU C 82 34.14 20.20 -10.86
C LEU C 82 34.91 19.01 -11.43
N ASP C 83 36.19 19.23 -11.68
CA ASP C 83 37.09 18.20 -12.19
C ASP C 83 38.43 18.34 -11.49
N LYS C 84 39.44 17.67 -12.02
CA LYS C 84 40.76 17.64 -11.40
C LYS C 84 41.58 18.90 -11.69
N ARG C 85 41.01 19.91 -12.35
CA ARG C 85 41.76 21.14 -12.59
C ARG C 85 42.24 21.75 -11.28
N SER C 86 41.40 21.74 -10.26
CA SER C 86 41.74 22.27 -8.94
C SER C 86 41.60 21.12 -7.94
N LEU C 87 42.57 20.22 -7.94
CA LEU C 87 42.61 19.11 -7.01
C LEU C 87 43.13 19.54 -5.64
N PRO C 88 44.22 20.31 -5.56
CA PRO C 88 44.74 20.65 -4.22
C PRO C 88 43.76 21.50 -3.42
N ALA C 89 42.89 22.24 -4.10
CA ALA C 89 41.83 22.99 -3.44
C ALA C 89 40.60 22.14 -3.17
N LEU C 90 40.63 20.85 -3.51
CA LEU C 90 39.48 19.97 -3.33
C LEU C 90 39.70 18.89 -2.29
N THR C 91 40.90 18.33 -2.18
CA THR C 91 41.16 17.30 -1.18
C THR C 91 41.11 17.83 0.25
N ASN C 92 41.21 19.15 0.43
CA ASN C 92 41.11 19.74 1.76
C ASN C 92 39.68 20.07 2.14
N ILE C 93 38.84 20.44 1.17
CA ILE C 93 37.46 20.79 1.46
C ILE C 93 36.70 19.56 1.95
N ILE C 94 36.93 18.42 1.29
CA ILE C 94 36.19 17.20 1.60
C ILE C 94 36.45 16.78 3.05
N LYS C 95 37.67 17.01 3.54
CA LYS C 95 38.00 16.61 4.90
C LYS C 95 37.25 17.44 5.92
N ILE C 96 37.12 18.74 5.69
CA ILE C 96 36.43 19.60 6.65
C ILE C 96 34.95 19.23 6.71
N LEU C 97 34.38 18.72 5.61
CA LEU C 97 32.97 18.38 5.60
C LEU C 97 32.70 17.02 6.25
N ARG C 98 33.60 16.06 6.05
CA ARG C 98 33.35 14.69 6.51
C ARG C 98 33.74 14.51 7.98
N HIS C 99 34.93 14.99 8.36
CA HIS C 99 35.43 14.70 9.70
C HIS C 99 34.66 15.49 10.75
N ASP C 100 34.34 16.75 10.45
CA ASP C 100 33.60 17.56 11.42
C ASP C 100 32.18 17.04 11.54
N ILE C 101 31.55 17.34 12.67
CA ILE C 101 30.22 16.83 12.97
C ILE C 101 29.19 17.62 12.18
N GLY C 102 28.25 16.91 11.55
CA GLY C 102 27.10 17.52 10.92
C GLY C 102 26.90 17.19 9.46
N ALA C 103 27.87 16.58 8.77
CA ALA C 103 27.77 16.40 7.33
C ALA C 103 28.33 15.05 6.91
N THR C 104 27.56 14.33 6.11
CA THR C 104 28.01 13.14 5.41
C THR C 104 28.19 13.49 3.94
N VAL C 105 29.27 12.99 3.33
CA VAL C 105 29.62 13.35 1.96
C VAL C 105 29.95 12.11 1.16
N HIS C 106 29.55 12.12 -0.11
CA HIS C 106 29.88 11.07 -1.08
C HIS C 106 30.70 11.70 -2.19
N GLU C 107 31.91 11.19 -2.40
CA GLU C 107 32.80 11.69 -3.44
C GLU C 107 32.63 10.84 -4.69
N LEU C 108 32.29 11.48 -5.80
CA LEU C 108 32.15 10.80 -7.08
C LEU C 108 33.31 11.20 -7.98
N SER C 109 34.03 10.20 -8.48
CA SER C 109 35.16 10.42 -9.37
C SER C 109 35.05 9.44 -10.54
N ARG C 110 35.80 9.71 -11.61
CA ARG C 110 35.78 8.79 -12.74
C ARG C 110 36.81 7.68 -12.59
N ASP C 111 37.95 7.92 -11.94
CA ASP C 111 38.90 6.85 -11.71
C ASP C 111 39.84 7.11 -10.54
N LYS C 112 39.39 6.90 -9.30
CA LYS C 112 40.30 6.93 -8.16
C LYS C 112 40.17 5.63 -7.38
N LYS C 113 38.92 5.23 -7.07
CA LYS C 113 38.61 3.91 -6.54
C LYS C 113 39.06 3.73 -5.09
N LYS C 114 39.79 4.71 -4.55
CA LYS C 114 40.29 4.58 -3.18
C LYS C 114 39.13 4.63 -2.18
N ASP C 115 38.42 5.75 -2.14
CA ASP C 115 37.27 5.93 -1.27
C ASP C 115 36.16 6.67 -1.99
N THR C 116 36.01 6.44 -3.29
CA THR C 116 35.03 7.14 -4.11
C THR C 116 34.16 6.14 -4.85
N VAL C 117 32.95 6.59 -5.17
CA VAL C 117 31.98 5.81 -5.94
C VAL C 117 32.14 6.18 -7.41
N PRO C 118 31.96 5.25 -8.35
CA PRO C 118 32.08 5.62 -9.77
C PRO C 118 31.13 6.76 -10.12
N TRP C 119 31.66 7.77 -10.78
CA TRP C 119 30.90 8.96 -11.12
C TRP C 119 29.71 8.61 -12.02
N PHE C 120 28.62 9.35 -11.82
CA PHE C 120 27.44 9.26 -12.67
C PHE C 120 26.80 10.63 -12.72
N PRO C 121 26.06 10.96 -13.78
CA PRO C 121 25.43 12.28 -13.87
C PRO C 121 24.24 12.39 -12.93
N ARG C 122 24.20 13.48 -12.16
CA ARG C 122 23.09 13.73 -11.25
C ARG C 122 21.93 14.45 -11.92
N THR C 123 22.17 15.15 -13.03
CA THR C 123 21.13 15.88 -13.73
C THR C 123 21.21 15.55 -15.22
N ILE C 124 20.04 15.63 -15.87
CA ILE C 124 19.96 15.31 -17.30
C ILE C 124 20.91 16.19 -18.11
N GLN C 125 21.13 17.43 -17.69
CA GLN C 125 22.03 18.31 -18.43
C GLN C 125 23.46 17.77 -18.45
N GLU C 126 23.87 17.07 -17.39
CA GLU C 126 25.23 16.55 -17.31
C GLU C 126 25.51 15.42 -18.29
N LEU C 127 24.50 14.90 -18.98
CA LEU C 127 24.76 13.90 -20.01
C LEU C 127 25.62 14.47 -21.14
N ASP C 128 25.72 15.79 -21.23
CA ASP C 128 26.56 16.41 -22.25
C ASP C 128 28.05 16.18 -21.98
N ARG C 129 28.42 15.88 -20.73
CA ARG C 129 29.82 15.77 -20.38
C ARG C 129 30.51 14.67 -21.19
N PHE C 130 30.07 13.43 -21.01
CA PHE C 130 30.70 12.27 -21.64
C PHE C 130 29.91 11.74 -22.83
N ALA C 131 29.14 12.60 -23.49
CA ALA C 131 28.41 12.21 -24.69
C ALA C 131 29.31 12.02 -25.90
N ASN C 132 30.58 12.42 -25.82
CA ASN C 132 31.52 12.31 -26.93
C ASN C 132 32.64 11.30 -26.63
N GLN C 133 32.36 10.29 -25.82
CA GLN C 133 33.36 9.31 -25.39
C GLN C 133 33.39 8.10 -26.32
N ILE C 134 33.50 8.37 -27.62
CA ILE C 134 33.57 7.31 -28.62
C ILE C 134 34.97 6.72 -28.66
N LEU C 135 35.05 5.45 -29.02
CA LEU C 135 36.33 4.77 -29.18
C LEU C 135 37.23 5.51 -30.17
N GLU C 140 33.33 5.27 -38.07
CA GLU C 140 33.75 4.27 -39.06
C GLU C 140 35.26 4.29 -39.22
N LEU C 141 35.95 3.47 -38.44
CA LEU C 141 37.40 3.39 -38.47
C LEU C 141 37.90 1.97 -38.71
N ASP C 142 37.01 1.03 -39.01
CA ASP C 142 37.38 -0.36 -39.23
C ASP C 142 37.61 -0.61 -40.72
N ALA C 143 38.78 -1.17 -41.03
CA ALA C 143 39.12 -1.42 -42.43
C ALA C 143 38.15 -2.39 -43.08
N ASP C 144 37.63 -3.34 -42.31
CA ASP C 144 36.74 -4.36 -42.82
C ASP C 144 35.29 -3.88 -42.94
N HIS C 145 35.01 -2.62 -42.59
CA HIS C 145 33.66 -2.11 -42.70
C HIS C 145 33.18 -2.23 -44.15
N PRO C 146 31.90 -2.54 -44.38
CA PRO C 146 31.42 -2.69 -45.76
C PRO C 146 31.75 -1.49 -46.64
N GLY C 147 31.30 -0.31 -46.23
CA GLY C 147 31.67 0.91 -46.93
C GLY C 147 32.99 1.47 -46.46
N PHE C 148 34.10 0.93 -46.96
CA PHE C 148 35.43 1.45 -46.64
C PHE C 148 36.06 2.14 -47.83
N LYS C 149 36.06 1.50 -49.01
CA LYS C 149 36.61 2.13 -50.21
C LYS C 149 35.55 3.04 -50.84
N ASP C 150 35.05 3.98 -50.04
CA ASP C 150 34.04 4.91 -50.51
C ASP C 150 34.29 6.29 -49.91
N PRO C 151 34.71 7.28 -50.72
CA PRO C 151 34.94 8.61 -50.14
C PRO C 151 33.66 9.27 -49.65
N VAL C 152 32.52 8.98 -50.27
CA VAL C 152 31.27 9.61 -49.89
C VAL C 152 30.82 9.09 -48.52
N TYR C 153 30.66 7.78 -48.40
CA TYR C 153 30.19 7.20 -47.14
C TYR C 153 31.17 7.52 -46.01
N ARG C 154 32.46 7.30 -46.25
CA ARG C 154 33.46 7.61 -45.24
C ARG C 154 33.37 9.06 -44.81
N ALA C 155 33.12 9.96 -45.77
CA ALA C 155 32.95 11.38 -45.46
C ALA C 155 31.59 11.66 -44.85
N ARG C 156 30.54 11.01 -45.37
CA ARG C 156 29.19 11.22 -44.85
C ARG C 156 29.12 10.85 -43.37
N ARG C 157 29.94 9.91 -42.91
CA ARG C 157 29.92 9.52 -41.50
C ARG C 157 30.47 10.63 -40.62
N LYS C 158 31.55 11.30 -41.06
CA LYS C 158 32.08 12.42 -40.29
C LYS C 158 31.08 13.55 -40.19
N GLN C 159 30.20 13.69 -41.19
CA GLN C 159 29.17 14.71 -41.15
C GLN C 159 28.22 14.46 -39.99
N PHE C 160 27.80 13.20 -39.81
CA PHE C 160 26.95 12.86 -38.67
C PHE C 160 27.69 12.99 -37.35
N ALA C 161 29.01 12.75 -37.34
CA ALA C 161 29.77 12.84 -36.11
C ALA C 161 29.79 14.27 -35.58
N ASP C 162 29.87 15.25 -36.48
CA ASP C 162 29.86 16.64 -36.04
C ASP C 162 28.53 17.02 -35.39
N ILE C 163 27.42 16.44 -35.87
CA ILE C 163 26.13 16.73 -35.28
C ILE C 163 26.08 16.26 -33.83
N ALA C 164 26.61 15.06 -33.57
CA ALA C 164 26.59 14.52 -32.22
C ALA C 164 27.54 15.28 -31.30
N TYR C 165 28.77 15.52 -31.77
CA TYR C 165 29.74 16.24 -30.95
C TYR C 165 29.24 17.62 -30.56
N ASN C 166 28.48 18.28 -31.44
CA ASN C 166 28.01 19.63 -31.19
C ASN C 166 26.62 19.68 -30.56
N TYR C 167 25.97 18.55 -30.35
CA TYR C 167 24.63 18.55 -29.78
C TYR C 167 24.67 18.76 -28.28
N ARG C 168 23.70 19.54 -27.79
CA ARG C 168 23.51 19.77 -26.37
C ARG C 168 22.06 19.46 -26.02
N HIS C 169 21.82 19.23 -24.72
CA HIS C 169 20.52 18.73 -24.28
C HIS C 169 19.39 19.67 -24.68
N GLY C 170 19.60 20.98 -24.57
CA GLY C 170 18.53 21.91 -24.87
C GLY C 170 18.24 22.07 -26.35
N GLN C 171 19.25 21.88 -27.19
CA GLN C 171 19.08 22.11 -28.61
C GLN C 171 18.14 21.08 -29.24
N PRO C 172 17.39 21.47 -30.27
CA PRO C 172 16.64 20.49 -31.06
C PRO C 172 17.59 19.71 -31.97
N ILE C 173 17.30 18.42 -32.15
CA ILE C 173 18.14 17.57 -32.98
C ILE C 173 18.15 18.12 -34.40
N PRO C 174 19.30 18.50 -34.96
CA PRO C 174 19.32 19.00 -36.33
C PRO C 174 18.81 17.96 -37.32
N ARG C 175 17.92 18.40 -38.22
CA ARG C 175 17.44 17.52 -39.28
C ARG C 175 18.46 17.47 -40.42
N VAL C 176 18.48 16.34 -41.12
CA VAL C 176 19.42 16.11 -42.22
C VAL C 176 18.63 15.58 -43.40
N GLU C 177 19.00 16.03 -44.60
CA GLU C 177 18.39 15.55 -45.84
C GLU C 177 19.15 14.32 -46.30
N TYR C 178 18.54 13.14 -46.15
CA TYR C 178 19.19 11.89 -46.53
C TYR C 178 19.20 11.73 -48.05
N MET C 179 20.30 11.22 -48.57
CA MET C 179 20.44 11.03 -50.00
C MET C 179 19.55 9.89 -50.47
N GLU C 180 19.26 9.89 -51.78
CA GLU C 180 18.38 8.88 -52.35
C GLU C 180 18.97 7.49 -52.16
N GLU C 181 20.30 7.35 -52.26
CA GLU C 181 20.93 6.06 -52.03
C GLU C 181 20.71 5.57 -50.61
N GLU C 182 20.51 6.50 -49.67
CA GLU C 182 20.31 6.12 -48.28
C GLU C 182 18.85 5.77 -48.00
N LYS C 183 17.92 6.45 -48.66
CA LYS C 183 16.51 6.09 -48.53
C LYS C 183 16.27 4.68 -49.06
N LYS C 184 16.98 4.30 -50.13
CA LYS C 184 16.84 2.96 -50.68
C LYS C 184 17.28 1.90 -49.67
N THR C 185 18.42 2.12 -49.02
CA THR C 185 18.88 1.18 -48.00
C THR C 185 17.84 1.03 -46.89
N TRP C 186 17.34 2.16 -46.39
CA TRP C 186 16.27 2.12 -45.39
C TRP C 186 15.08 1.33 -45.90
N GLY C 187 14.65 1.59 -47.14
CA GLY C 187 13.52 0.88 -47.69
C GLY C 187 13.74 -0.62 -47.74
N THR C 188 14.95 -1.05 -48.14
CA THR C 188 15.25 -2.47 -48.19
C THR C 188 15.07 -3.12 -46.83
N VAL C 189 15.54 -2.46 -45.78
CA VAL C 189 15.41 -3.01 -44.42
C VAL C 189 13.97 -2.90 -43.95
N PHE C 190 13.29 -1.80 -44.28
CA PHE C 190 11.93 -1.57 -43.80
C PHE C 190 10.97 -2.61 -44.36
N LYS C 191 10.94 -2.76 -45.69
CA LYS C 191 9.96 -3.65 -46.30
C LYS C 191 10.18 -5.10 -45.87
N THR C 192 11.43 -5.54 -45.82
CA THR C 192 11.70 -6.94 -45.51
C THR C 192 11.35 -7.28 -44.06
N LEU C 193 11.39 -6.29 -43.17
CA LEU C 193 11.10 -6.53 -41.76
C LEU C 193 9.63 -6.31 -41.42
N LYS C 194 8.97 -5.36 -42.07
CA LYS C 194 7.56 -5.08 -41.75
C LYS C 194 6.69 -6.32 -41.92
N SER C 195 7.07 -7.21 -42.84
CA SER C 195 6.27 -8.41 -43.08
C SER C 195 6.37 -9.40 -41.93
N LEU C 196 7.37 -9.27 -41.06
CA LEU C 196 7.57 -10.22 -39.98
C LEU C 196 7.06 -9.72 -38.63
N TYR C 197 6.80 -8.42 -38.50
CA TYR C 197 6.44 -7.87 -37.20
C TYR C 197 5.08 -8.35 -36.74
N LYS C 198 4.11 -8.41 -37.66
CA LYS C 198 2.75 -8.75 -37.28
C LYS C 198 2.67 -10.15 -36.65
N THR C 199 3.59 -11.04 -37.01
CA THR C 199 3.56 -12.42 -36.55
C THR C 199 4.70 -12.77 -35.60
N HIS C 200 5.85 -12.10 -35.70
CA HIS C 200 6.99 -12.42 -34.86
C HIS C 200 7.20 -11.45 -33.70
N ALA C 201 6.78 -10.20 -33.85
CA ALA C 201 6.97 -9.21 -32.80
C ALA C 201 5.87 -9.30 -31.75
N CYS C 202 6.22 -8.90 -30.52
CA CYS C 202 5.29 -8.95 -29.42
C CYS C 202 4.13 -7.97 -29.66
N TYR C 203 3.09 -8.11 -28.83
CA TYR C 203 1.89 -7.30 -28.98
C TYR C 203 2.21 -5.81 -28.88
N GLU C 204 3.08 -5.43 -27.95
CA GLU C 204 3.37 -4.02 -27.74
C GLU C 204 3.95 -3.38 -29.00
N TYR C 205 4.77 -4.12 -29.75
CA TYR C 205 5.38 -3.57 -30.95
C TYR C 205 4.31 -3.22 -31.98
N ASN C 206 3.52 -4.20 -32.40
CA ASN C 206 2.47 -3.97 -33.38
C ASN C 206 1.41 -2.99 -32.87
N HIS C 207 1.39 -2.71 -31.57
CA HIS C 207 0.47 -1.72 -31.02
C HIS C 207 0.95 -0.30 -31.32
N ILE C 208 2.25 -0.07 -31.27
CA ILE C 208 2.80 1.27 -31.47
C ILE C 208 3.07 1.55 -32.94
N PHE C 209 3.54 0.54 -33.68
CA PHE C 209 4.01 0.75 -35.05
C PHE C 209 3.00 1.50 -35.91
N PRO C 210 1.71 1.17 -35.90
CA PRO C 210 0.76 1.95 -36.73
C PRO C 210 0.78 3.44 -36.40
N LEU C 211 1.00 3.82 -35.14
CA LEU C 211 1.08 5.23 -34.80
C LEU C 211 2.31 5.88 -35.40
N LEU C 212 3.44 5.17 -35.37
CA LEU C 212 4.66 5.73 -35.96
C LEU C 212 4.52 5.92 -37.45
N GLU C 213 3.66 5.13 -38.11
CA GLU C 213 3.44 5.29 -39.53
C GLU C 213 2.64 6.54 -39.85
N LYS C 214 1.82 7.00 -38.91
CA LYS C 214 0.94 8.13 -39.11
C LYS C 214 1.53 9.44 -38.59
N TYR C 215 2.06 9.44 -37.37
CA TYR C 215 2.55 10.65 -36.75
C TYR C 215 4.06 10.84 -36.94
N CYS C 216 4.75 9.83 -37.43
CA CYS C 216 6.17 9.93 -37.77
C CYS C 216 6.35 9.50 -39.23
N GLY C 217 7.59 9.58 -39.71
CA GLY C 217 7.88 9.20 -41.08
C GLY C 217 8.29 7.74 -41.23
N PHE C 218 7.55 6.84 -40.60
CA PHE C 218 7.82 5.40 -40.73
C PHE C 218 7.13 4.88 -41.98
N HIS C 219 7.81 5.06 -43.11
CA HIS C 219 7.32 4.61 -44.40
C HIS C 219 8.46 3.92 -45.15
N GLU C 220 8.07 3.05 -46.10
CA GLU C 220 9.07 2.33 -46.88
C GLU C 220 10.01 3.27 -47.60
N ASP C 221 9.52 4.43 -48.04
CA ASP C 221 10.29 5.35 -48.88
C ASP C 221 10.55 6.67 -48.17
N ASN C 222 10.91 6.62 -46.88
CA ASN C 222 11.23 7.84 -46.16
C ASN C 222 11.93 7.49 -44.86
N ILE C 223 12.92 8.29 -44.50
CA ILE C 223 13.66 8.14 -43.24
C ILE C 223 13.17 9.23 -42.30
N PRO C 224 12.60 8.89 -41.14
CA PRO C 224 12.11 9.93 -40.23
C PRO C 224 13.25 10.62 -39.50
N GLN C 225 13.00 11.87 -39.12
CA GLN C 225 14.00 12.66 -38.40
C GLN C 225 13.97 12.33 -36.91
N LEU C 226 15.16 12.28 -36.30
CA LEU C 226 15.25 11.93 -34.89
C LEU C 226 14.49 12.93 -34.02
N GLU C 227 14.38 14.18 -34.46
CA GLU C 227 13.64 15.17 -33.69
C GLU C 227 12.15 14.81 -33.65
N ASP C 228 11.57 14.47 -34.81
CA ASP C 228 10.17 14.09 -34.85
C ASP C 228 9.93 12.85 -34.01
N VAL C 229 10.88 11.91 -34.00
CA VAL C 229 10.73 10.69 -33.21
C VAL C 229 10.85 11.03 -31.73
N SER C 230 11.87 11.81 -31.36
CA SER C 230 12.07 12.16 -29.96
C SER C 230 10.82 12.83 -29.38
N GLN C 231 10.25 13.79 -30.12
CA GLN C 231 9.03 14.44 -29.66
C GLN C 231 7.89 13.44 -29.49
N PHE C 232 7.86 12.39 -30.30
CA PHE C 232 6.81 11.39 -30.17
C PHE C 232 6.97 10.56 -28.91
N LEU C 233 8.20 10.12 -28.63
CA LEU C 233 8.45 9.34 -27.42
C LEU C 233 8.16 10.17 -26.18
N GLN C 234 8.54 11.45 -26.18
CA GLN C 234 8.30 12.30 -25.03
C GLN C 234 6.82 12.35 -24.69
N THR C 235 5.96 12.39 -25.71
CA THR C 235 4.51 12.42 -25.49
C THR C 235 3.95 11.06 -25.14
N CYS C 236 4.71 9.99 -25.31
CA CYS C 236 4.25 8.64 -24.98
C CYS C 236 4.69 8.24 -23.57
N THR C 237 6.00 8.25 -23.33
CA THR C 237 6.55 7.80 -22.05
C THR C 237 7.58 8.77 -21.50
N GLY C 238 7.76 9.94 -22.11
CA GLY C 238 8.78 10.88 -21.67
C GLY C 238 10.16 10.58 -22.19
N PHE C 239 10.36 9.46 -22.89
CA PHE C 239 11.66 9.15 -23.46
C PHE C 239 12.04 10.17 -24.52
N ARG C 240 13.33 10.46 -24.60
CA ARG C 240 13.86 11.39 -25.58
C ARG C 240 15.13 10.82 -26.18
N LEU C 241 15.44 11.24 -27.40
CA LEU C 241 16.59 10.76 -28.13
C LEU C 241 17.76 11.74 -28.01
N ARG C 242 18.97 11.21 -28.17
CA ARG C 242 20.18 12.03 -28.14
C ARG C 242 21.15 11.55 -29.22
N PRO C 243 21.58 12.42 -30.14
CA PRO C 243 22.55 11.99 -31.15
C PRO C 243 23.84 11.49 -30.51
N VAL C 244 24.44 10.50 -31.14
CA VAL C 244 25.71 9.93 -30.70
C VAL C 244 26.54 9.57 -31.93
N ALA C 245 27.85 9.77 -31.84
CA ALA C 245 28.73 9.53 -32.98
C ALA C 245 29.05 8.05 -33.14
N GLY C 246 29.27 7.34 -32.04
CA GLY C 246 29.67 5.94 -32.08
C GLY C 246 29.23 5.20 -30.85
N LEU C 247 30.10 4.34 -30.33
CA LEU C 247 29.79 3.51 -29.17
C LEU C 247 30.39 4.15 -27.92
N LEU C 248 29.54 4.41 -26.93
CA LEU C 248 29.98 4.91 -25.64
C LEU C 248 30.31 3.76 -24.71
N SER C 249 30.89 4.08 -23.56
CA SER C 249 31.06 3.09 -22.52
C SER C 249 29.69 2.60 -22.04
N SER C 250 29.64 1.33 -21.63
CA SER C 250 28.37 0.77 -21.18
C SER C 250 27.77 1.59 -20.04
N ARG C 251 28.61 2.07 -19.13
CA ARG C 251 28.13 2.90 -18.04
C ARG C 251 27.45 4.17 -18.56
N ASP C 252 28.11 4.86 -19.49
CA ASP C 252 27.53 6.09 -20.04
C ASP C 252 26.21 5.80 -20.73
N PHE C 253 26.20 4.82 -21.64
CA PHE C 253 24.97 4.49 -22.36
C PHE C 253 23.88 4.07 -21.37
N LEU C 254 24.17 3.07 -20.54
CA LEU C 254 23.18 2.60 -19.58
C LEU C 254 22.77 3.71 -18.61
N GLY C 255 23.73 4.53 -18.18
CA GLY C 255 23.41 5.62 -17.28
C GLY C 255 22.33 6.53 -17.83
N GLY C 256 22.36 6.80 -19.14
CA GLY C 256 21.37 7.66 -19.74
C GLY C 256 19.96 7.12 -19.67
N LEU C 257 19.80 5.81 -19.47
CA LEU C 257 18.46 5.24 -19.39
C LEU C 257 17.77 5.62 -18.09
N ALA C 258 18.53 5.90 -17.03
CA ALA C 258 17.93 6.35 -15.78
C ALA C 258 17.10 7.61 -15.99
N PHE C 259 17.52 8.48 -16.91
CA PHE C 259 16.79 9.67 -17.27
C PHE C 259 15.82 9.44 -18.42
N ARG C 260 15.56 8.18 -18.77
CA ARG C 260 14.76 7.84 -19.94
C ARG C 260 15.30 8.56 -21.18
N VAL C 261 16.62 8.59 -21.29
CA VAL C 261 17.32 9.12 -22.44
C VAL C 261 18.00 7.95 -23.15
N PHE C 262 17.81 7.87 -24.47
CA PHE C 262 18.35 6.79 -25.27
C PHE C 262 19.30 7.40 -26.30
N HIS C 263 20.60 7.14 -26.15
CA HIS C 263 21.58 7.63 -27.10
C HIS C 263 21.37 6.95 -28.44
N CYS C 264 21.28 7.74 -29.51
CA CYS C 264 20.86 7.28 -30.81
C CYS C 264 21.85 7.73 -31.88
N THR C 265 22.13 6.84 -32.83
CA THR C 265 22.96 7.16 -33.98
C THR C 265 22.09 7.63 -35.14
N GLN C 266 22.61 8.57 -35.92
CA GLN C 266 21.86 9.19 -37.00
C GLN C 266 22.29 8.73 -38.38
N TYR C 267 23.43 8.04 -38.51
CA TYR C 267 23.89 7.58 -39.80
C TYR C 267 23.17 6.29 -40.19
N ILE C 268 23.50 5.77 -41.37
CA ILE C 268 22.87 4.56 -41.89
C ILE C 268 23.94 3.66 -42.47
N ARG C 269 23.65 2.36 -42.51
CA ARG C 269 24.59 1.39 -43.05
C ARG C 269 24.89 1.69 -44.51
N HIS C 270 26.02 1.15 -44.98
CA HIS C 270 26.37 1.29 -46.40
C HIS C 270 25.42 0.49 -47.27
N GLY C 271 25.00 1.10 -48.37
CA GLY C 271 24.02 0.49 -49.26
C GLY C 271 24.51 -0.77 -49.96
N SER C 272 25.79 -1.11 -49.83
CA SER C 272 26.31 -2.29 -50.52
C SER C 272 25.75 -3.58 -49.95
N LYS C 273 25.54 -3.62 -48.64
CA LYS C 273 25.00 -4.81 -47.96
C LYS C 273 23.93 -4.34 -46.98
N PRO C 274 22.72 -4.08 -47.47
CA PRO C 274 21.65 -3.60 -46.58
C PRO C 274 21.30 -4.57 -45.47
N MET C 275 21.66 -5.84 -45.60
CA MET C 275 21.28 -6.85 -44.62
C MET C 275 22.36 -7.12 -43.58
N TYR C 276 23.43 -6.31 -43.56
CA TYR C 276 24.51 -6.50 -42.61
C TYR C 276 24.98 -5.15 -42.09
N THR C 277 25.32 -5.11 -40.81
CA THR C 277 25.87 -3.91 -40.20
C THR C 277 26.65 -4.33 -38.95
N PRO C 278 27.95 -3.99 -38.86
CA PRO C 278 28.69 -4.30 -37.63
C PRO C 278 28.40 -3.35 -36.48
N GLU C 279 27.69 -2.25 -36.74
CA GLU C 279 27.45 -1.19 -35.77
C GLU C 279 25.99 -0.81 -35.80
N PRO C 280 25.51 -0.14 -34.75
CA PRO C 280 24.11 0.34 -34.76
C PRO C 280 23.93 1.51 -35.71
N ASP C 281 22.80 1.51 -36.42
CA ASP C 281 22.42 2.58 -37.30
C ASP C 281 20.96 2.95 -37.05
N ILE C 282 20.47 3.96 -37.75
CA ILE C 282 19.10 4.41 -37.53
C ILE C 282 18.11 3.28 -37.79
N CYS C 283 18.47 2.33 -38.66
CA CYS C 283 17.59 1.20 -38.90
C CYS C 283 17.43 0.34 -37.66
N HIS C 284 18.56 -0.04 -37.04
CA HIS C 284 18.50 -0.84 -35.82
C HIS C 284 17.75 -0.11 -34.71
N GLU C 285 17.95 1.21 -34.61
CA GLU C 285 17.42 1.98 -33.50
C GLU C 285 16.01 2.50 -33.74
N LEU C 286 15.65 2.82 -34.98
CA LEU C 286 14.30 3.29 -35.26
C LEU C 286 13.32 2.14 -35.38
N LEU C 287 13.76 1.00 -35.91
CA LEU C 287 12.88 -0.16 -36.06
C LEU C 287 13.01 -1.15 -34.91
N GLY C 288 14.11 -1.13 -34.19
CA GLY C 288 14.32 -2.06 -33.10
C GLY C 288 14.06 -1.50 -31.71
N HIS C 289 14.54 -0.29 -31.44
CA HIS C 289 14.50 0.26 -30.07
C HIS C 289 13.32 1.18 -29.81
N VAL C 290 13.11 2.21 -30.64
CA VAL C 290 12.15 3.25 -30.29
C VAL C 290 10.75 2.70 -30.08
N PRO C 291 10.21 1.80 -30.92
CA PRO C 291 8.81 1.41 -30.72
C PRO C 291 8.52 0.88 -29.33
N LEU C 292 9.50 0.22 -28.70
CA LEU C 292 9.30 -0.31 -27.36
C LEU C 292 9.33 0.82 -26.32
N PHE C 293 10.20 1.81 -26.52
CA PHE C 293 10.25 2.95 -25.61
C PHE C 293 8.95 3.73 -25.57
N SER C 294 8.03 3.47 -26.50
CA SER C 294 6.73 4.13 -26.47
C SER C 294 5.78 3.48 -25.47
N ASP C 295 6.08 2.27 -25.02
CA ASP C 295 5.27 1.60 -24.01
C ASP C 295 5.78 1.93 -22.62
N ARG C 296 4.86 2.29 -21.73
CA ARG C 296 5.27 2.71 -20.38
C ARG C 296 5.91 1.56 -19.62
N SER C 297 5.33 0.36 -19.71
CA SER C 297 5.87 -0.78 -18.98
C SER C 297 7.31 -1.05 -19.38
N PHE C 298 7.63 -0.94 -20.67
CA PHE C 298 9.00 -1.17 -21.11
C PHE C 298 9.90 0.02 -20.74
N ALA C 299 9.36 1.24 -20.82
CA ALA C 299 10.15 2.40 -20.43
C ALA C 299 10.56 2.32 -18.97
N GLN C 300 9.65 1.87 -18.11
CA GLN C 300 9.98 1.70 -16.69
C GLN C 300 11.03 0.61 -16.52
N PHE C 301 10.87 -0.51 -17.23
CA PHE C 301 11.84 -1.60 -17.12
C PHE C 301 13.23 -1.12 -17.50
N SER C 302 13.39 -0.57 -18.70
CA SER C 302 14.69 -0.08 -19.14
C SER C 302 15.22 0.99 -18.20
N GLN C 303 14.34 1.77 -17.58
CA GLN C 303 14.78 2.82 -16.67
C GLN C 303 15.43 2.22 -15.43
N GLU C 304 14.86 1.14 -14.91
CA GLU C 304 15.42 0.51 -13.72
C GLU C 304 16.83 0.00 -13.99
N ILE C 305 17.11 -0.43 -15.21
CA ILE C 305 18.46 -0.86 -15.56
C ILE C 305 19.41 0.33 -15.50
N GLY C 306 19.02 1.44 -16.11
CA GLY C 306 19.84 2.64 -16.03
C GLY C 306 20.05 3.08 -14.59
N LEU C 307 18.97 3.11 -13.81
CA LEU C 307 19.09 3.47 -12.40
C LEU C 307 20.04 2.53 -11.68
N ALA C 308 20.09 1.27 -12.07
CA ALA C 308 20.95 0.31 -11.39
C ALA C 308 22.42 0.53 -11.71
N SER C 309 22.74 1.27 -12.77
CA SER C 309 24.13 1.47 -13.17
C SER C 309 24.77 2.66 -12.49
N LEU C 310 23.98 3.58 -11.94
CA LEU C 310 24.52 4.78 -11.31
C LEU C 310 25.37 4.41 -10.10
N GLY C 311 26.68 4.63 -10.19
CA GLY C 311 27.58 4.34 -9.10
C GLY C 311 27.90 2.88 -8.89
N ALA C 312 27.58 2.02 -9.86
CA ALA C 312 27.87 0.60 -9.72
C ALA C 312 29.33 0.32 -10.10
N PRO C 313 30.00 -0.62 -9.43
CA PRO C 313 31.38 -0.93 -9.81
C PRO C 313 31.47 -1.50 -11.22
N ASP C 314 32.69 -1.47 -11.76
CA ASP C 314 32.90 -1.98 -13.12
C ASP C 314 32.52 -3.45 -13.22
N GLU C 315 32.72 -4.22 -12.16
CA GLU C 315 32.37 -5.63 -12.19
C GLU C 315 30.88 -5.82 -12.38
N TYR C 316 30.06 -4.96 -11.77
CA TYR C 316 28.62 -5.07 -11.86
C TYR C 316 28.05 -4.33 -13.08
N ILE C 317 28.84 -3.48 -13.72
CA ILE C 317 28.41 -2.90 -14.98
C ILE C 317 28.41 -3.96 -16.08
N GLU C 318 29.48 -4.76 -16.14
CA GLU C 318 29.52 -5.86 -17.10
C GLU C 318 28.37 -6.83 -16.86
N LYS C 319 28.07 -7.12 -15.60
CA LYS C 319 26.92 -7.96 -15.29
C LYS C 319 25.63 -7.30 -15.75
N LEU C 320 25.54 -5.97 -15.58
CA LEU C 320 24.37 -5.24 -16.06
C LEU C 320 24.32 -5.23 -17.59
N ALA C 321 25.49 -5.15 -18.23
CA ALA C 321 25.53 -5.19 -19.69
C ALA C 321 25.03 -6.51 -20.23
N THR C 322 25.26 -7.61 -19.50
CA THR C 322 24.77 -8.91 -19.95
C THR C 322 23.26 -8.98 -19.86
N ILE C 323 22.68 -8.45 -18.78
CA ILE C 323 21.23 -8.43 -18.64
C ILE C 323 20.61 -7.62 -19.76
N TYR C 324 21.14 -6.41 -20.00
CA TYR C 324 20.67 -5.60 -21.12
C TYR C 324 20.74 -6.36 -22.43
N TRP C 325 21.79 -7.17 -22.61
CA TRP C 325 21.95 -7.91 -23.86
C TRP C 325 20.82 -8.91 -24.07
N PHE C 326 20.50 -9.68 -23.04
CA PHE C 326 19.50 -10.74 -23.15
C PHE C 326 18.07 -10.24 -22.94
N THR C 327 17.88 -8.95 -22.65
CA THR C 327 16.55 -8.40 -22.47
C THR C 327 16.22 -7.34 -23.52
N VAL C 328 17.01 -6.28 -23.63
CA VAL C 328 16.67 -5.17 -24.52
C VAL C 328 17.12 -5.43 -25.94
N GLU C 329 18.31 -5.99 -26.12
CA GLU C 329 18.83 -6.21 -27.47
C GLU C 329 18.36 -7.54 -28.04
N PHE C 330 18.36 -8.60 -27.23
CA PHE C 330 18.06 -9.95 -27.70
C PHE C 330 17.14 -10.67 -26.72
N GLY C 331 16.08 -9.99 -26.27
CA GLY C 331 15.15 -10.55 -25.30
C GLY C 331 13.84 -11.00 -25.92
N LEU C 332 13.31 -12.12 -25.42
CA LEU C 332 12.01 -12.64 -25.79
C LEU C 332 11.05 -12.56 -24.62
N CYS C 333 9.75 -12.54 -24.93
CA CYS C 333 8.71 -12.38 -23.92
C CYS C 333 7.56 -13.35 -24.18
N LYS C 334 6.87 -13.70 -23.10
CA LYS C 334 5.72 -14.59 -23.17
C LYS C 334 4.47 -13.79 -23.51
N GLN C 335 3.72 -14.26 -24.51
CA GLN C 335 2.47 -13.62 -24.92
C GLN C 335 1.37 -14.68 -25.00
N GLY C 336 0.68 -14.89 -23.87
CA GLY C 336 -0.36 -15.90 -23.84
C GLY C 336 0.23 -17.29 -23.90
N ASP C 337 -0.38 -18.14 -24.72
CA ASP C 337 0.12 -19.50 -24.89
C ASP C 337 1.33 -19.57 -25.81
N SER C 338 1.72 -18.44 -26.40
CA SER C 338 2.86 -18.36 -27.30
C SER C 338 3.87 -17.36 -26.76
N ILE C 339 5.04 -17.34 -27.40
CA ILE C 339 6.12 -16.43 -27.04
C ILE C 339 6.46 -15.59 -28.26
N LYS C 340 6.81 -14.33 -28.04
CA LYS C 340 7.19 -13.41 -29.09
C LYS C 340 8.46 -12.68 -28.69
N ALA C 341 9.00 -11.90 -29.61
CA ALA C 341 10.26 -11.23 -29.43
C ALA C 341 10.05 -9.73 -29.23
N TYR C 342 10.89 -9.13 -28.39
CA TYR C 342 10.86 -7.70 -28.15
C TYR C 342 12.24 -7.06 -28.16
N GLY C 343 13.31 -7.85 -28.33
CA GLY C 343 14.64 -7.28 -28.38
C GLY C 343 14.88 -6.53 -29.67
N ALA C 344 15.66 -5.45 -29.56
CA ALA C 344 15.94 -4.63 -30.74
C ALA C 344 16.79 -5.39 -31.75
N GLY C 345 17.72 -6.21 -31.27
CA GLY C 345 18.55 -6.98 -32.19
C GLY C 345 17.75 -7.93 -33.05
N LEU C 346 16.61 -8.42 -32.54
CA LEU C 346 15.76 -9.31 -33.31
C LEU C 346 14.81 -8.52 -34.22
N LEU C 347 14.22 -7.44 -33.69
CA LEU C 347 13.25 -6.69 -34.47
C LEU C 347 13.88 -5.97 -35.66
N SER C 348 15.20 -5.81 -35.66
CA SER C 348 15.91 -5.18 -36.76
C SER C 348 16.71 -6.17 -37.60
N SER C 349 16.73 -7.45 -37.23
CA SER C 349 17.44 -8.48 -37.96
C SER C 349 16.45 -9.41 -38.64
N PHE C 350 16.64 -9.61 -39.94
CA PHE C 350 15.70 -10.43 -40.72
C PHE C 350 15.91 -11.92 -40.45
N GLY C 351 17.15 -12.34 -40.24
CA GLY C 351 17.45 -13.74 -40.02
C GLY C 351 17.14 -14.20 -38.61
N GLU C 352 17.59 -13.43 -37.63
CA GLU C 352 17.41 -13.84 -36.23
C GLU C 352 15.94 -13.79 -35.81
N LEU C 353 15.16 -12.86 -36.36
CA LEU C 353 13.75 -12.79 -36.00
C LEU C 353 13.02 -14.07 -36.35
N GLN C 354 13.47 -14.78 -37.39
CA GLN C 354 12.90 -16.07 -37.74
C GLN C 354 13.54 -17.21 -36.96
N TYR C 355 14.83 -17.08 -36.63
CA TYR C 355 15.55 -18.15 -35.95
C TYR C 355 15.18 -18.23 -34.47
N CYS C 356 14.89 -17.10 -33.83
CA CYS C 356 14.63 -17.12 -32.40
C CYS C 356 13.28 -17.74 -32.07
N LEU C 357 12.33 -17.70 -33.00
CA LEU C 357 11.00 -18.24 -32.75
C LEU C 357 10.89 -19.70 -33.18
N SER C 358 11.94 -20.28 -33.73
CA SER C 358 11.92 -21.68 -34.15
C SER C 358 12.25 -22.56 -32.96
N GLU C 359 12.50 -23.85 -33.22
CA GLU C 359 12.85 -24.81 -32.18
C GLU C 359 14.35 -25.11 -32.14
N LYS C 360 15.16 -24.37 -32.88
CA LYS C 360 16.60 -24.61 -32.92
C LYS C 360 17.30 -24.05 -31.68
N PRO C 361 17.03 -22.81 -31.27
CA PRO C 361 17.72 -22.27 -30.10
C PRO C 361 17.13 -22.78 -28.79
N LYS C 362 17.92 -22.64 -27.74
CA LYS C 362 17.53 -23.09 -26.40
C LYS C 362 16.96 -21.92 -25.62
N LEU C 363 15.81 -22.14 -24.98
CA LEU C 363 15.12 -21.12 -24.21
C LEU C 363 15.15 -21.46 -22.74
N LEU C 364 15.43 -20.47 -21.91
CA LEU C 364 15.45 -20.62 -20.46
C LEU C 364 14.61 -19.52 -19.83
N PRO C 365 14.10 -19.73 -18.63
CA PRO C 365 13.39 -18.65 -17.93
C PRO C 365 14.33 -17.55 -17.47
N LEU C 366 13.82 -16.32 -17.45
CA LEU C 366 14.63 -15.17 -17.10
C LEU C 366 14.91 -15.15 -15.60
N GLU C 367 16.17 -15.28 -15.23
CA GLU C 367 16.60 -15.14 -13.84
C GLU C 367 17.93 -14.41 -13.84
N LEU C 368 17.94 -13.20 -13.27
CA LEU C 368 19.11 -12.34 -13.39
C LEU C 368 20.35 -12.97 -12.76
N GLU C 369 20.16 -13.70 -11.65
CA GLU C 369 21.31 -14.32 -11.01
C GLU C 369 22.01 -15.29 -11.95
N LYS C 370 21.28 -15.83 -12.92
CA LYS C 370 21.83 -16.71 -13.95
C LYS C 370 22.23 -15.95 -15.20
N THR C 371 21.44 -14.94 -15.58
CA THR C 371 21.71 -14.20 -16.81
C THR C 371 22.92 -13.28 -16.68
N ALA C 372 23.14 -12.72 -15.49
CA ALA C 372 24.20 -11.74 -15.31
C ALA C 372 25.56 -12.34 -15.67
N ILE C 373 25.75 -13.63 -15.46
CA ILE C 373 27.04 -14.28 -15.71
C ILE C 373 27.06 -15.08 -17.01
N GLN C 374 25.91 -15.28 -17.64
CA GLN C 374 25.88 -16.07 -18.86
C GLN C 374 26.73 -15.42 -19.94
N ASN C 375 27.59 -16.23 -20.57
CA ASN C 375 28.40 -15.77 -21.68
C ASN C 375 27.58 -15.79 -22.97
N TYR C 376 27.96 -14.93 -23.91
CA TYR C 376 27.22 -14.79 -25.16
C TYR C 376 28.18 -14.36 -26.25
N THR C 377 27.68 -14.39 -27.48
CA THR C 377 28.45 -14.00 -28.65
C THR C 377 27.74 -12.85 -29.36
N VAL C 378 28.52 -12.11 -30.14
CA VAL C 378 28.02 -10.96 -30.88
C VAL C 378 28.07 -11.16 -32.39
N THR C 379 28.92 -12.06 -32.89
CA THR C 379 29.07 -12.24 -34.34
C THR C 379 27.92 -13.06 -34.91
N GLU C 380 27.80 -14.31 -34.45
CA GLU C 380 26.78 -15.22 -34.96
C GLU C 380 25.50 -15.08 -34.13
N PHE C 381 24.43 -15.71 -34.62
CA PHE C 381 23.18 -15.72 -33.88
C PHE C 381 23.40 -16.26 -32.47
N GLN C 382 22.45 -15.96 -31.60
CA GLN C 382 22.58 -16.35 -30.19
C GLN C 382 22.22 -17.82 -30.03
N PRO C 383 23.07 -18.62 -29.37
CA PRO C 383 22.69 -20.03 -29.13
C PRO C 383 21.50 -20.17 -28.21
N LEU C 384 21.28 -19.23 -27.30
CA LEU C 384 20.19 -19.30 -26.34
C LEU C 384 19.50 -17.95 -26.24
N TYR C 385 18.29 -17.98 -25.69
CA TYR C 385 17.52 -16.77 -25.46
C TYR C 385 16.80 -16.92 -24.12
N TYR C 386 16.62 -15.79 -23.44
CA TYR C 386 15.91 -15.75 -22.16
C TYR C 386 14.51 -15.20 -22.37
N VAL C 387 13.52 -15.90 -21.81
CA VAL C 387 12.12 -15.56 -21.98
C VAL C 387 11.63 -14.91 -20.69
N ALA C 388 11.10 -13.69 -20.81
CA ALA C 388 10.55 -12.96 -19.68
C ALA C 388 9.04 -13.15 -19.61
N GLU C 389 8.52 -13.30 -18.40
CA GLU C 389 7.08 -13.44 -18.23
C GLU C 389 6.36 -12.17 -18.68
N SER C 390 6.92 -11.00 -18.35
CA SER C 390 6.31 -9.72 -18.72
C SER C 390 7.32 -8.63 -18.45
N PHE C 391 6.97 -7.41 -18.84
CA PHE C 391 7.84 -6.27 -18.58
C PHE C 391 7.84 -5.89 -17.10
N ASN C 392 6.66 -5.92 -16.47
CA ASN C 392 6.59 -5.63 -15.04
C ASN C 392 7.33 -6.68 -14.23
N ASP C 393 7.36 -7.93 -14.71
CA ASP C 393 8.10 -8.97 -14.01
C ASP C 393 9.60 -8.76 -14.15
N ALA C 394 10.06 -8.43 -15.35
CA ALA C 394 11.48 -8.16 -15.55
C ALA C 394 11.92 -6.92 -14.78
N LYS C 395 11.05 -5.94 -14.64
CA LYS C 395 11.38 -4.73 -13.90
C LYS C 395 11.73 -5.07 -12.45
N GLU C 396 10.88 -5.87 -11.79
CA GLU C 396 11.10 -6.19 -10.39
C GLU C 396 12.35 -7.03 -10.20
N LYS C 397 12.71 -7.86 -11.18
CA LYS C 397 13.94 -8.64 -11.07
C LYS C 397 15.17 -7.73 -11.08
N VAL C 398 15.14 -6.65 -11.86
CA VAL C 398 16.25 -5.71 -11.86
C VAL C 398 16.35 -5.01 -10.52
N ARG C 399 15.21 -4.63 -9.95
CA ARG C 399 15.22 -4.02 -8.62
C ARG C 399 15.86 -4.95 -7.61
N ASN C 400 15.48 -6.22 -7.63
CA ASN C 400 16.09 -7.20 -6.74
C ASN C 400 17.59 -7.32 -6.98
N PHE C 401 17.99 -7.34 -8.25
CA PHE C 401 19.42 -7.40 -8.56
C PHE C 401 20.11 -6.09 -8.19
N ALA C 402 19.40 -4.96 -8.32
CA ALA C 402 19.99 -3.68 -7.95
C ALA C 402 20.40 -3.64 -6.49
N ALA C 403 19.73 -4.41 -5.64
CA ALA C 403 20.07 -4.42 -4.22
C ALA C 403 21.41 -5.12 -3.98
N THR C 404 21.72 -6.14 -4.78
CA THR C 404 22.97 -6.86 -4.61
C THR C 404 24.18 -6.03 -5.03
N ILE C 405 23.96 -4.96 -5.80
CA ILE C 405 25.04 -4.10 -6.26
C ILE C 405 25.54 -3.28 -5.08
N PRO C 406 26.82 -3.37 -4.70
CA PRO C 406 27.31 -2.58 -3.57
C PRO C 406 27.35 -1.09 -3.89
N ARG C 407 26.47 -0.32 -3.25
CA ARG C 407 26.44 1.13 -3.40
C ARG C 407 26.13 1.71 -2.03
N PRO C 408 26.75 2.83 -1.67
CA PRO C 408 26.47 3.45 -0.37
C PRO C 408 25.20 4.29 -0.35
N PHE C 409 24.33 4.15 -1.34
CA PHE C 409 23.10 4.91 -1.44
C PHE C 409 22.21 4.24 -2.48
N SER C 410 20.94 4.64 -2.49
CA SER C 410 19.99 4.27 -3.52
C SER C 410 19.72 5.49 -4.40
N VAL C 411 19.11 5.24 -5.56
CA VAL C 411 18.89 6.28 -6.55
C VAL C 411 17.43 6.26 -6.96
N ARG C 412 16.88 7.45 -7.22
CA ARG C 412 15.55 7.59 -7.77
C ARG C 412 15.53 8.82 -8.67
N TYR C 413 14.76 8.74 -9.74
CA TYR C 413 14.69 9.83 -10.72
C TYR C 413 13.48 10.69 -10.44
N ASP C 414 13.69 12.00 -10.49
CA ASP C 414 12.61 12.97 -10.27
C ASP C 414 12.24 13.60 -11.60
N PRO C 415 11.16 13.15 -12.26
CA PRO C 415 10.80 13.76 -13.56
C PRO C 415 10.39 15.22 -13.44
N TYR C 416 9.91 15.67 -12.27
CA TYR C 416 9.56 17.07 -12.12
C TYR C 416 10.78 17.96 -12.28
N THR C 417 11.85 17.66 -11.54
CA THR C 417 13.08 18.42 -11.61
C THR C 417 14.12 17.82 -12.54
N GLN C 418 13.90 16.59 -13.03
CA GLN C 418 14.85 15.94 -13.93
C GLN C 418 16.22 15.83 -13.27
N ARG C 419 16.21 15.40 -12.01
CA ARG C 419 17.43 15.18 -11.25
C ARG C 419 17.41 13.79 -10.63
N ILE C 420 18.59 13.32 -10.25
CA ILE C 420 18.72 12.05 -9.53
C ILE C 420 18.77 12.37 -8.05
N GLU C 421 18.03 11.58 -7.27
CA GLU C 421 17.97 11.72 -5.83
C GLU C 421 18.78 10.61 -5.18
N VAL C 422 19.87 10.96 -4.51
CA VAL C 422 20.62 9.99 -3.74
C VAL C 422 19.85 9.72 -2.46
N LEU C 423 19.64 8.44 -2.15
CA LEU C 423 18.75 8.06 -1.06
C LEU C 423 19.41 7.04 -0.14
N ASP C 424 19.76 7.48 1.07
CA ASP C 424 20.11 6.58 2.16
C ASP C 424 18.91 6.38 3.07
N ASN C 425 18.08 7.42 3.18
CA ASN C 425 16.79 7.38 3.88
C ASN C 425 15.66 7.16 2.88
N THR C 426 15.89 6.30 1.89
CA THR C 426 14.95 6.11 0.79
C THR C 426 13.58 5.69 1.27
N GLN C 427 13.48 5.12 2.46
CA GLN C 427 12.20 4.57 2.92
C GLN C 427 11.15 5.67 3.09
N GLN C 428 11.58 6.90 3.39
CA GLN C 428 10.64 8.00 3.58
C GLN C 428 9.97 8.45 2.28
N LEU C 429 10.57 8.19 1.13
CA LEU C 429 9.98 8.64 -0.14
C LEU C 429 9.01 7.64 -0.73
N LYS C 430 9.26 6.33 -0.56
CA LYS C 430 8.35 5.32 -1.08
C LYS C 430 6.96 5.44 -0.45
N ILE C 431 6.89 5.86 0.81
CA ILE C 431 5.60 5.97 1.48
C ILE C 431 4.74 7.05 0.84
N LEU C 432 5.35 8.17 0.44
CA LEU C 432 4.59 9.22 -0.22
C LEU C 432 4.09 8.79 -1.61
N ALA C 433 4.79 7.87 -2.25
CA ALA C 433 4.33 7.41 -3.56
C ALA C 433 3.14 6.46 -3.43
N ASP C 434 3.17 5.58 -2.43
CA ASP C 434 2.03 4.68 -2.19
C ASP C 434 0.83 5.45 -1.69
N SER C 435 1.03 6.34 -0.71
CA SER C 435 -0.09 7.10 -0.14
C SER C 435 -0.79 7.97 -1.17
N ILE C 436 -0.11 8.33 -2.25
CA ILE C 436 -0.75 9.13 -3.31
C ILE C 436 -1.50 8.23 -4.29
N ASN C 437 -0.82 7.20 -4.81
CA ASN C 437 -1.47 6.30 -5.75
C ASN C 437 -2.71 5.65 -5.14
N SER C 438 -2.67 5.34 -3.85
CA SER C 438 -3.83 4.73 -3.22
C SER C 438 -4.96 5.73 -3.05
N GLU C 439 -4.63 6.98 -2.75
CA GLU C 439 -5.67 8.00 -2.62
C GLU C 439 -6.29 8.37 -3.97
N ILE C 440 -5.69 7.92 -5.08
CA ILE C 440 -6.28 8.14 -6.40
C ILE C 440 -7.24 7.02 -6.77
N GLY C 441 -7.12 5.84 -6.14
CA GLY C 441 -8.06 4.77 -6.37
C GLY C 441 -9.35 4.91 -5.60
N ILE C 442 -9.34 5.73 -4.54
CA ILE C 442 -10.55 5.97 -3.76
C ILE C 442 -11.36 7.14 -4.33
N LEU C 443 -10.75 7.98 -5.16
CA LEU C 443 -11.46 9.10 -5.76
C LEU C 443 -12.34 8.63 -6.91
N CYS C 444 -11.80 7.80 -7.80
CA CYS C 444 -12.58 7.28 -8.91
C CYS C 444 -13.54 6.19 -8.45
N SER C 445 -13.11 5.35 -7.51
CA SER C 445 -13.93 4.24 -7.04
C SER C 445 -14.92 4.63 -5.97
N ALA C 446 -15.24 5.91 -5.84
CA ALA C 446 -16.22 6.37 -4.85
C ALA C 446 -17.64 6.14 -5.40
N LEU C 447 -17.96 4.86 -5.56
CA LEU C 447 -19.26 4.46 -6.09
C LEU C 447 -19.83 3.28 -5.29
N GLN D 19 -19.54 43.13 -2.08
CA GLN D 19 -18.60 42.12 -1.56
C GLN D 19 -17.58 41.75 -2.63
N GLU D 20 -16.47 42.47 -2.67
CA GLU D 20 -15.41 42.15 -3.61
C GLU D 20 -14.91 40.73 -3.38
N THR D 21 -14.84 39.96 -4.46
CA THR D 21 -14.39 38.57 -4.39
C THR D 21 -13.24 38.36 -5.36
N SER D 22 -12.53 37.25 -5.18
CA SER D 22 -11.41 36.89 -6.03
C SER D 22 -11.80 35.90 -7.12
N TYR D 23 -13.07 35.48 -7.17
CA TYR D 23 -13.53 34.54 -8.19
C TYR D 23 -13.76 35.27 -9.51
N ILE D 24 -13.09 34.82 -10.57
CA ILE D 24 -13.27 35.38 -11.89
C ILE D 24 -13.91 34.31 -12.78
N GLU D 25 -15.12 34.59 -13.25
CA GLU D 25 -15.83 33.64 -14.09
C GLU D 25 -15.11 33.47 -15.43
N ASP D 26 -15.31 32.30 -16.04
CA ASP D 26 -14.67 32.00 -17.31
C ASP D 26 -15.45 32.62 -18.46
N ASN D 27 -14.73 33.20 -19.41
CA ASN D 27 -15.32 33.85 -20.57
C ASN D 27 -14.78 33.21 -21.84
N SER D 28 -15.64 33.09 -22.85
CA SER D 28 -15.26 32.51 -24.13
C SER D 28 -14.78 33.58 -25.09
N GLY D 32 -14.58 29.62 -28.57
CA GLY D 32 -14.53 28.68 -27.46
C GLY D 32 -13.95 27.34 -27.85
N ALA D 33 -13.00 26.86 -27.05
CA ALA D 33 -12.32 25.61 -27.32
C ALA D 33 -13.27 24.43 -27.10
N ILE D 34 -13.35 23.55 -28.10
CA ILE D 34 -14.16 22.34 -28.03
C ILE D 34 -13.23 21.16 -28.24
N SER D 35 -13.10 20.31 -27.22
CA SER D 35 -12.20 19.17 -27.27
C SER D 35 -12.94 17.91 -26.83
N LEU D 36 -12.50 16.77 -27.38
CA LEU D 36 -13.09 15.48 -27.10
C LEU D 36 -12.04 14.57 -26.47
N ILE D 37 -12.51 13.61 -25.67
CA ILE D 37 -11.66 12.62 -25.01
C ILE D 37 -12.36 11.27 -25.05
N PHE D 38 -11.66 10.24 -25.51
CA PHE D 38 -12.22 8.90 -25.58
C PHE D 38 -11.11 7.90 -25.85
N SER D 39 -11.34 6.67 -25.40
CA SER D 39 -10.41 5.56 -25.60
C SER D 39 -11.11 4.40 -26.29
N LEU D 40 -10.33 3.60 -27.01
CA LEU D 40 -10.88 2.49 -27.81
C LEU D 40 -9.89 1.34 -27.79
N LYS D 41 -10.40 0.14 -28.10
CA LYS D 41 -9.62 -1.08 -28.09
C LYS D 41 -8.98 -1.34 -29.45
N GLU D 42 -7.89 -2.11 -29.43
CA GLU D 42 -7.14 -2.45 -30.63
C GLU D 42 -7.57 -3.79 -31.24
N GLU D 43 -8.51 -4.49 -30.63
CA GLU D 43 -8.90 -5.79 -31.17
C GLU D 43 -9.61 -5.62 -32.51
N VAL D 44 -10.59 -4.72 -32.57
CA VAL D 44 -11.26 -4.40 -33.83
C VAL D 44 -10.52 -3.23 -34.42
N GLY D 45 -10.76 -2.94 -35.69
CA GLY D 45 -10.07 -1.84 -36.34
C GLY D 45 -10.64 -0.49 -35.95
N ALA D 46 -10.16 0.04 -34.83
CA ALA D 46 -10.69 1.28 -34.27
C ALA D 46 -9.89 2.48 -34.77
N LEU D 47 -8.56 2.40 -34.73
CA LEU D 47 -7.73 3.50 -35.21
C LEU D 47 -8.11 3.87 -36.63
N ALA D 48 -8.21 2.85 -37.51
CA ALA D 48 -8.58 3.12 -38.90
C ALA D 48 -10.02 3.61 -38.99
N LYS D 49 -10.92 3.00 -38.21
CA LYS D 49 -12.33 3.38 -38.28
C LYS D 49 -12.53 4.81 -37.81
N VAL D 50 -11.73 5.27 -36.85
CA VAL D 50 -11.89 6.62 -36.32
C VAL D 50 -11.22 7.63 -37.24
N LEU D 51 -9.99 7.36 -37.68
CA LEU D 51 -9.29 8.31 -38.53
C LEU D 51 -10.09 8.62 -39.79
N ARG D 52 -10.74 7.61 -40.37
CA ARG D 52 -11.58 7.84 -41.54
C ARG D 52 -12.88 8.53 -41.14
N LEU D 53 -13.36 8.29 -39.91
CA LEU D 53 -14.59 8.93 -39.46
C LEU D 53 -14.46 10.44 -39.40
N PHE D 54 -13.28 10.96 -39.07
CA PHE D 54 -13.09 12.41 -39.04
C PHE D 54 -12.84 12.96 -40.43
N GLU D 55 -12.03 12.27 -41.24
CA GLU D 55 -11.79 12.75 -42.60
C GLU D 55 -13.05 12.66 -43.45
N GLU D 56 -13.88 11.64 -43.22
CA GLU D 56 -15.13 11.50 -43.98
C GLU D 56 -16.12 12.59 -43.62
N ASN D 57 -16.02 13.15 -42.41
CA ASN D 57 -16.91 14.24 -41.98
C ASN D 57 -16.25 15.61 -42.06
N ASP D 58 -14.92 15.67 -42.14
CA ASP D 58 -14.22 16.94 -42.27
C ASP D 58 -13.83 17.18 -43.73
N THR D 62 -7.79 16.63 -39.34
CA THR D 62 -6.36 16.66 -39.60
C THR D 62 -5.59 17.02 -38.34
N HIS D 63 -6.26 17.70 -37.41
CA HIS D 63 -5.68 18.06 -36.12
C HIS D 63 -6.21 17.05 -35.10
N ILE D 64 -5.49 15.93 -34.98
CA ILE D 64 -5.88 14.86 -34.06
C ILE D 64 -4.63 14.07 -33.70
N GLU D 65 -4.47 13.76 -32.41
CA GLU D 65 -3.36 12.95 -31.93
C GLU D 65 -3.88 11.68 -31.32
N SER D 66 -3.18 10.58 -31.57
CA SER D 66 -3.53 9.26 -31.05
C SER D 66 -2.31 8.69 -30.35
N ARG D 67 -2.40 8.52 -29.03
CA ARG D 67 -1.30 8.02 -28.23
C ARG D 67 -1.73 6.77 -27.45
N PRO D 68 -0.78 5.90 -27.12
CA PRO D 68 -1.13 4.68 -26.37
C PRO D 68 -1.56 5.03 -24.96
N SER D 69 -2.53 4.27 -24.45
CA SER D 69 -3.00 4.47 -23.09
C SER D 69 -2.00 3.87 -22.11
N ARG D 70 -1.65 4.63 -21.08
CA ARG D 70 -0.69 4.19 -20.08
C ARG D 70 -1.31 3.27 -19.03
N LEU D 71 -2.52 2.77 -19.27
CA LEU D 71 -3.20 1.91 -18.30
C LEU D 71 -3.83 0.67 -18.93
N LYS D 72 -3.94 0.61 -20.25
CA LYS D 72 -4.45 -0.57 -20.95
C LYS D 72 -3.58 -0.77 -22.19
N LYS D 73 -2.80 -1.86 -22.21
CA LYS D 73 -1.91 -2.12 -23.34
C LYS D 73 -2.64 -2.27 -24.67
N ASP D 74 -3.97 -2.40 -24.66
CA ASP D 74 -4.73 -2.57 -25.90
C ASP D 74 -5.64 -1.39 -26.20
N GLU D 75 -5.35 -0.20 -25.64
CA GLU D 75 -6.18 0.97 -25.85
C GLU D 75 -5.34 2.15 -26.33
N TYR D 76 -5.98 3.02 -27.11
CA TYR D 76 -5.39 4.28 -27.56
C TYR D 76 -6.15 5.45 -26.95
N GLU D 77 -5.41 6.50 -26.61
CA GLU D 77 -6.00 7.76 -26.17
C GLU D 77 -5.97 8.75 -27.32
N PHE D 78 -7.09 9.45 -27.52
CA PHE D 78 -7.25 10.36 -28.66
C PHE D 78 -7.41 11.79 -28.17
N PHE D 79 -6.73 12.71 -28.85
CA PHE D 79 -6.79 14.13 -28.53
C PHE D 79 -7.15 14.91 -29.79
N THR D 80 -8.14 15.78 -29.70
CA THR D 80 -8.55 16.62 -30.81
C THR D 80 -8.52 18.08 -30.38
N HIS D 81 -8.03 18.95 -31.26
CA HIS D 81 -7.90 20.39 -30.98
C HIS D 81 -8.62 21.14 -32.10
N LEU D 82 -9.92 21.36 -31.93
CA LEU D 82 -10.74 22.07 -32.89
C LEU D 82 -11.44 23.23 -32.21
N ASP D 83 -11.87 24.20 -33.02
CA ASP D 83 -12.63 25.34 -32.55
C ASP D 83 -14.12 25.11 -32.77
N LYS D 84 -14.93 25.99 -32.18
CA LYS D 84 -16.37 25.94 -32.42
C LYS D 84 -16.69 26.08 -33.90
N ARG D 85 -15.79 26.65 -34.69
CA ARG D 85 -15.97 26.76 -36.12
C ARG D 85 -16.28 25.38 -36.70
N SER D 86 -17.19 25.36 -37.69
CA SER D 86 -17.59 24.11 -38.33
C SER D 86 -18.10 23.10 -37.29
N LEU D 87 -19.21 23.48 -36.67
CA LEU D 87 -19.88 22.64 -35.69
C LEU D 87 -20.74 21.54 -36.34
N PRO D 88 -21.47 21.80 -37.43
CA PRO D 88 -22.38 20.76 -37.95
C PRO D 88 -21.67 19.49 -38.38
N ALA D 89 -20.38 19.56 -38.71
CA ALA D 89 -19.62 18.35 -39.03
C ALA D 89 -19.12 17.63 -37.79
N LEU D 90 -19.43 18.12 -36.59
CA LEU D 90 -18.98 17.53 -35.35
C LEU D 90 -20.10 16.92 -34.52
N THR D 91 -21.30 17.50 -34.55
CA THR D 91 -22.41 16.95 -33.79
C THR D 91 -22.83 15.56 -34.27
N ASN D 92 -22.38 15.15 -35.46
CA ASN D 92 -22.67 13.81 -35.96
C ASN D 92 -21.66 12.78 -35.48
N ILE D 93 -20.41 13.20 -35.26
CA ILE D 93 -19.37 12.27 -34.81
C ILE D 93 -19.70 11.75 -33.41
N ILE D 94 -20.20 12.62 -32.54
CA ILE D 94 -20.45 12.23 -31.15
C ILE D 94 -21.43 11.06 -31.09
N LYS D 95 -22.41 11.03 -32.01
CA LYS D 95 -23.37 9.94 -32.01
C LYS D 95 -22.71 8.62 -32.42
N ILE D 96 -21.86 8.66 -33.44
CA ILE D 96 -21.22 7.45 -33.93
C ILE D 96 -20.26 6.89 -32.90
N LEU D 97 -19.65 7.74 -32.08
CA LEU D 97 -18.70 7.26 -31.09
C LEU D 97 -19.40 6.68 -29.86
N ARG D 98 -20.52 7.30 -29.46
CA ARG D 98 -21.23 6.89 -28.26
C ARG D 98 -22.21 5.75 -28.52
N HIS D 99 -23.01 5.85 -29.58
CA HIS D 99 -24.05 4.87 -29.81
C HIS D 99 -23.47 3.55 -30.32
N ASP D 100 -22.54 3.64 -31.27
CA ASP D 100 -21.90 2.44 -31.80
C ASP D 100 -20.92 1.92 -30.76
N ILE D 101 -20.10 0.94 -31.15
CA ILE D 101 -19.11 0.30 -30.28
C ILE D 101 -19.57 0.20 -28.83
N THR D 104 -16.71 5.04 -24.37
CA THR D 104 -17.01 6.19 -23.52
C THR D 104 -16.32 7.44 -24.06
N VAL D 105 -17.05 8.55 -24.06
CA VAL D 105 -16.57 9.81 -24.61
C VAL D 105 -16.91 10.93 -23.63
N HIS D 106 -15.98 11.87 -23.47
CA HIS D 106 -16.20 13.07 -22.66
C HIS D 106 -16.04 14.29 -23.55
N GLU D 107 -17.09 15.11 -23.63
CA GLU D 107 -17.07 16.32 -24.45
C GLU D 107 -16.73 17.51 -23.57
N LEU D 108 -15.68 18.24 -23.94
CA LEU D 108 -15.26 19.44 -23.25
C LEU D 108 -15.63 20.65 -24.09
N SER D 109 -16.36 21.59 -23.49
CA SER D 109 -16.83 22.79 -24.19
C SER D 109 -16.53 24.00 -23.34
N ARG D 110 -15.67 24.89 -23.87
CA ARG D 110 -15.34 26.15 -23.22
C ARG D 110 -16.56 26.85 -22.63
N ASP D 111 -17.75 26.53 -23.14
CA ASP D 111 -19.01 27.10 -22.66
C ASP D 111 -19.87 25.99 -22.08
N LYS D 112 -20.89 26.38 -21.33
CA LYS D 112 -21.83 25.42 -20.77
C LYS D 112 -22.77 24.85 -21.83
N LYS D 113 -22.37 23.74 -22.44
CA LYS D 113 -23.30 22.94 -23.23
C LYS D 113 -23.97 21.93 -22.31
N LYS D 114 -25.18 21.53 -22.68
CA LYS D 114 -25.96 20.62 -21.84
C LYS D 114 -25.29 19.26 -21.79
N ASP D 115 -24.95 18.81 -20.58
CA ASP D 115 -24.37 17.48 -20.36
C ASP D 115 -22.91 17.41 -20.78
N THR D 116 -22.17 18.52 -20.63
CA THR D 116 -20.76 18.55 -21.01
C THR D 116 -19.94 19.02 -19.81
N VAL D 117 -18.67 18.66 -19.83
CA VAL D 117 -17.74 19.01 -18.75
C VAL D 117 -17.04 20.32 -19.10
N PRO D 118 -16.79 21.20 -18.13
CA PRO D 118 -16.04 22.42 -18.42
C PRO D 118 -14.66 22.11 -18.97
N TRP D 119 -14.30 22.79 -20.05
CA TRP D 119 -13.01 22.56 -20.69
C TRP D 119 -11.88 22.83 -19.73
N PHE D 120 -10.81 22.04 -19.85
CA PHE D 120 -9.60 22.25 -19.07
C PHE D 120 -8.42 21.80 -19.92
N PRO D 121 -7.23 22.35 -19.68
CA PRO D 121 -6.07 21.96 -20.50
C PRO D 121 -5.59 20.57 -20.14
N ARG D 122 -5.40 19.74 -21.16
CA ARG D 122 -4.90 18.38 -20.95
C ARG D 122 -3.38 18.32 -20.97
N THR D 123 -2.72 19.26 -21.62
CA THR D 123 -1.26 19.30 -21.71
C THR D 123 -0.78 20.72 -21.43
N ILE D 124 0.47 20.82 -20.94
CA ILE D 124 1.05 22.11 -20.63
C ILE D 124 1.02 23.04 -21.85
N GLN D 125 1.16 22.49 -23.05
CA GLN D 125 1.11 23.35 -24.23
C GLN D 125 -0.26 23.99 -24.39
N GLU D 126 -1.32 23.32 -23.96
CA GLU D 126 -2.66 23.87 -24.10
C GLU D 126 -2.92 25.06 -23.20
N LEU D 127 -2.03 25.34 -22.25
CA LEU D 127 -2.15 26.54 -21.43
C LEU D 127 -2.03 27.82 -22.24
N ASP D 128 -1.45 27.73 -23.44
CA ASP D 128 -1.30 28.90 -24.31
C ASP D 128 -2.62 29.36 -24.91
N ARG D 129 -3.63 28.49 -24.97
CA ARG D 129 -4.88 28.86 -25.64
C ARG D 129 -5.51 30.09 -25.02
N PHE D 130 -5.89 29.99 -23.74
CA PHE D 130 -6.62 31.06 -23.06
C PHE D 130 -5.73 31.83 -22.10
N ALA D 131 -4.42 31.89 -22.37
CA ALA D 131 -3.52 32.69 -21.57
C ALA D 131 -3.71 34.18 -21.81
N ASN D 132 -4.47 34.55 -22.86
CA ASN D 132 -4.76 35.95 -23.17
C ASN D 132 -6.23 36.27 -22.98
N GLN D 133 -6.93 35.51 -22.12
CA GLN D 133 -8.35 35.66 -21.89
C GLN D 133 -8.64 36.55 -20.69
N ILE D 134 -8.04 37.74 -20.67
CA ILE D 134 -8.23 38.68 -19.58
C ILE D 134 -9.56 39.39 -19.76
N GLU D 140 -4.57 49.97 -16.26
CA GLU D 140 -4.93 50.26 -17.65
C GLU D 140 -6.34 50.82 -17.73
N LEU D 141 -6.46 52.07 -18.18
CA LEU D 141 -7.72 52.76 -18.43
C LEU D 141 -8.62 52.81 -17.19
N ASP D 142 -8.12 52.42 -16.01
CA ASP D 142 -8.90 52.46 -14.79
C ASP D 142 -8.64 53.78 -14.08
N ALA D 143 -9.70 54.53 -13.80
CA ALA D 143 -9.55 55.87 -13.26
C ALA D 143 -8.87 55.87 -11.89
N ASP D 144 -9.16 54.89 -11.05
CA ASP D 144 -8.63 54.88 -9.69
C ASP D 144 -7.23 54.28 -9.58
N HIS D 145 -6.65 53.79 -10.67
CA HIS D 145 -5.32 53.21 -10.58
C HIS D 145 -4.33 54.28 -10.12
N PRO D 146 -3.33 53.92 -9.29
CA PRO D 146 -2.35 54.92 -8.86
C PRO D 146 -1.68 55.64 -10.02
N GLY D 147 -1.06 54.87 -10.91
CA GLY D 147 -0.48 55.45 -12.12
C GLY D 147 -1.45 55.54 -13.28
N PHE D 148 -2.35 56.52 -13.22
CA PHE D 148 -3.28 56.80 -14.31
C PHE D 148 -2.97 58.11 -15.01
N LYS D 149 -2.51 59.11 -14.25
CA LYS D 149 -2.12 60.41 -14.79
C LYS D 149 -0.68 60.43 -15.25
N ASP D 150 -0.16 59.30 -15.73
CA ASP D 150 1.23 59.22 -16.14
C ASP D 150 1.33 58.48 -17.47
N PRO D 151 1.71 59.17 -18.56
CA PRO D 151 1.83 58.48 -19.85
C PRO D 151 2.91 57.42 -19.89
N VAL D 152 3.97 57.59 -19.09
CA VAL D 152 5.08 56.65 -19.11
C VAL D 152 4.63 55.31 -18.53
N TYR D 153 4.12 55.33 -17.30
CA TYR D 153 3.69 54.10 -16.66
C TYR D 153 2.58 53.42 -17.45
N ARG D 154 1.57 54.21 -17.86
CA ARG D 154 0.47 53.65 -18.64
C ARG D 154 0.99 52.96 -19.89
N ALA D 155 2.00 53.54 -20.55
CA ALA D 155 2.59 52.93 -21.72
C ALA D 155 3.52 51.77 -21.34
N ARG D 156 4.28 51.94 -20.26
CA ARG D 156 5.17 50.88 -19.79
C ARG D 156 4.41 49.59 -19.50
N ARG D 157 3.13 49.70 -19.13
CA ARG D 157 2.35 48.50 -18.84
C ARG D 157 2.05 47.72 -20.11
N LYS D 158 1.75 48.41 -21.21
CA LYS D 158 1.50 47.73 -22.47
C LYS D 158 2.73 46.96 -22.94
N GLN D 159 3.92 47.43 -22.59
CA GLN D 159 5.13 46.70 -22.93
C GLN D 159 5.15 45.33 -22.28
N PHE D 160 4.79 45.25 -21.00
CA PHE D 160 4.75 43.97 -20.31
C PHE D 160 3.62 43.08 -20.83
N ALA D 161 2.51 43.69 -21.24
CA ALA D 161 1.38 42.90 -21.75
C ALA D 161 1.73 42.22 -23.07
N ASP D 162 2.49 42.89 -23.93
CA ASP D 162 2.87 42.29 -25.20
C ASP D 162 3.77 41.07 -25.00
N ILE D 163 4.61 41.10 -23.98
CA ILE D 163 5.47 39.95 -23.68
C ILE D 163 4.62 38.74 -23.33
N ALA D 164 3.57 38.95 -22.51
CA ALA D 164 2.72 37.84 -22.10
C ALA D 164 1.88 37.33 -23.26
N TYR D 165 1.25 38.25 -24.00
CA TYR D 165 0.40 37.84 -25.12
C TYR D 165 1.20 37.06 -26.16
N ASN D 166 2.47 37.40 -26.35
CA ASN D 166 3.31 36.74 -27.35
C ASN D 166 4.11 35.58 -26.79
N TYR D 167 4.04 35.34 -25.48
CA TYR D 167 4.78 34.25 -24.88
C TYR D 167 4.08 32.93 -25.14
N ARG D 168 4.87 31.91 -25.48
CA ARG D 168 4.37 30.56 -25.66
C ARG D 168 5.21 29.61 -24.82
N HIS D 169 4.63 28.44 -24.52
CA HIS D 169 5.29 27.48 -23.65
C HIS D 169 6.62 27.05 -24.26
N GLY D 170 7.59 26.78 -23.40
CA GLY D 170 8.92 26.39 -23.82
C GLY D 170 9.86 27.57 -24.05
N GLN D 171 9.33 28.71 -24.46
CA GLN D 171 10.17 29.86 -24.73
C GLN D 171 10.79 30.37 -23.43
N PRO D 172 12.00 30.94 -23.48
CA PRO D 172 12.52 31.62 -22.29
C PRO D 172 11.80 32.94 -22.08
N ILE D 173 11.51 33.23 -20.82
CA ILE D 173 10.81 34.47 -20.47
C ILE D 173 11.70 35.64 -20.89
N PRO D 174 11.23 36.53 -21.76
CA PRO D 174 12.08 37.67 -22.15
C PRO D 174 12.45 38.52 -20.95
N ARG D 175 13.74 38.83 -20.84
CA ARG D 175 14.23 39.69 -19.78
C ARG D 175 14.00 41.15 -20.14
N VAL D 176 13.83 41.98 -19.10
CA VAL D 176 13.57 43.40 -19.26
C VAL D 176 14.49 44.17 -18.34
N GLU D 177 14.98 45.31 -18.83
CA GLU D 177 15.83 46.19 -18.03
C GLU D 177 14.93 47.16 -17.26
N TYR D 178 14.83 46.96 -15.95
CA TYR D 178 13.98 47.79 -15.12
C TYR D 178 14.62 49.15 -14.90
N MET D 179 13.80 50.19 -14.94
CA MET D 179 14.28 51.56 -14.78
C MET D 179 14.65 51.83 -13.32
N GLU D 180 15.49 52.85 -13.13
CA GLU D 180 15.91 53.22 -11.78
C GLU D 180 14.71 53.62 -10.93
N GLU D 181 13.72 54.28 -11.53
CA GLU D 181 12.52 54.66 -10.79
C GLU D 181 11.77 53.43 -10.29
N GLU D 182 11.90 52.31 -10.99
CA GLU D 182 11.22 51.07 -10.61
C GLU D 182 11.99 50.26 -9.59
N LYS D 183 13.33 50.28 -9.65
CA LYS D 183 14.11 49.58 -8.62
C LYS D 183 13.89 50.19 -7.24
N LYS D 184 13.69 51.51 -7.17
CA LYS D 184 13.44 52.15 -5.88
C LYS D 184 12.16 51.60 -5.25
N THR D 185 11.10 51.48 -6.04
CA THR D 185 9.85 50.93 -5.52
C THR D 185 10.08 49.52 -4.96
N TRP D 186 10.76 48.67 -5.73
CA TRP D 186 11.09 47.34 -5.24
C TRP D 186 11.88 47.40 -3.94
N GLY D 187 12.88 48.27 -3.88
CA GLY D 187 13.69 48.38 -2.68
C GLY D 187 12.89 48.75 -1.45
N THR D 188 11.97 49.71 -1.61
CA THR D 188 11.14 50.12 -0.48
C THR D 188 10.34 48.95 0.07
N VAL D 189 9.77 48.13 -0.82
CA VAL D 189 8.98 46.99 -0.37
C VAL D 189 9.88 45.89 0.16
N PHE D 190 11.04 45.69 -0.49
CA PHE D 190 11.93 44.61 -0.09
C PHE D 190 12.48 44.83 1.32
N LYS D 191 13.08 46.00 1.56
CA LYS D 191 13.72 46.25 2.85
C LYS D 191 12.70 46.27 3.97
N THR D 192 11.54 46.90 3.74
CA THR D 192 10.56 47.04 4.81
C THR D 192 9.95 45.69 5.20
N LEU D 193 9.90 44.75 4.26
CA LEU D 193 9.33 43.44 4.54
C LEU D 193 10.37 42.43 5.00
N LYS D 194 11.60 42.51 4.49
CA LYS D 194 12.64 41.56 4.87
C LYS D 194 12.86 41.56 6.38
N SER D 195 12.64 42.69 7.04
CA SER D 195 12.85 42.78 8.48
C SER D 195 11.80 42.00 9.27
N LEU D 196 10.68 41.64 8.64
CA LEU D 196 9.59 40.96 9.33
C LEU D 196 9.58 39.45 9.10
N TYR D 197 10.28 38.96 8.08
CA TYR D 197 10.16 37.54 7.73
C TYR D 197 10.74 36.64 8.80
N LYS D 198 11.89 37.02 9.38
CA LYS D 198 12.55 36.15 10.34
C LYS D 198 11.65 35.82 11.52
N THR D 199 10.73 36.72 11.87
CA THR D 199 9.86 36.54 13.02
C THR D 199 8.41 36.30 12.66
N HIS D 200 7.94 36.80 11.53
CA HIS D 200 6.55 36.64 11.12
C HIS D 200 6.34 35.56 10.06
N ALA D 201 7.35 35.31 9.23
CA ALA D 201 7.20 34.31 8.17
C ALA D 201 7.47 32.92 8.72
N CYS D 202 6.82 31.93 8.12
CA CYS D 202 6.96 30.55 8.55
C CYS D 202 8.39 30.07 8.35
N TYR D 203 8.69 28.92 8.96
CA TYR D 203 10.04 28.37 8.87
C TYR D 203 10.44 28.08 7.44
N GLU D 204 9.51 27.56 6.64
CA GLU D 204 9.82 27.20 5.26
C GLU D 204 10.27 28.42 4.47
N TYR D 205 9.67 29.58 4.73
CA TYR D 205 10.01 30.80 3.99
C TYR D 205 11.46 31.19 4.25
N ASN D 206 11.82 31.44 5.51
CA ASN D 206 13.18 31.83 5.84
C ASN D 206 14.19 30.74 5.49
N HIS D 207 13.73 29.53 5.21
CA HIS D 207 14.62 28.46 4.77
C HIS D 207 15.00 28.66 3.30
N ILE D 208 14.07 29.14 2.49
CA ILE D 208 14.31 29.31 1.06
C ILE D 208 14.92 30.67 0.76
N PHE D 209 14.47 31.72 1.45
CA PHE D 209 14.88 33.07 1.12
C PHE D 209 16.39 33.25 1.00
N PRO D 210 17.22 32.72 1.90
CA PRO D 210 18.67 32.88 1.72
C PRO D 210 19.16 32.34 0.39
N LEU D 211 18.55 31.27 -0.11
CA LEU D 211 18.95 30.73 -1.41
C LEU D 211 18.59 31.68 -2.54
N LEU D 212 17.39 32.28 -2.46
CA LEU D 212 16.96 33.22 -3.49
C LEU D 212 17.84 34.47 -3.51
N GLU D 213 18.46 34.82 -2.39
CA GLU D 213 19.31 36.02 -2.36
C GLU D 213 20.61 35.81 -3.12
N LYS D 214 21.08 34.57 -3.21
CA LYS D 214 22.35 34.28 -3.85
C LYS D 214 22.19 33.78 -5.28
N TYR D 215 21.27 32.83 -5.50
CA TYR D 215 21.13 32.20 -6.82
C TYR D 215 20.06 32.86 -7.68
N CYS D 216 19.29 33.80 -7.14
CA CYS D 216 18.32 34.54 -7.94
C CYS D 216 18.49 36.05 -7.85
N GLY D 217 19.36 36.56 -7.00
CA GLY D 217 19.58 37.99 -6.90
C GLY D 217 18.44 38.72 -6.21
N PHE D 218 18.00 38.20 -5.07
CA PHE D 218 16.96 38.84 -4.26
C PHE D 218 17.64 39.86 -3.36
N HIS D 219 17.80 41.08 -3.87
CA HIS D 219 18.46 42.15 -3.15
C HIS D 219 17.60 43.41 -3.21
N GLU D 220 17.80 44.28 -2.21
CA GLU D 220 17.01 45.50 -2.12
C GLU D 220 17.13 46.37 -3.37
N ASP D 221 18.28 46.37 -4.02
CA ASP D 221 18.56 47.26 -5.15
C ASP D 221 18.72 46.49 -6.45
N ASN D 222 17.86 45.49 -6.66
CA ASN D 222 17.85 44.72 -7.89
C ASN D 222 16.56 43.92 -7.97
N ILE D 223 15.99 43.87 -9.17
CA ILE D 223 14.78 43.09 -9.45
C ILE D 223 15.20 41.85 -10.23
N PRO D 224 14.94 40.65 -9.72
CA PRO D 224 15.36 39.45 -10.46
C PRO D 224 14.44 39.20 -11.66
N GLN D 225 15.02 38.58 -12.68
CA GLN D 225 14.28 38.27 -13.90
C GLN D 225 13.50 36.97 -13.72
N LEU D 226 12.29 36.94 -14.28
CA LEU D 226 11.43 35.76 -14.12
C LEU D 226 12.08 34.51 -14.71
N GLU D 227 12.92 34.67 -15.72
CA GLU D 227 13.60 33.52 -16.31
C GLU D 227 14.53 32.86 -15.31
N ASP D 228 15.39 33.66 -14.66
CA ASP D 228 16.30 33.11 -13.66
C ASP D 228 15.54 32.48 -12.50
N VAL D 229 14.43 33.10 -12.11
CA VAL D 229 13.64 32.57 -11.00
C VAL D 229 12.96 31.28 -11.41
N SER D 230 12.33 31.26 -12.58
CA SER D 230 11.66 30.06 -13.06
C SER D 230 12.63 28.88 -13.10
N GLN D 231 13.82 29.11 -13.64
CA GLN D 231 14.83 28.04 -13.67
C GLN D 231 15.16 27.56 -12.27
N PHE D 232 15.11 28.44 -11.27
CA PHE D 232 15.40 28.03 -9.91
C PHE D 232 14.27 27.17 -9.36
N LEU D 233 13.02 27.57 -9.57
CA LEU D 233 11.88 26.79 -9.09
C LEU D 233 11.85 25.42 -9.76
N GLN D 234 12.13 25.36 -11.06
CA GLN D 234 12.10 24.08 -11.76
C GLN D 234 13.06 23.08 -11.13
N THR D 235 14.22 23.54 -10.68
CA THR D 235 15.20 22.65 -10.07
C THR D 235 14.86 22.29 -8.63
N CYS D 236 13.91 22.97 -8.01
CA CYS D 236 13.53 22.66 -6.63
C CYS D 236 12.34 21.70 -6.59
N THR D 237 11.22 22.07 -7.22
CA THR D 237 10.01 21.28 -7.17
C THR D 237 9.39 21.11 -8.56
N GLY D 238 10.06 21.54 -9.61
CA GLY D 238 9.50 21.47 -10.95
C GLY D 238 8.56 22.60 -11.31
N PHE D 239 8.26 23.50 -10.38
CA PHE D 239 7.39 24.63 -10.68
C PHE D 239 8.07 25.54 -11.70
N ARG D 240 7.27 26.13 -12.57
CA ARG D 240 7.76 27.06 -13.58
C ARG D 240 6.83 28.26 -13.65
N LEU D 241 7.39 29.39 -14.08
CA LEU D 241 6.65 30.63 -14.18
C LEU D 241 6.19 30.85 -15.62
N ARG D 242 5.09 31.61 -15.76
CA ARG D 242 4.59 31.94 -17.08
C ARG D 242 4.08 33.38 -17.07
N PRO D 243 4.60 34.24 -17.94
CA PRO D 243 4.11 35.63 -17.97
C PRO D 243 2.61 35.69 -18.27
N VAL D 244 1.95 36.66 -17.65
CA VAL D 244 0.52 36.90 -17.87
C VAL D 244 0.30 38.41 -17.85
N ALA D 245 -0.63 38.88 -18.67
CA ALA D 245 -0.86 40.32 -18.78
C ALA D 245 -1.67 40.85 -17.62
N GLY D 246 -2.67 40.10 -17.15
CA GLY D 246 -3.53 40.54 -16.07
C GLY D 246 -4.08 39.37 -15.29
N LEU D 247 -5.36 39.44 -14.94
CA LEU D 247 -6.01 38.40 -14.15
C LEU D 247 -6.82 37.52 -15.08
N LEU D 248 -6.55 36.22 -15.03
CA LEU D 248 -7.28 35.22 -15.78
C LEU D 248 -8.50 34.75 -15.00
N SER D 249 -9.35 33.96 -15.65
CA SER D 249 -10.43 33.29 -14.95
C SER D 249 -9.85 32.34 -13.90
N SER D 250 -10.59 32.17 -12.81
CA SER D 250 -10.11 31.31 -11.72
C SER D 250 -9.79 29.91 -12.23
N ARG D 251 -10.61 29.37 -13.14
CA ARG D 251 -10.32 28.06 -13.70
C ARG D 251 -8.97 28.04 -14.40
N ASP D 252 -8.71 29.03 -15.26
CA ASP D 252 -7.45 29.06 -15.99
C ASP D 252 -6.27 29.14 -15.05
N PHE D 253 -6.29 30.11 -14.11
CA PHE D 253 -5.17 30.25 -13.19
C PHE D 253 -4.96 28.99 -12.38
N LEU D 254 -6.00 28.51 -11.71
CA LEU D 254 -5.89 27.29 -10.91
C LEU D 254 -5.49 26.11 -11.77
N GLY D 255 -6.04 26.01 -12.98
CA GLY D 255 -5.69 24.92 -13.87
C GLY D 255 -4.19 24.81 -14.10
N GLY D 256 -3.52 25.95 -14.23
CA GLY D 256 -2.08 25.95 -14.43
C GLY D 256 -1.30 25.36 -13.27
N LEU D 257 -1.90 25.35 -12.08
CA LEU D 257 -1.22 24.78 -10.92
C LEU D 257 -1.17 23.25 -11.00
N ALA D 258 -2.14 22.64 -11.68
CA ALA D 258 -2.11 21.20 -11.87
C ALA D 258 -0.83 20.76 -12.57
N PHE D 259 -0.33 21.57 -13.49
CA PHE D 259 0.95 21.32 -14.15
C PHE D 259 2.11 21.97 -13.41
N ARG D 260 1.91 22.39 -12.17
CA ARG D 260 2.91 23.14 -11.42
C ARG D 260 3.39 24.35 -12.22
N VAL D 261 2.44 25.03 -12.87
CA VAL D 261 2.69 26.27 -13.59
C VAL D 261 2.00 27.40 -12.84
N PHE D 262 2.74 28.48 -12.59
CA PHE D 262 2.23 29.63 -11.86
C PHE D 262 2.28 30.84 -12.78
N HIS D 263 1.10 31.32 -13.19
CA HIS D 263 1.03 32.51 -14.02
C HIS D 263 1.50 33.72 -13.22
N CYS D 264 2.42 34.48 -13.80
CA CYS D 264 3.14 35.52 -13.08
C CYS D 264 3.09 36.82 -13.85
N THR D 265 2.94 37.93 -13.12
CA THR D 265 3.00 39.26 -13.70
C THR D 265 4.42 39.79 -13.65
N GLN D 266 4.80 40.54 -14.68
CA GLN D 266 6.17 41.03 -14.80
C GLN D 266 6.31 42.53 -14.54
N TYR D 267 5.20 43.27 -14.48
CA TYR D 267 5.25 44.70 -14.24
C TYR D 267 5.38 44.96 -12.74
N ILE D 268 5.42 46.24 -12.37
CA ILE D 268 5.58 46.65 -10.98
C ILE D 268 4.60 47.79 -10.69
N ARG D 269 4.24 47.92 -9.42
CA ARG D 269 3.33 48.97 -8.99
C ARG D 269 3.92 50.35 -9.31
N HIS D 270 3.04 51.35 -9.37
CA HIS D 270 3.48 52.71 -9.59
C HIS D 270 4.23 53.22 -8.37
N GLY D 271 5.34 53.90 -8.61
CA GLY D 271 6.22 54.37 -7.54
C GLY D 271 5.61 55.42 -6.63
N SER D 272 4.43 55.92 -6.96
CA SER D 272 3.84 56.98 -6.15
C SER D 272 3.42 56.47 -4.78
N LYS D 273 2.94 55.23 -4.71
CA LYS D 273 2.48 54.61 -3.46
C LYS D 273 3.08 53.21 -3.39
N PRO D 274 4.36 53.10 -2.99
CA PRO D 274 5.00 51.78 -2.96
C PRO D 274 4.33 50.79 -2.03
N MET D 275 3.53 51.25 -1.08
CA MET D 275 2.92 50.37 -0.09
C MET D 275 1.50 49.95 -0.45
N TYR D 276 1.03 50.30 -1.64
CA TYR D 276 -0.32 49.94 -2.06
C TYR D 276 -0.31 49.51 -3.52
N THR D 277 -1.14 48.52 -3.83
CA THR D 277 -1.31 48.05 -5.20
C THR D 277 -2.69 47.39 -5.32
N PRO D 278 -3.55 47.85 -6.22
CA PRO D 278 -4.85 47.20 -6.40
C PRO D 278 -4.77 45.88 -7.15
N GLU D 279 -3.63 45.55 -7.72
CA GLU D 279 -3.45 44.39 -8.58
C GLU D 279 -2.18 43.66 -8.16
N PRO D 280 -2.03 42.40 -8.57
CA PRO D 280 -0.77 41.70 -8.31
C PRO D 280 0.34 42.26 -9.18
N ASP D 281 1.52 42.39 -8.60
CA ASP D 281 2.70 42.88 -9.32
C ASP D 281 3.87 41.96 -9.01
N ILE D 282 5.01 42.23 -9.64
CA ILE D 282 6.18 41.38 -9.47
C ILE D 282 6.58 41.31 -8.00
N CYS D 283 6.29 42.35 -7.23
CA CYS D 283 6.57 42.33 -5.80
C CYS D 283 5.71 41.30 -5.09
N HIS D 284 4.39 41.33 -5.34
CA HIS D 284 3.49 40.35 -4.74
C HIS D 284 3.87 38.94 -5.13
N GLU D 285 4.36 38.74 -6.36
CA GLU D 285 4.61 37.40 -6.88
C GLU D 285 5.97 36.86 -6.49
N LEU D 286 6.99 37.72 -6.41
CA LEU D 286 8.33 37.26 -6.05
C LEU D 286 8.51 37.12 -4.56
N LEU D 287 7.89 38.00 -3.77
CA LEU D 287 8.06 37.99 -2.33
C LEU D 287 6.97 37.22 -1.59
N GLY D 288 5.79 37.07 -2.19
CA GLY D 288 4.71 36.37 -1.53
C GLY D 288 4.54 34.93 -2.00
N HIS D 289 4.59 34.72 -3.31
CA HIS D 289 4.27 33.43 -3.91
C HIS D 289 5.51 32.58 -4.21
N VAL D 290 6.53 33.16 -4.83
CA VAL D 290 7.64 32.36 -5.36
C VAL D 290 8.31 31.53 -4.27
N PRO D 291 8.69 32.09 -3.12
CA PRO D 291 9.46 31.30 -2.14
C PRO D 291 8.75 30.03 -1.69
N LEU D 292 7.42 30.04 -1.63
CA LEU D 292 6.70 28.86 -1.17
C LEU D 292 6.70 27.77 -2.24
N PHE D 293 6.60 28.15 -3.51
CA PHE D 293 6.66 27.17 -4.59
C PHE D 293 8.00 26.45 -4.64
N SER D 294 9.01 26.92 -3.91
CA SER D 294 10.28 26.21 -3.86
C SER D 294 10.27 25.03 -2.90
N ASP D 295 9.28 24.96 -2.01
CA ASP D 295 9.13 23.83 -1.11
C ASP D 295 8.25 22.79 -1.76
N ARG D 296 8.72 21.53 -1.76
CA ARG D 296 7.99 20.47 -2.45
C ARG D 296 6.65 20.19 -1.78
N SER D 297 6.61 20.15 -0.45
CA SER D 297 5.35 19.88 0.24
C SER D 297 4.30 20.90 -0.15
N PHE D 298 4.69 22.17 -0.29
CA PHE D 298 3.74 23.19 -0.69
C PHE D 298 3.40 23.07 -2.17
N ALA D 299 4.40 22.70 -2.99
CA ALA D 299 4.13 22.51 -4.41
C ALA D 299 3.10 21.41 -4.64
N GLN D 300 3.19 20.31 -3.89
CA GLN D 300 2.21 19.24 -4.00
C GLN D 300 0.84 19.72 -3.56
N PHE D 301 0.78 20.45 -2.44
CA PHE D 301 -0.49 20.95 -1.93
C PHE D 301 -1.18 21.83 -2.97
N SER D 302 -0.49 22.88 -3.42
CA SER D 302 -1.08 23.78 -4.40
C SER D 302 -1.46 23.05 -5.68
N GLN D 303 -0.72 21.99 -6.02
CA GLN D 303 -1.02 21.24 -7.24
C GLN D 303 -2.38 20.53 -7.11
N GLU D 304 -2.67 19.98 -5.94
CA GLU D 304 -3.94 19.30 -5.73
C GLU D 304 -5.12 20.26 -5.92
N ILE D 305 -4.93 21.54 -5.58
CA ILE D 305 -5.98 22.51 -5.81
C ILE D 305 -6.24 22.66 -7.30
N GLY D 306 -5.18 22.82 -8.09
CA GLY D 306 -5.35 22.88 -9.53
C GLY D 306 -5.96 21.61 -10.07
N LEU D 307 -5.44 20.46 -9.63
CA LEU D 307 -5.98 19.18 -10.07
C LEU D 307 -7.47 19.07 -9.73
N ALA D 308 -7.89 19.65 -8.61
CA ALA D 308 -9.29 19.57 -8.21
C ALA D 308 -10.20 20.43 -9.08
N SER D 309 -9.64 21.39 -9.82
CA SER D 309 -10.45 22.31 -10.61
C SER D 309 -10.72 21.80 -12.02
N LEU D 310 -9.96 20.82 -12.51
CA LEU D 310 -10.13 20.32 -13.86
C LEU D 310 -11.50 19.70 -14.03
N GLY D 311 -12.35 20.34 -14.85
CA GLY D 311 -13.67 19.83 -15.11
C GLY D 311 -14.68 20.07 -14.01
N ALA D 312 -14.37 20.92 -13.04
CA ALA D 312 -15.29 21.19 -11.95
C ALA D 312 -16.31 22.24 -12.37
N PRO D 313 -17.57 22.12 -11.93
CA PRO D 313 -18.56 23.15 -12.27
C PRO D 313 -18.19 24.50 -11.69
N ASP D 314 -18.84 25.55 -12.20
CA ASP D 314 -18.56 26.90 -11.74
C ASP D 314 -18.81 27.03 -10.23
N GLU D 315 -19.78 26.31 -9.70
CA GLU D 315 -20.08 26.40 -8.28
C GLU D 315 -18.89 25.95 -7.43
N TYR D 316 -18.17 24.92 -7.88
CA TYR D 316 -17.02 24.41 -7.14
C TYR D 316 -15.73 25.12 -7.49
N ILE D 317 -15.69 25.90 -8.57
CA ILE D 317 -14.52 26.73 -8.84
C ILE D 317 -14.43 27.86 -7.82
N GLU D 318 -15.55 28.52 -7.55
CA GLU D 318 -15.56 29.58 -6.53
C GLU D 318 -15.18 29.01 -5.18
N LYS D 319 -15.64 27.80 -4.85
CA LYS D 319 -15.24 27.17 -3.60
C LYS D 319 -13.74 26.95 -3.55
N LEU D 320 -13.14 26.54 -4.68
CA LEU D 320 -11.69 26.38 -4.71
C LEU D 320 -11.00 27.74 -4.64
N ALA D 321 -11.59 28.77 -5.25
CA ALA D 321 -11.01 30.10 -5.16
C ALA D 321 -11.06 30.63 -3.74
N THR D 322 -12.09 30.27 -2.98
CA THR D 322 -12.16 30.69 -1.58
C THR D 322 -11.13 29.95 -0.74
N ILE D 323 -10.99 28.64 -0.97
CA ILE D 323 -9.98 27.86 -0.26
C ILE D 323 -8.59 28.40 -0.58
N TYR D 324 -8.31 28.61 -1.87
CA TYR D 324 -7.04 29.20 -2.27
C TYR D 324 -6.79 30.51 -1.54
N TRP D 325 -7.85 31.29 -1.33
CA TRP D 325 -7.70 32.59 -0.68
C TRP D 325 -7.21 32.42 0.75
N PHE D 326 -7.84 31.53 1.51
CA PHE D 326 -7.53 31.36 2.92
C PHE D 326 -6.36 30.41 3.18
N THR D 327 -5.77 29.83 2.13
CA THR D 327 -4.61 28.96 2.28
C THR D 327 -3.38 29.54 1.62
N VAL D 328 -3.43 29.83 0.31
CA VAL D 328 -2.26 30.27 -0.42
C VAL D 328 -2.05 31.77 -0.30
N GLU D 329 -3.13 32.55 -0.36
CA GLU D 329 -3.03 33.99 -0.30
C GLU D 329 -3.02 34.52 1.13
N PHE D 330 -3.89 33.99 1.99
CA PHE D 330 -4.07 34.53 3.33
C PHE D 330 -4.19 33.38 4.33
N GLY D 331 -3.32 32.39 4.22
CA GLY D 331 -3.36 31.22 5.08
C GLY D 331 -2.27 31.23 6.14
N LEU D 332 -2.62 30.76 7.33
CA LEU D 332 -1.69 30.60 8.43
C LEU D 332 -1.50 29.12 8.74
N CYS D 333 -0.36 28.81 9.36
CA CYS D 333 0.00 27.43 9.65
C CYS D 333 0.57 27.34 11.06
N LYS D 334 0.40 26.18 11.67
CA LYS D 334 0.93 25.94 13.01
C LYS D 334 2.40 25.54 12.93
N GLN D 335 3.23 26.20 13.73
CA GLN D 335 4.67 25.92 13.81
C GLN D 335 4.99 25.73 15.28
N GLY D 336 4.88 24.50 15.75
CA GLY D 336 5.12 24.21 17.15
C GLY D 336 4.02 24.79 18.02
N ASP D 337 4.43 25.38 19.15
CA ASP D 337 3.49 26.02 20.06
C ASP D 337 3.07 27.41 19.62
N SER D 338 3.60 27.90 18.51
CA SER D 338 3.32 29.24 18.02
C SER D 338 2.68 29.18 16.64
N ILE D 339 2.22 30.33 16.17
CA ILE D 339 1.55 30.45 14.87
C ILE D 339 2.33 31.43 14.01
N LYS D 340 2.46 31.12 12.72
CA LYS D 340 3.10 32.00 11.77
C LYS D 340 2.28 32.00 10.47
N ALA D 341 2.67 32.87 9.56
CA ALA D 341 1.96 33.09 8.31
C ALA D 341 2.77 32.57 7.13
N TYR D 342 2.06 32.03 6.13
CA TYR D 342 2.69 31.56 4.91
C TYR D 342 1.97 32.04 3.65
N GLY D 343 0.86 32.75 3.79
CA GLY D 343 0.15 33.22 2.62
C GLY D 343 0.89 34.33 1.90
N ALA D 344 0.77 34.33 0.57
CA ALA D 344 1.47 35.32 -0.24
C ALA D 344 0.94 36.73 0.01
N GLY D 345 -0.36 36.86 0.24
CA GLY D 345 -0.93 38.17 0.50
C GLY D 345 -0.35 38.82 1.75
N LEU D 346 0.07 38.02 2.72
CA LEU D 346 0.66 38.56 3.94
C LEU D 346 2.15 38.86 3.75
N LEU D 347 2.87 37.94 3.12
CA LEU D 347 4.32 38.09 2.97
C LEU D 347 4.69 39.25 2.06
N SER D 348 3.75 39.75 1.26
CA SER D 348 4.00 40.90 0.39
C SER D 348 3.32 42.17 0.90
N SER D 349 2.52 42.08 1.97
CA SER D 349 1.86 43.24 2.55
C SER D 349 2.48 43.55 3.91
N PHE D 350 2.87 44.80 4.11
CA PHE D 350 3.53 45.20 5.35
C PHE D 350 2.53 45.33 6.49
N GLY D 351 1.31 45.76 6.21
CA GLY D 351 0.33 45.97 7.26
C GLY D 351 -0.31 44.68 7.74
N GLU D 352 -0.76 43.85 6.81
CA GLU D 352 -1.43 42.61 7.22
C GLU D 352 -0.46 41.64 7.88
N LEU D 353 0.81 41.66 7.46
CA LEU D 353 1.79 40.74 8.04
C LEU D 353 1.91 40.94 9.55
N GLN D 354 1.71 42.17 10.03
CA GLN D 354 1.69 42.44 11.47
C GLN D 354 0.30 42.29 12.07
N TYR D 355 -0.75 42.55 11.29
CA TYR D 355 -2.10 42.54 11.83
C TYR D 355 -2.61 41.14 12.12
N CYS D 356 -2.20 40.14 11.31
CA CYS D 356 -2.75 38.80 11.48
C CYS D 356 -2.22 38.12 12.74
N LEU D 357 -1.03 38.51 13.20
CA LEU D 357 -0.46 37.96 14.43
C LEU D 357 -0.78 38.78 15.66
N SER D 358 -1.52 39.89 15.52
CA SER D 358 -1.82 40.77 16.63
C SER D 358 -3.03 40.32 17.45
N GLU D 359 -3.47 39.08 17.33
CA GLU D 359 -4.57 38.52 18.10
C GLU D 359 -5.89 39.26 17.87
N LYS D 360 -5.96 40.17 16.91
CA LYS D 360 -7.18 40.91 16.66
C LYS D 360 -8.18 40.05 15.90
N PRO D 361 -7.78 39.39 14.80
CA PRO D 361 -8.73 38.56 14.06
C PRO D 361 -8.99 37.24 14.76
N LYS D 362 -10.09 36.60 14.36
CA LYS D 362 -10.50 35.32 14.93
C LYS D 362 -9.97 34.20 14.06
N LEU D 363 -9.40 33.18 14.70
CA LEU D 363 -8.78 32.06 14.00
C LEU D 363 -9.61 30.80 14.21
N LEU D 364 -9.80 30.06 13.12
CA LEU D 364 -10.53 28.80 13.12
C LEU D 364 -9.68 27.72 12.47
N PRO D 365 -9.92 26.46 12.81
CA PRO D 365 -9.21 25.37 12.13
C PRO D 365 -9.68 25.21 10.69
N LEU D 366 -8.77 24.77 9.84
CA LEU D 366 -9.08 24.64 8.42
C LEU D 366 -10.02 23.46 8.21
N GLU D 367 -11.23 23.75 7.77
CA GLU D 367 -12.24 22.73 7.47
C GLU D 367 -12.98 23.15 6.22
N LEU D 368 -12.92 22.30 5.19
CA LEU D 368 -13.40 22.70 3.87
C LEU D 368 -14.86 23.12 3.91
N GLU D 369 -15.68 22.43 4.69
CA GLU D 369 -17.11 22.78 4.76
C GLU D 369 -17.31 24.18 5.30
N LYS D 370 -16.39 24.68 6.12
CA LYS D 370 -16.50 26.02 6.67
C LYS D 370 -15.75 27.06 5.85
N THR D 371 -14.53 26.75 5.39
CA THR D 371 -13.74 27.72 4.65
C THR D 371 -14.22 27.88 3.21
N ALA D 372 -14.70 26.81 2.59
CA ALA D 372 -15.07 26.87 1.17
C ALA D 372 -16.17 27.89 0.92
N ILE D 373 -17.07 28.09 1.88
CA ILE D 373 -18.21 29.00 1.70
C ILE D 373 -18.03 30.33 2.42
N GLN D 374 -17.01 30.47 3.27
CA GLN D 374 -16.84 31.69 4.03
C GLN D 374 -16.63 32.88 3.09
N ASN D 375 -17.38 33.95 3.32
CA ASN D 375 -17.21 35.17 2.55
C ASN D 375 -16.04 35.99 3.08
N TYR D 376 -15.43 36.77 2.19
CA TYR D 376 -14.26 37.55 2.55
C TYR D 376 -14.21 38.81 1.67
N THR D 377 -13.32 39.71 2.04
CA THR D 377 -13.10 40.95 1.31
C THR D 377 -11.65 41.04 0.86
N VAL D 378 -11.41 41.88 -0.14
CA VAL D 378 -10.07 42.07 -0.69
C VAL D 378 -9.53 43.46 -0.41
N THR D 379 -10.38 44.44 -0.09
CA THR D 379 -9.91 45.80 0.11
C THR D 379 -9.26 45.95 1.49
N GLU D 380 -10.01 45.68 2.54
CA GLU D 380 -9.52 45.81 3.90
C GLU D 380 -8.86 44.52 4.36
N PHE D 381 -8.17 44.60 5.50
CA PHE D 381 -7.57 43.42 6.09
C PHE D 381 -8.62 42.34 6.32
N GLN D 382 -8.16 41.11 6.50
CA GLN D 382 -9.08 39.99 6.66
C GLN D 382 -9.59 39.95 8.10
N PRO D 383 -10.91 39.87 8.32
CA PRO D 383 -11.42 39.76 9.69
C PRO D 383 -11.02 38.46 10.38
N LEU D 384 -10.86 37.38 9.63
CA LEU D 384 -10.55 36.07 10.21
C LEU D 384 -9.47 35.40 9.38
N TYR D 385 -8.85 34.38 9.98
CA TYR D 385 -7.84 33.58 9.30
C TYR D 385 -8.04 32.12 9.65
N TYR D 386 -7.73 31.25 8.70
CA TYR D 386 -7.83 29.80 8.89
C TYR D 386 -6.43 29.23 9.09
N VAL D 387 -6.29 28.39 10.11
CA VAL D 387 -5.00 27.83 10.48
C VAL D 387 -4.93 26.38 10.03
N ALA D 388 -3.92 26.06 9.22
CA ALA D 388 -3.66 24.69 8.78
C ALA D 388 -2.61 24.06 9.66
N GLU D 389 -2.79 22.78 9.98
CA GLU D 389 -1.81 22.08 10.79
C GLU D 389 -0.45 22.00 10.09
N SER D 390 -0.45 21.74 8.79
CA SER D 390 0.77 21.62 8.02
C SER D 390 0.40 21.60 6.54
N PHE D 391 1.44 21.60 5.68
CA PHE D 391 1.19 21.52 4.25
C PHE D 391 0.70 20.13 3.86
N ASN D 392 1.31 19.08 4.43
CA ASN D 392 0.84 17.73 4.17
C ASN D 392 -0.57 17.52 4.70
N ASP D 393 -0.93 18.19 5.79
CA ASP D 393 -2.27 18.06 6.34
C ASP D 393 -3.29 18.75 5.45
N ALA D 394 -2.98 19.95 4.96
CA ALA D 394 -3.89 20.65 4.07
C ALA D 394 -4.03 19.94 2.72
N LYS D 395 -2.95 19.30 2.26
CA LYS D 395 -3.00 18.60 0.98
C LYS D 395 -4.04 17.49 0.99
N GLU D 396 -4.02 16.64 2.02
CA GLU D 396 -4.94 15.52 2.06
C GLU D 396 -6.39 15.97 2.20
N LYS D 397 -6.62 17.14 2.82
CA LYS D 397 -7.98 17.66 2.91
C LYS D 397 -8.52 17.99 1.53
N VAL D 398 -7.66 18.50 0.64
CA VAL D 398 -8.08 18.79 -0.73
C VAL D 398 -8.38 17.50 -1.47
N ARG D 399 -7.55 16.48 -1.29
CA ARG D 399 -7.79 15.19 -1.95
C ARG D 399 -9.15 14.63 -1.54
N ASN D 400 -9.45 14.65 -0.24
CA ASN D 400 -10.77 14.23 0.21
C ASN D 400 -11.85 15.11 -0.41
N PHE D 401 -11.59 16.41 -0.49
CA PHE D 401 -12.52 17.32 -1.14
C PHE D 401 -12.57 17.09 -2.65
N ALA D 402 -11.47 16.64 -3.25
CA ALA D 402 -11.46 16.40 -4.69
C ALA D 402 -12.55 15.41 -5.08
N ALA D 403 -12.92 14.51 -4.18
CA ALA D 403 -13.97 13.54 -4.46
C ALA D 403 -15.35 14.20 -4.49
N THR D 404 -15.55 15.25 -3.69
CA THR D 404 -16.85 15.89 -3.59
C THR D 404 -17.24 16.64 -4.86
N ILE D 405 -16.28 17.00 -5.71
CA ILE D 405 -16.58 17.70 -6.94
C ILE D 405 -17.22 16.71 -7.90
N PRO D 406 -18.44 16.95 -8.41
CA PRO D 406 -19.03 15.98 -9.34
C PRO D 406 -18.29 15.95 -10.65
N ARG D 407 -17.59 14.85 -10.91
CA ARG D 407 -16.84 14.65 -12.13
C ARG D 407 -16.97 13.19 -12.55
N PRO D 408 -17.09 12.92 -13.85
CA PRO D 408 -17.21 11.52 -14.30
C PRO D 408 -15.87 10.80 -14.39
N PHE D 409 -14.84 11.36 -13.74
CA PHE D 409 -13.51 10.77 -13.83
C PHE D 409 -12.64 11.32 -12.71
N SER D 410 -11.50 10.66 -12.50
CA SER D 410 -10.45 11.14 -11.64
C SER D 410 -9.26 11.58 -12.50
N VAL D 411 -8.36 12.35 -11.90
CA VAL D 411 -7.25 12.96 -12.63
C VAL D 411 -5.95 12.72 -11.87
N ARG D 412 -4.87 12.51 -12.62
CA ARG D 412 -3.52 12.44 -12.06
C ARG D 412 -2.57 13.02 -13.10
N TYR D 413 -1.52 13.68 -12.63
CA TYR D 413 -0.55 14.34 -13.50
C TYR D 413 0.65 13.44 -13.76
N ASP D 414 1.06 13.36 -15.02
CA ASP D 414 2.23 12.58 -15.42
C ASP D 414 3.37 13.53 -15.76
N PRO D 415 4.34 13.74 -14.86
CA PRO D 415 5.44 14.66 -15.19
C PRO D 415 6.32 14.16 -16.32
N TYR D 416 6.35 12.86 -16.60
CA TYR D 416 7.16 12.35 -17.70
C TYR D 416 6.67 12.89 -19.03
N THR D 417 5.38 12.73 -19.31
CA THR D 417 4.78 13.23 -20.54
C THR D 417 4.10 14.58 -20.37
N GLN D 418 3.95 15.04 -19.14
CA GLN D 418 3.36 16.36 -18.85
C GLN D 418 1.96 16.50 -19.41
N ARG D 419 1.14 15.46 -19.26
CA ARG D 419 -0.27 15.52 -19.60
C ARG D 419 -1.07 14.87 -18.46
N ILE D 420 -2.38 15.13 -18.48
CA ILE D 420 -3.30 14.63 -17.46
C ILE D 420 -3.87 13.28 -17.88
N GLU D 421 -3.99 12.37 -16.91
CA GLU D 421 -4.57 11.05 -17.13
C GLU D 421 -5.99 11.05 -16.58
N VAL D 422 -6.97 10.96 -17.47
CA VAL D 422 -8.37 10.80 -17.11
C VAL D 422 -8.67 9.33 -16.82
N LEU D 423 -9.42 9.09 -15.74
CA LEU D 423 -9.75 7.74 -15.29
C LEU D 423 -11.27 7.70 -15.20
N ASP D 424 -11.92 7.18 -16.24
CA ASP D 424 -13.36 6.96 -16.25
C ASP D 424 -13.77 5.50 -16.25
N ASN D 425 -13.01 4.61 -16.87
CA ASN D 425 -13.38 3.22 -17.00
C ASN D 425 -12.78 2.34 -15.92
N THR D 426 -13.54 1.31 -15.54
CA THR D 426 -13.13 0.42 -14.46
C THR D 426 -11.83 -0.30 -14.76
N GLN D 427 -11.52 -0.51 -16.05
CA GLN D 427 -10.33 -1.27 -16.40
C GLN D 427 -9.06 -0.53 -16.00
N GLN D 428 -9.11 0.81 -15.97
CA GLN D 428 -7.96 1.61 -15.61
C GLN D 428 -7.58 1.46 -14.15
N LEU D 429 -8.52 1.05 -13.29
CA LEU D 429 -8.25 0.93 -11.86
C LEU D 429 -7.66 -0.42 -11.49
N LYS D 430 -8.04 -1.50 -12.18
CA LYS D 430 -7.44 -2.80 -11.89
C LYS D 430 -5.96 -2.77 -12.16
N ILE D 431 -5.54 -2.08 -13.23
CA ILE D 431 -4.12 -1.95 -13.53
C ILE D 431 -3.46 -1.05 -12.50
N LEU D 432 -4.16 0.00 -12.07
CA LEU D 432 -3.61 0.90 -11.06
C LEU D 432 -3.41 0.18 -9.72
N ALA D 433 -4.19 -0.88 -9.48
CA ALA D 433 -4.01 -1.65 -8.25
C ALA D 433 -2.77 -2.52 -8.33
N ASP D 434 -2.43 -3.03 -9.51
CA ASP D 434 -1.24 -3.84 -9.67
C ASP D 434 0.02 -3.02 -9.39
N SER D 435 0.09 -1.82 -9.97
CA SER D 435 1.26 -0.97 -9.76
C SER D 435 1.45 -0.58 -8.31
N ILE D 436 0.38 -0.62 -7.50
CA ILE D 436 0.51 -0.26 -6.10
C ILE D 436 0.97 -1.46 -5.27
N ASN D 437 0.27 -2.59 -5.41
CA ASN D 437 0.66 -3.78 -4.67
C ASN D 437 2.10 -4.15 -4.97
N SER D 438 2.53 -3.95 -6.22
CA SER D 438 3.91 -4.20 -6.61
C SER D 438 4.85 -3.15 -6.03
N GLU D 439 4.38 -1.91 -5.91
CA GLU D 439 5.20 -0.83 -5.36
C GLU D 439 5.52 -1.02 -3.89
N ILE D 440 4.98 -2.04 -3.24
CA ILE D 440 5.30 -2.31 -1.83
C ILE D 440 6.57 -3.14 -1.84
N GLY D 441 7.70 -2.46 -1.98
CA GLY D 441 8.99 -3.10 -1.87
C GLY D 441 9.41 -3.18 -0.42
N ILE D 442 9.30 -4.37 0.18
CA ILE D 442 9.66 -4.56 1.58
C ILE D 442 11.16 -4.90 1.60
N LEU D 443 11.98 -3.85 1.72
CA LEU D 443 13.43 -4.05 1.81
C LEU D 443 13.82 -4.48 3.21
N CYS D 444 13.30 -3.80 4.23
CA CYS D 444 13.50 -4.18 5.63
C CYS D 444 14.97 -4.33 5.99
N SER D 445 15.86 -3.82 5.14
CA SER D 445 17.31 -3.92 5.34
C SER D 445 17.80 -5.31 4.95
CL CL E . -1.34 -12.88 9.87
FE FE F . 1.15 -35.08 3.21
CL CL G . -9.91 -6.51 11.71
FE FE H . -20.05 -0.22 31.80
CL CL I . 6.27 6.18 -14.21
FE FE J . 20.91 -1.80 -29.71
CL CL K . 6.41 14.26 -6.26
FE FE L . -1.53 36.16 -5.70
#